data_6MX2
#
_entry.id   6MX2
#
_cell.length_a   97.328
_cell.length_b   97.372
_cell.length_c   106.494
_cell.angle_alpha   113.150
_cell.angle_beta   104.560
_cell.angle_gamma   103.210
#
_symmetry.space_group_name_H-M   'P 1'
#
loop_
_entity.id
_entity.type
_entity.pdbx_description
1 polymer 'ATP-dependent Clp protease proteolytic subunit'
2 non-polymer 'SODIUM ION'
3 non-polymer GLYCEROL
4 water water
#
_entity_poly.entity_id   1
_entity_poly.type   'polypeptide(L)'
_entity_poly.pdbx_seq_one_letter_code
;MALVPVVVEQTGRGERSYDIFSRLLKDRIIFLGDQVNDATAGLIVAQLLFLEAEDPDKDIHLYINSPGGSITSGMAIYDT
MQYIKPDVSTICIGMAASMGAFLLAAGAKGKRLALPNSEIMIHQPLGGAQGQATDIEIHAKRILKIKETLNEILSERTGQ
PLEKIKMDTERDNFMSALEAKEYGLIDEVFTKRP
;
_entity_poly.pdbx_strand_id   A,B,C,D,E,F,G,H,I,J,K,L,M,N
#
# COMPACT_ATOMS: atom_id res chain seq x y z
N VAL A 4 -17.32 15.78 21.41
CA VAL A 4 -17.25 15.95 22.86
C VAL A 4 -18.32 16.94 23.32
N PRO A 5 -19.09 16.56 24.34
CA PRO A 5 -20.16 17.44 24.81
C PRO A 5 -19.61 18.67 25.54
N VAL A 6 -20.34 19.77 25.43
CA VAL A 6 -19.96 21.03 26.05
C VAL A 6 -21.00 21.40 27.09
N VAL A 7 -20.57 22.21 28.06
CA VAL A 7 -21.45 22.67 29.13
C VAL A 7 -21.27 24.17 29.34
N ARG A 16 -18.18 30.01 30.55
CA ARG A 16 -19.60 30.01 30.20
C ARG A 16 -19.94 28.85 29.27
N SER A 17 -18.89 28.22 28.71
CA SER A 17 -19.07 27.13 27.76
C SER A 17 -17.87 26.17 27.89
N TYR A 18 -17.84 25.42 29.00
CA TYR A 18 -16.82 24.42 29.20
C TYR A 18 -17.06 23.21 28.30
N ASP A 19 -16.10 22.29 28.29
CA ASP A 19 -16.32 20.96 27.80
C ASP A 19 -16.56 20.03 28.98
N ILE A 20 -17.13 18.85 28.69
CA ILE A 20 -17.60 17.97 29.76
C ILE A 20 -16.44 17.53 30.66
N PHE A 21 -15.24 17.36 30.11
CA PHE A 21 -14.11 16.94 30.92
C PHE A 21 -13.49 18.08 31.71
N SER A 22 -13.65 19.31 31.23
CA SER A 22 -13.17 20.46 32.00
C SER A 22 -14.17 20.91 33.05
N ARG A 23 -15.47 20.70 32.79
CA ARG A 23 -16.47 20.96 33.81
C ARG A 23 -16.25 20.08 35.02
N LEU A 24 -15.88 18.81 34.81
CA LEU A 24 -15.60 17.92 35.92
C LEU A 24 -14.25 18.22 36.56
N LEU A 25 -13.33 18.82 35.80
CA LEU A 25 -12.06 19.25 36.38
C LEU A 25 -12.27 20.30 37.46
N LYS A 26 -13.37 21.07 37.36
CA LYS A 26 -13.70 22.01 38.42
C LYS A 26 -14.06 21.30 39.72
N ASP A 27 -14.61 20.09 39.64
CA ASP A 27 -14.87 19.25 40.80
C ASP A 27 -13.66 18.41 41.18
N ARG A 28 -12.46 18.79 40.72
CA ARG A 28 -11.22 18.09 41.03
C ARG A 28 -11.25 16.64 40.57
N ILE A 29 -11.90 16.38 39.44
CA ILE A 29 -11.99 15.06 38.85
C ILE A 29 -11.11 15.04 37.60
N ILE A 30 -10.22 14.04 37.52
CA ILE A 30 -9.36 13.84 36.36
C ILE A 30 -9.62 12.43 35.84
N PHE A 31 -9.58 12.27 34.52
CA PHE A 31 -9.85 10.99 33.88
C PHE A 31 -8.60 10.49 33.17
N LEU A 32 -8.22 9.25 33.47
CA LEU A 32 -7.20 8.52 32.72
C LEU A 32 -7.91 7.35 32.06
N GLY A 33 -8.64 7.64 30.98
CA GLY A 33 -9.42 6.63 30.30
C GLY A 33 -8.83 6.26 28.95
N ASP A 34 -7.50 6.26 28.87
CA ASP A 34 -6.79 6.00 27.62
C ASP A 34 -5.49 5.30 27.96
N GLN A 35 -4.74 4.96 26.92
CA GLN A 35 -3.42 4.35 27.10
C GLN A 35 -2.47 5.35 27.77
N VAL A 36 -1.55 4.82 28.55
CA VAL A 36 -0.53 5.64 29.21
C VAL A 36 0.59 5.91 28.21
N ASN A 37 0.77 7.19 27.86
CA ASN A 37 1.85 7.60 26.98
C ASN A 37 2.20 9.05 27.29
N ASP A 38 3.20 9.57 26.58
CA ASP A 38 3.66 10.93 26.86
C ASP A 38 2.56 11.96 26.66
N ALA A 39 1.62 11.70 25.76
CA ALA A 39 0.54 12.65 25.51
C ALA A 39 -0.44 12.68 26.67
N THR A 40 -0.93 11.50 27.08
CA THR A 40 -1.91 11.45 28.16
C THR A 40 -1.27 11.78 29.50
N ALA A 41 -0.08 11.22 29.78
CA ALA A 41 0.60 11.51 31.03
C ALA A 41 0.92 13.00 31.15
N GLY A 42 1.19 13.67 30.03
CA GLY A 42 1.40 15.10 30.08
C GLY A 42 0.16 15.85 30.53
N LEU A 43 -1.01 15.41 30.04
CA LEU A 43 -2.26 16.05 30.47
C LEU A 43 -2.56 15.75 31.93
N ILE A 44 -2.34 14.49 32.35
CA ILE A 44 -2.58 14.13 33.75
C ILE A 44 -1.70 14.96 34.68
N VAL A 45 -0.39 15.01 34.38
CA VAL A 45 0.53 15.81 35.18
C VAL A 45 0.10 17.26 35.21
N ALA A 46 -0.29 17.81 34.06
CA ALA A 46 -0.73 19.20 34.01
C ALA A 46 -1.99 19.42 34.82
N GLN A 47 -2.92 18.46 34.78
CA GLN A 47 -4.12 18.58 35.59
C GLN A 47 -3.80 18.42 37.07
N LEU A 48 -2.91 17.49 37.41
CA LEU A 48 -2.53 17.29 38.80
C LEU A 48 -1.86 18.53 39.38
N LEU A 49 -0.92 19.12 38.63
CA LEU A 49 -0.24 20.32 39.12
C LEU A 49 -1.20 21.48 39.23
N PHE A 50 -2.13 21.61 38.29
CA PHE A 50 -3.07 22.72 38.31
C PHE A 50 -4.02 22.62 39.50
N LEU A 51 -4.55 21.43 39.77
CA LEU A 51 -5.46 21.26 40.89
C LEU A 51 -4.76 21.49 42.22
N GLU A 52 -3.45 21.25 42.28
CA GLU A 52 -2.70 21.57 43.49
C GLU A 52 -2.57 23.08 43.68
N ALA A 53 -2.31 23.81 42.59
CA ALA A 53 -2.20 25.26 42.67
C ALA A 53 -3.55 25.89 43.04
N GLU A 54 -4.66 25.27 42.65
CA GLU A 54 -5.97 25.78 43.01
C GLU A 54 -6.23 25.58 44.51
N ASP A 55 -6.04 24.36 45.00
CA ASP A 55 -6.22 24.04 46.41
C ASP A 55 -5.27 22.91 46.78
N PRO A 56 -4.23 23.18 47.57
CA PRO A 56 -3.23 22.15 47.88
C PRO A 56 -3.68 21.12 48.91
N ASP A 57 -4.90 21.25 49.44
CA ASP A 57 -5.38 20.33 50.47
C ASP A 57 -6.59 19.53 50.08
N LYS A 58 -7.41 20.03 49.15
CA LYS A 58 -8.57 19.27 48.70
C LYS A 58 -8.13 18.04 47.89
N ASP A 59 -8.86 16.95 48.04
CA ASP A 59 -8.49 15.70 47.41
C ASP A 59 -8.59 15.78 45.89
N ILE A 60 -7.88 14.89 45.21
CA ILE A 60 -7.97 14.70 43.77
C ILE A 60 -8.65 13.36 43.52
N HIS A 61 -9.57 13.33 42.56
CA HIS A 61 -10.27 12.11 42.18
C HIS A 61 -9.86 11.77 40.75
N LEU A 62 -9.02 10.74 40.61
CA LEU A 62 -8.50 10.30 39.34
C LEU A 62 -9.18 8.98 38.99
N TYR A 63 -10.13 9.04 38.05
CA TYR A 63 -10.73 7.83 37.50
C TYR A 63 -9.77 7.18 36.53
N ILE A 64 -9.62 5.86 36.63
CA ILE A 64 -8.66 5.11 35.83
C ILE A 64 -9.42 4.05 35.05
N ASN A 65 -9.34 4.12 33.72
CA ASN A 65 -9.81 3.08 32.80
C ASN A 65 -8.74 2.96 31.72
N SER A 66 -7.65 2.27 32.05
CA SER A 66 -6.46 2.25 31.21
C SER A 66 -5.86 0.85 31.13
N PRO A 67 -5.41 0.44 29.95
CA PRO A 67 -4.68 -0.83 29.82
C PRO A 67 -3.18 -0.73 30.07
N GLY A 68 -2.68 0.43 30.51
CA GLY A 68 -1.27 0.60 30.74
C GLY A 68 -0.59 1.36 29.61
N GLY A 69 0.69 1.10 29.41
CA GLY A 69 1.41 1.72 28.32
C GLY A 69 2.87 1.94 28.70
N SER A 70 3.41 3.08 28.29
CA SER A 70 4.81 3.39 28.53
C SER A 70 5.10 3.49 30.01
N ILE A 71 6.18 2.82 30.44
CA ILE A 71 6.53 2.80 31.86
C ILE A 71 7.00 4.18 32.32
N THR A 72 7.86 4.81 31.52
CA THR A 72 8.37 6.13 31.90
C THR A 72 7.25 7.17 31.94
N SER A 73 6.32 7.11 30.98
CA SER A 73 5.16 7.97 31.04
C SER A 73 4.36 7.73 32.32
N GLY A 74 4.23 6.47 32.72
CA GLY A 74 3.48 6.16 33.93
C GLY A 74 4.18 6.63 35.19
N MET A 75 5.51 6.47 35.24
CA MET A 75 6.25 6.93 36.42
C MET A 75 6.19 8.43 36.55
N ALA A 76 5.99 9.16 35.44
CA ALA A 76 5.75 10.58 35.53
C ALA A 76 4.45 10.87 36.25
N ILE A 77 3.41 10.08 35.99
CA ILE A 77 2.16 10.22 36.72
C ILE A 77 2.35 9.83 38.18
N TYR A 78 3.01 8.70 38.42
CA TYR A 78 3.22 8.21 39.78
C TYR A 78 3.93 9.25 40.64
N ASP A 79 5.11 9.68 40.21
CA ASP A 79 5.92 10.60 41.02
C ASP A 79 5.19 11.92 41.25
N THR A 80 4.45 12.40 40.25
CA THR A 80 3.68 13.62 40.43
C THR A 80 2.58 13.45 41.47
N MET A 81 1.95 12.27 41.47
CA MET A 81 0.93 12.00 42.49
C MET A 81 1.51 12.07 43.90
N GLN A 82 2.72 11.54 44.09
CA GLN A 82 3.36 11.62 45.39
C GLN A 82 4.00 12.98 45.64
N TYR A 83 4.38 13.70 44.57
CA TYR A 83 5.05 14.98 44.74
C TYR A 83 4.08 16.06 45.20
N ILE A 84 2.86 16.05 44.71
CA ILE A 84 1.90 17.10 45.03
C ILE A 84 1.34 16.88 46.42
N LYS A 85 1.02 17.99 47.09
CA LYS A 85 0.45 17.94 48.43
C LYS A 85 -0.89 17.23 48.49
N PRO A 86 -1.86 17.48 47.60
CA PRO A 86 -3.19 16.88 47.77
C PRO A 86 -3.16 15.35 47.70
N ASP A 87 -3.99 14.73 48.52
CA ASP A 87 -4.23 13.29 48.40
C ASP A 87 -4.87 13.00 47.05
N VAL A 88 -4.35 12.00 46.35
CA VAL A 88 -4.84 11.61 45.03
C VAL A 88 -5.60 10.31 45.19
N SER A 89 -6.93 10.42 45.30
CA SER A 89 -7.78 9.22 45.34
C SER A 89 -7.95 8.66 43.94
N THR A 90 -7.84 7.35 43.81
CA THR A 90 -7.93 6.67 42.53
C THR A 90 -9.16 5.76 42.53
N ILE A 91 -9.96 5.87 41.47
CA ILE A 91 -11.16 5.05 41.29
C ILE A 91 -11.00 4.26 40.01
N CYS A 92 -11.09 2.94 40.11
CA CYS A 92 -11.02 2.08 38.94
C CYS A 92 -12.42 1.89 38.37
N ILE A 93 -12.58 2.19 37.08
CA ILE A 93 -13.78 1.87 36.33
C ILE A 93 -13.35 1.12 35.08
N GLY A 94 -14.07 0.05 34.75
CA GLY A 94 -13.75 -0.74 33.58
C GLY A 94 -12.54 -1.63 33.77
N MET A 95 -11.34 -1.08 33.61
CA MET A 95 -10.13 -1.89 33.69
C MET A 95 -8.94 -1.02 34.08
N ALA A 96 -8.09 -1.56 34.94
CA ALA A 96 -6.80 -0.97 35.27
C ALA A 96 -5.76 -2.08 35.20
N ALA A 97 -4.98 -2.09 34.12
CA ALA A 97 -4.03 -3.16 33.85
C ALA A 97 -2.63 -2.60 33.69
N SER A 98 -1.64 -3.32 34.21
CA SER A 98 -0.21 -2.98 34.10
C SER A 98 -0.02 -1.58 34.67
N MET A 99 0.56 -0.63 33.92
CA MET A 99 0.78 0.72 34.45
C MET A 99 -0.52 1.38 34.88
N GLY A 100 -1.66 0.92 34.35
CA GLY A 100 -2.94 1.39 34.88
C GLY A 100 -3.20 0.89 36.29
N ALA A 101 -2.93 -0.40 36.52
CA ALA A 101 -3.11 -0.95 37.86
C ALA A 101 -2.06 -0.41 38.83
N PHE A 102 -0.85 -0.16 38.34
CA PHE A 102 0.19 0.41 39.20
C PHE A 102 -0.23 1.78 39.71
N LEU A 103 -0.70 2.66 38.82
CA LEU A 103 -1.18 3.97 39.25
C LEU A 103 -2.42 3.86 40.12
N LEU A 104 -3.19 2.78 39.98
CA LEU A 104 -4.34 2.57 40.85
C LEU A 104 -3.91 2.28 42.27
N ALA A 105 -2.90 1.41 42.44
CA ALA A 105 -2.37 1.11 43.76
C ALA A 105 -1.52 2.23 44.33
N ALA A 106 -1.24 3.27 43.55
CA ALA A 106 -0.39 4.38 43.97
C ALA A 106 -1.17 5.52 44.61
N GLY A 107 -2.50 5.46 44.60
CA GLY A 107 -3.29 6.49 45.25
C GLY A 107 -3.10 6.52 46.75
N ALA A 108 -3.62 7.58 47.36
CA ALA A 108 -3.53 7.72 48.81
C ALA A 108 -4.20 6.54 49.51
N LYS A 109 -3.45 5.89 50.39
CA LYS A 109 -3.96 4.70 51.07
C LYS A 109 -5.20 5.04 51.88
N GLY A 110 -6.24 4.23 51.72
CA GLY A 110 -7.54 4.48 52.29
C GLY A 110 -8.53 5.09 51.32
N LYS A 111 -8.05 5.63 50.19
CA LYS A 111 -8.91 6.27 49.20
C LYS A 111 -8.77 5.66 47.80
N ARG A 112 -8.30 4.41 47.73
CA ARG A 112 -8.14 3.70 46.46
C ARG A 112 -9.36 2.80 46.27
N LEU A 113 -10.23 3.17 45.34
CA LEU A 113 -11.50 2.49 45.15
C LEU A 113 -11.54 1.80 43.78
N ALA A 114 -12.51 0.90 43.64
CA ALA A 114 -12.82 0.27 42.38
C ALA A 114 -14.28 -0.13 42.39
N LEU A 115 -14.95 0.04 41.25
CA LEU A 115 -16.33 -0.38 41.13
C LEU A 115 -16.39 -1.89 40.98
N PRO A 116 -17.54 -2.51 41.31
CA PRO A 116 -17.55 -3.97 41.53
C PRO A 116 -17.10 -4.81 40.35
N ASN A 117 -17.37 -4.38 39.12
CA ASN A 117 -17.07 -5.18 37.93
C ASN A 117 -15.81 -4.71 37.20
N SER A 118 -15.00 -3.87 37.84
CA SER A 118 -13.77 -3.42 37.21
C SER A 118 -12.72 -4.54 37.20
N GLU A 119 -11.86 -4.51 36.19
CA GLU A 119 -10.87 -5.56 35.97
C GLU A 119 -9.49 -5.04 36.33
N ILE A 120 -8.77 -5.78 37.17
CA ILE A 120 -7.42 -5.43 37.58
C ILE A 120 -6.46 -6.49 37.06
N MET A 121 -5.31 -6.04 36.56
CA MET A 121 -4.30 -6.96 36.04
C MET A 121 -2.92 -6.38 36.29
N ILE A 122 -2.04 -7.18 36.90
CA ILE A 122 -0.66 -6.79 37.14
C ILE A 122 0.25 -7.81 36.46
N HIS A 123 1.40 -7.33 35.97
CA HIS A 123 2.40 -8.21 35.39
C HIS A 123 3.75 -7.50 35.45
N GLN A 124 4.77 -8.18 34.94
CA GLN A 124 6.11 -7.63 34.89
C GLN A 124 6.26 -6.69 33.70
N PRO A 125 7.29 -5.84 33.70
CA PRO A 125 7.46 -4.89 32.60
C PRO A 125 7.62 -5.56 31.26
N LEU A 126 7.13 -4.88 30.22
CA LEU A 126 7.33 -5.28 28.84
C LEU A 126 8.31 -4.31 28.18
N GLY A 127 9.13 -4.84 27.29
CA GLY A 127 10.11 -4.00 26.62
C GLY A 127 10.69 -4.69 25.41
N GLY A 128 11.85 -4.20 25.00
CA GLY A 128 12.53 -4.76 23.85
C GLY A 128 13.88 -4.10 23.68
N ALA A 129 14.71 -4.75 22.86
CA ALA A 129 16.04 -4.25 22.54
C ALA A 129 16.55 -4.97 21.31
N GLN A 130 17.03 -4.20 20.33
CA GLN A 130 17.58 -4.76 19.10
C GLN A 130 18.81 -3.96 18.70
N GLY A 131 19.89 -4.66 18.39
CA GLY A 131 21.13 -4.02 18.00
C GLY A 131 22.31 -4.87 18.44
N GLN A 132 23.42 -4.20 18.73
CA GLN A 132 24.62 -4.88 19.16
C GLN A 132 24.40 -5.56 20.50
N ALA A 133 25.13 -6.67 20.72
CA ALA A 133 24.99 -7.42 21.96
C ALA A 133 25.29 -6.56 23.17
N THR A 134 26.24 -5.64 23.05
CA THR A 134 26.54 -4.72 24.16
C THR A 134 25.34 -3.85 24.47
N ASP A 135 24.70 -3.30 23.43
CA ASP A 135 23.52 -2.45 23.65
C ASP A 135 22.33 -3.26 24.14
N ILE A 136 22.26 -4.54 23.77
CA ILE A 136 21.19 -5.40 24.27
C ILE A 136 21.36 -5.62 25.77
N GLU A 137 22.60 -5.83 26.22
CA GLU A 137 22.83 -6.00 27.65
C GLU A 137 22.50 -4.73 28.41
N ILE A 138 22.90 -3.57 27.89
CA ILE A 138 22.61 -2.30 28.57
C ILE A 138 21.11 -2.13 28.78
N HIS A 139 20.31 -2.47 27.77
CA HIS A 139 18.86 -2.32 27.89
C HIS A 139 18.24 -3.45 28.71
N ALA A 140 18.84 -4.64 28.69
CA ALA A 140 18.34 -5.73 29.51
C ALA A 140 18.51 -5.43 30.99
N LYS A 141 19.66 -4.88 31.37
CA LYS A 141 19.87 -4.52 32.77
C LYS A 141 18.97 -3.37 33.20
N ARG A 142 18.66 -2.46 32.28
CA ARG A 142 17.78 -1.34 32.62
C ARG A 142 16.38 -1.83 32.95
N ILE A 143 15.81 -2.70 32.10
CA ILE A 143 14.46 -3.17 32.35
C ILE A 143 14.41 -4.07 33.57
N LEU A 144 15.53 -4.73 33.90
CA LEU A 144 15.56 -5.54 35.11
C LEU A 144 15.53 -4.68 36.36
N LYS A 145 16.24 -3.55 36.34
CA LYS A 145 16.17 -2.61 37.45
C LYS A 145 14.78 -2.01 37.58
N ILE A 146 14.15 -1.70 36.45
CA ILE A 146 12.78 -1.17 36.46
C ILE A 146 11.82 -2.20 37.03
N LYS A 147 12.02 -3.47 36.67
CA LYS A 147 11.18 -4.53 37.21
C LYS A 147 11.33 -4.63 38.73
N GLU A 148 12.56 -4.60 39.22
CA GLU A 148 12.79 -4.68 40.66
C GLU A 148 12.28 -3.44 41.38
N THR A 149 12.40 -2.27 40.75
CA THR A 149 11.88 -1.04 41.35
C THR A 149 10.35 -1.11 41.47
N LEU A 150 9.67 -1.51 40.40
CA LEU A 150 8.22 -1.56 40.41
C LEU A 150 7.71 -2.60 41.41
N ASN A 151 8.40 -3.74 41.52
CA ASN A 151 7.98 -4.77 42.46
C ASN A 151 8.11 -4.28 43.90
N GLU A 152 9.23 -3.63 44.23
CA GLU A 152 9.42 -3.12 45.58
C GLU A 152 8.41 -2.03 45.91
N ILE A 153 7.98 -1.26 44.91
CA ILE A 153 6.94 -0.26 45.15
C ILE A 153 5.58 -0.93 45.33
N LEU A 154 5.29 -1.94 44.50
CA LEU A 154 4.03 -2.66 44.63
C LEU A 154 3.93 -3.36 45.98
N SER A 155 5.05 -3.93 46.46
CA SER A 155 5.03 -4.60 47.75
C SER A 155 4.75 -3.62 48.88
N GLU A 156 5.38 -2.44 48.85
CA GLU A 156 5.19 -1.47 49.93
C GLU A 156 3.82 -0.81 49.88
N ARG A 157 3.15 -0.81 48.73
CA ARG A 157 1.82 -0.21 48.62
C ARG A 157 0.71 -1.23 48.81
N THR A 158 1.01 -2.52 48.78
CA THR A 158 0.03 -3.55 49.06
C THR A 158 0.25 -4.26 50.39
N GLY A 159 1.44 -4.14 50.99
CA GLY A 159 1.78 -4.87 52.18
C GLY A 159 2.27 -6.27 51.96
N GLN A 160 2.30 -6.74 50.72
CA GLN A 160 2.72 -8.10 50.43
C GLN A 160 4.25 -8.21 50.55
N PRO A 161 4.75 -9.41 50.86
CA PRO A 161 6.20 -9.62 50.83
C PRO A 161 6.72 -9.46 49.41
N LEU A 162 8.00 -9.07 49.31
CA LEU A 162 8.60 -8.82 47.99
C LEU A 162 8.58 -10.08 47.13
N GLU A 163 8.87 -11.24 47.72
CA GLU A 163 8.91 -12.47 46.93
C GLU A 163 7.53 -12.85 46.40
N LYS A 164 6.47 -12.53 47.14
CA LYS A 164 5.13 -12.84 46.66
C LYS A 164 4.75 -11.98 45.45
N ILE A 165 5.12 -10.70 45.48
CA ILE A 165 4.87 -9.84 44.32
C ILE A 165 5.64 -10.36 43.11
N LYS A 166 6.86 -10.87 43.33
CA LYS A 166 7.64 -11.42 42.24
C LYS A 166 6.92 -12.59 41.57
N MET A 167 6.50 -13.57 42.35
CA MET A 167 5.83 -14.74 41.78
C MET A 167 4.51 -14.37 41.13
N ASP A 168 3.80 -13.37 41.67
CA ASP A 168 2.48 -13.03 41.20
C ASP A 168 2.48 -12.11 39.98
N THR A 169 3.64 -11.63 39.54
CA THR A 169 3.73 -10.74 38.39
C THR A 169 4.61 -11.31 37.28
N GLU A 170 5.00 -12.59 37.36
CA GLU A 170 5.78 -13.18 36.29
C GLU A 170 4.95 -13.28 35.00
N ARG A 171 3.67 -13.60 35.13
CA ARG A 171 2.76 -13.65 34.00
C ARG A 171 1.51 -12.84 34.34
N ASP A 172 0.68 -12.61 33.33
CA ASP A 172 -0.53 -11.82 33.51
C ASP A 172 -1.38 -12.36 34.65
N ASN A 173 -1.71 -11.48 35.59
CA ASN A 173 -2.45 -11.83 36.80
C ASN A 173 -3.73 -11.01 36.85
N PHE A 174 -4.85 -11.62 36.45
CA PHE A 174 -6.13 -10.94 36.46
C PHE A 174 -6.83 -11.14 37.79
N MET A 175 -7.41 -10.06 38.31
CA MET A 175 -8.12 -10.07 39.58
C MET A 175 -9.44 -9.34 39.45
N SER A 176 -10.42 -9.78 40.24
CA SER A 176 -11.65 -9.01 40.39
C SER A 176 -11.41 -7.84 41.34
N ALA A 177 -12.41 -6.97 41.44
CA ALA A 177 -12.32 -5.85 42.37
C ALA A 177 -12.15 -6.34 43.81
N LEU A 178 -12.93 -7.36 44.19
CA LEU A 178 -12.80 -7.92 45.53
C LEU A 178 -11.43 -8.55 45.74
N GLU A 179 -10.92 -9.26 44.73
CA GLU A 179 -9.60 -9.87 44.85
C GLU A 179 -8.50 -8.83 44.93
N ALA A 180 -8.66 -7.70 44.24
CA ALA A 180 -7.67 -6.63 44.32
C ALA A 180 -7.69 -5.95 45.69
N LYS A 181 -8.83 -5.98 46.38
CA LYS A 181 -8.91 -5.41 47.71
C LYS A 181 -8.18 -6.29 48.72
N GLU A 182 -8.49 -7.59 48.71
CA GLU A 182 -7.81 -8.51 49.63
C GLU A 182 -6.31 -8.56 49.36
N TYR A 183 -5.93 -8.45 48.08
CA TYR A 183 -4.51 -8.47 47.75
C TYR A 183 -3.80 -7.21 48.24
N GLY A 184 -4.52 -6.12 48.39
CA GLY A 184 -3.94 -4.87 48.82
C GLY A 184 -3.73 -3.83 47.74
N LEU A 185 -4.27 -4.05 46.54
CA LEU A 185 -4.12 -3.07 45.47
C LEU A 185 -5.10 -1.92 45.62
N ILE A 186 -6.24 -2.15 46.24
CA ILE A 186 -7.23 -1.10 46.51
C ILE A 186 -7.71 -1.27 47.95
N ASP A 187 -8.46 -0.28 48.42
CA ASP A 187 -8.98 -0.27 49.78
C ASP A 187 -10.47 -0.58 49.87
N GLU A 188 -11.26 -0.14 48.90
CA GLU A 188 -12.71 -0.28 48.95
C GLU A 188 -13.23 -0.79 47.62
N VAL A 189 -14.42 -1.41 47.67
CA VAL A 189 -15.20 -1.77 46.50
C VAL A 189 -16.63 -1.34 46.78
N PHE A 190 -17.05 -0.24 46.13
CA PHE A 190 -18.37 0.33 46.32
C PHE A 190 -19.25 0.02 45.13
N THR A 191 -20.48 -0.40 45.39
CA THR A 191 -21.48 -0.51 44.33
C THR A 191 -22.26 0.79 44.17
N LYS A 192 -22.58 1.45 45.27
CA LYS A 192 -23.21 2.76 45.28
C LYS A 192 -22.36 3.72 46.11
N ARG A 193 -22.77 4.98 46.13
CA ARG A 193 -22.08 5.99 46.96
C ARG A 193 -22.44 5.80 48.43
N ALA B 2 -6.98 15.04 24.78
CA ALA B 2 -8.28 15.67 24.63
C ALA B 2 -8.19 17.17 24.90
N LEU B 3 -7.10 17.57 25.55
CA LEU B 3 -6.85 18.96 25.96
C LEU B 3 -7.87 19.44 26.98
N VAL B 4 -7.53 20.49 27.71
CA VAL B 4 -8.28 20.85 28.91
C VAL B 4 -8.27 22.36 29.13
N PRO B 5 -9.36 23.06 28.83
CA PRO B 5 -9.45 24.49 29.15
C PRO B 5 -9.87 24.73 30.59
N VAL B 6 -9.57 25.95 31.06
CA VAL B 6 -9.89 26.38 32.42
C VAL B 6 -10.32 27.84 32.36
N VAL B 7 -11.52 28.14 32.86
CA VAL B 7 -12.03 29.49 32.85
C VAL B 7 -12.18 30.02 34.27
N GLU B 15 -12.97 37.38 32.47
CA GLU B 15 -12.08 36.22 32.49
C GLU B 15 -12.15 35.44 31.19
N ARG B 16 -11.00 35.05 30.66
CA ARG B 16 -10.90 34.33 29.41
C ARG B 16 -10.74 32.84 29.69
N SER B 17 -10.54 32.06 28.64
CA SER B 17 -10.46 30.60 28.71
C SER B 17 -9.06 30.14 28.32
N TYR B 18 -8.21 29.93 29.31
CA TYR B 18 -6.90 29.33 29.07
C TYR B 18 -7.02 27.82 29.03
N ASP B 19 -6.18 27.20 28.20
CA ASP B 19 -5.99 25.76 28.32
C ASP B 19 -4.97 25.49 29.44
N ILE B 20 -4.86 24.22 29.83
CA ILE B 20 -4.07 23.89 31.02
C ILE B 20 -2.61 24.30 30.82
N PHE B 21 -2.10 24.20 29.60
CA PHE B 21 -0.70 24.51 29.36
C PHE B 21 -0.48 26.02 29.38
N SER B 22 -1.50 26.80 29.03
CA SER B 22 -1.41 28.24 29.20
C SER B 22 -1.82 28.69 30.59
N ARG B 23 -2.74 27.97 31.24
CA ARG B 23 -3.04 28.26 32.63
C ARG B 23 -1.80 28.11 33.49
N LEU B 24 -1.05 27.02 33.29
CA LEU B 24 0.21 26.84 33.98
C LEU B 24 1.30 27.77 33.42
N LEU B 25 1.16 28.22 32.17
CA LEU B 25 2.11 29.19 31.64
C LEU B 25 2.04 30.51 32.40
N LYS B 26 0.85 30.90 32.86
CA LYS B 26 0.73 32.10 33.68
C LYS B 26 1.37 31.91 35.05
N ASP B 27 1.59 30.67 35.48
CA ASP B 27 2.44 30.38 36.62
C ASP B 27 3.90 30.18 36.23
N ARG B 28 4.26 30.51 34.98
CA ARG B 28 5.62 30.42 34.47
C ARG B 28 6.12 28.98 34.45
N ILE B 29 5.22 28.06 34.09
CA ILE B 29 5.54 26.65 33.97
C ILE B 29 5.44 26.24 32.50
N ILE B 30 6.50 25.61 31.99
CA ILE B 30 6.55 25.12 30.61
C ILE B 30 6.75 23.61 30.65
N PHE B 31 6.11 22.92 29.70
CA PHE B 31 6.21 21.46 29.61
C PHE B 31 6.88 21.09 28.30
N LEU B 32 8.01 20.39 28.40
CA LEU B 32 8.61 19.70 27.26
C LEU B 32 8.29 18.23 27.43
N GLY B 33 7.11 17.83 26.95
CA GLY B 33 6.65 16.46 27.11
C GLY B 33 6.49 15.72 25.81
N ASP B 34 7.44 15.92 24.90
CA ASP B 34 7.36 15.34 23.56
C ASP B 34 8.77 15.22 23.00
N GLN B 35 8.87 14.60 21.83
CA GLN B 35 10.12 14.56 21.10
C GLN B 35 10.60 15.97 20.80
N VAL B 36 11.92 16.15 20.81
CA VAL B 36 12.54 17.44 20.53
C VAL B 36 12.68 17.58 19.03
N ASN B 37 11.85 18.42 18.42
CA ASN B 37 11.94 18.72 16.99
C ASN B 37 11.71 20.21 16.79
N ASP B 38 11.69 20.62 15.51
CA ASP B 38 11.55 22.03 15.19
C ASP B 38 10.23 22.61 15.68
N ALA B 39 9.18 21.79 15.74
CA ALA B 39 7.88 22.28 16.18
C ALA B 39 7.83 22.44 17.69
N THR B 40 8.32 21.45 18.43
CA THR B 40 8.32 21.55 19.88
C THR B 40 9.31 22.59 20.38
N ALA B 41 10.49 22.65 19.75
CA ALA B 41 11.48 23.66 20.13
C ALA B 41 10.97 25.07 19.83
N GLY B 42 10.26 25.24 18.71
CA GLY B 42 9.69 26.54 18.41
C GLY B 42 8.70 27.00 19.46
N LEU B 43 7.94 26.07 20.03
CA LEU B 43 6.99 26.43 21.09
C LEU B 43 7.70 26.68 22.41
N ILE B 44 8.70 25.86 22.74
CA ILE B 44 9.47 26.09 23.97
C ILE B 44 10.17 27.44 23.92
N VAL B 45 10.84 27.73 22.80
CA VAL B 45 11.51 29.02 22.63
C VAL B 45 10.51 30.16 22.73
N ALA B 46 9.34 29.99 22.10
CA ALA B 46 8.32 31.04 22.14
C ALA B 46 7.82 31.27 23.55
N GLN B 47 7.58 30.20 24.31
CA GLN B 47 7.15 30.35 25.69
C GLN B 47 8.25 30.95 26.55
N LEU B 48 9.51 30.54 26.31
CA LEU B 48 10.63 31.11 27.07
C LEU B 48 10.74 32.61 26.84
N LEU B 49 10.59 33.05 25.59
CA LEU B 49 10.67 34.48 25.30
C LEU B 49 9.46 35.23 25.85
N PHE B 50 8.29 34.59 25.83
CA PHE B 50 7.10 35.23 26.39
C PHE B 50 7.22 35.41 27.90
N LEU B 51 7.73 34.40 28.60
CA LEU B 51 7.87 34.50 30.04
C LEU B 51 8.94 35.53 30.43
N GLU B 52 9.98 35.67 29.60
CA GLU B 52 10.96 36.73 29.85
C GLU B 52 10.35 38.11 29.65
N ALA B 53 9.47 38.25 28.66
CA ALA B 53 8.82 39.53 28.42
C ALA B 53 7.87 39.88 29.55
N GLU B 54 7.18 38.89 30.12
CA GLU B 54 6.23 39.15 31.19
C GLU B 54 6.94 39.60 32.46
N ASP B 55 7.93 38.83 32.91
CA ASP B 55 8.70 39.16 34.10
C ASP B 55 10.11 38.61 33.92
N PRO B 56 11.08 39.47 33.57
CA PRO B 56 12.44 38.97 33.31
C PRO B 56 13.20 38.54 34.54
N ASP B 57 12.61 38.62 35.74
CA ASP B 57 13.30 38.28 36.97
C ASP B 57 12.74 37.05 37.67
N LYS B 58 11.45 36.75 37.50
CA LYS B 58 10.88 35.57 38.13
C LYS B 58 11.39 34.31 37.44
N ASP B 59 11.60 33.25 38.23
CA ASP B 59 12.13 32.01 37.71
C ASP B 59 11.13 31.36 36.75
N ILE B 60 11.66 30.47 35.91
CA ILE B 60 10.86 29.70 34.96
C ILE B 60 11.01 28.22 35.31
N HIS B 61 9.90 27.51 35.36
CA HIS B 61 9.89 26.08 35.68
C HIS B 61 9.59 25.30 34.41
N LEU B 62 10.62 24.64 33.88
CA LEU B 62 10.51 23.85 32.65
C LEU B 62 10.51 22.38 33.02
N TYR B 63 9.34 21.76 32.94
CA TYR B 63 9.23 20.31 33.15
C TYR B 63 9.67 19.59 31.89
N ILE B 64 10.40 18.49 32.07
CA ILE B 64 11.00 17.76 30.95
C ILE B 64 10.62 16.30 31.06
N ASN B 65 9.91 15.80 30.05
CA ASN B 65 9.58 14.38 29.90
C ASN B 65 9.71 14.08 28.41
N SER B 66 10.93 13.73 27.98
CA SER B 66 11.20 13.67 26.56
C SER B 66 12.31 12.67 26.24
N PRO B 67 12.19 11.93 25.14
CA PRO B 67 13.27 11.02 24.73
C PRO B 67 14.38 11.69 23.96
N GLY B 68 14.35 13.01 23.80
CA GLY B 68 15.33 13.70 22.99
C GLY B 68 14.81 14.00 21.60
N GLY B 69 15.70 13.99 20.62
CA GLY B 69 15.31 14.23 19.24
C GLY B 69 16.40 14.86 18.41
N SER B 70 16.07 15.95 17.72
CA SER B 70 17.04 16.63 16.87
C SER B 70 17.97 17.49 17.71
N ILE B 71 19.22 17.59 17.27
CA ILE B 71 20.23 18.30 18.04
C ILE B 71 20.16 19.80 17.79
N THR B 72 19.98 20.20 16.52
CA THR B 72 19.91 21.62 16.20
C THR B 72 18.74 22.30 16.91
N SER B 73 17.54 21.73 16.78
CA SER B 73 16.39 22.27 17.49
C SER B 73 16.57 22.15 19.00
N GLY B 74 17.31 21.14 19.45
CA GLY B 74 17.59 21.03 20.88
C GLY B 74 18.51 22.13 21.36
N MET B 75 19.48 22.52 20.53
CA MET B 75 20.38 23.61 20.90
C MET B 75 19.71 24.96 20.85
N ALA B 76 18.64 25.10 20.06
CA ALA B 76 17.87 26.34 20.07
C ALA B 76 17.22 26.54 21.43
N ILE B 77 16.76 25.46 22.06
CA ILE B 77 16.24 25.55 23.42
C ILE B 77 17.37 25.87 24.39
N TYR B 78 18.51 25.18 24.24
CA TYR B 78 19.64 25.40 25.15
C TYR B 78 20.09 26.85 25.13
N ASP B 79 20.39 27.37 23.94
CA ASP B 79 20.92 28.72 23.83
C ASP B 79 19.91 29.75 24.30
N THR B 80 18.61 29.49 24.11
CA THR B 80 17.59 30.41 24.60
C THR B 80 17.47 30.34 26.12
N MET B 81 17.67 29.17 26.71
CA MET B 81 17.63 29.05 28.17
C MET B 81 18.72 29.88 28.83
N GLN B 82 19.89 29.99 28.18
CA GLN B 82 20.96 30.82 28.70
C GLN B 82 20.87 32.26 28.22
N TYR B 83 20.21 32.51 27.09
CA TYR B 83 20.12 33.85 26.55
C TYR B 83 19.19 34.72 27.39
N ILE B 84 18.09 34.15 27.88
CA ILE B 84 17.08 34.94 28.56
C ILE B 84 17.55 35.30 29.97
N LYS B 85 16.97 36.38 30.50
CA LYS B 85 17.34 36.82 31.85
C LYS B 85 16.87 35.88 32.94
N PRO B 86 15.63 35.39 32.95
CA PRO B 86 15.18 34.56 34.07
C PRO B 86 15.98 33.27 34.20
N ASP B 87 16.14 32.83 35.45
CA ASP B 87 16.66 31.49 35.71
C ASP B 87 15.62 30.46 35.29
N VAL B 88 16.04 29.48 34.50
CA VAL B 88 15.13 28.43 34.04
C VAL B 88 15.47 27.18 34.84
N SER B 89 14.62 26.88 35.82
CA SER B 89 14.71 25.63 36.55
C SER B 89 14.13 24.49 35.71
N THR B 90 14.82 23.36 35.70
CA THR B 90 14.39 22.18 34.95
C THR B 90 13.97 21.09 35.92
N ILE B 91 12.79 20.52 35.68
CA ILE B 91 12.24 19.44 36.50
C ILE B 91 12.08 18.22 35.61
N CYS B 92 12.70 17.11 36.02
CA CYS B 92 12.63 15.85 35.29
C CYS B 92 11.50 15.00 35.84
N ILE B 93 10.52 14.70 35.00
CA ILE B 93 9.47 13.72 35.31
C ILE B 93 9.49 12.65 34.23
N GLY B 94 9.29 11.40 34.63
CA GLY B 94 9.27 10.31 33.68
C GLY B 94 10.63 9.94 33.13
N MET B 95 11.07 10.62 32.08
CA MET B 95 12.34 10.31 31.44
C MET B 95 12.89 11.54 30.74
N ALA B 96 14.18 11.79 30.92
CA ALA B 96 14.93 12.77 30.12
C ALA B 96 16.12 12.03 29.51
N ALA B 97 16.05 11.77 28.21
CA ALA B 97 17.10 11.04 27.52
C ALA B 97 17.67 11.88 26.38
N SER B 98 18.97 11.73 26.15
CA SER B 98 19.68 12.34 25.02
C SER B 98 19.53 13.86 25.13
N MET B 99 18.96 14.55 24.14
CA MET B 99 18.79 15.99 24.23
C MET B 99 17.88 16.36 25.39
N GLY B 100 16.98 15.45 25.79
CA GLY B 100 16.19 15.69 26.99
C GLY B 100 17.05 15.80 28.23
N ALA B 101 17.97 14.85 28.41
CA ALA B 101 18.92 14.94 29.52
C ALA B 101 19.86 16.13 29.35
N PHE B 102 20.22 16.45 28.11
CA PHE B 102 21.11 17.58 27.87
C PHE B 102 20.47 18.89 28.29
N LEU B 103 19.19 19.08 27.96
CA LEU B 103 18.49 20.29 28.39
C LEU B 103 18.21 20.26 29.89
N LEU B 104 18.09 19.06 30.47
CA LEU B 104 17.91 18.96 31.91
C LEU B 104 19.13 19.51 32.65
N ALA B 105 20.33 19.08 32.23
CA ALA B 105 21.55 19.60 32.82
C ALA B 105 21.83 21.04 32.43
N ALA B 106 21.00 21.63 31.57
CA ALA B 106 21.20 23.00 31.11
C ALA B 106 20.54 24.04 32.00
N GLY B 107 19.64 23.63 32.89
CA GLY B 107 18.95 24.58 33.73
C GLY B 107 19.88 25.31 34.68
N ALA B 108 19.35 26.35 35.31
CA ALA B 108 20.11 27.14 36.28
C ALA B 108 20.63 26.23 37.38
N LYS B 109 21.96 26.16 37.50
CA LYS B 109 22.56 25.22 38.44
C LYS B 109 22.18 25.58 39.87
N GLY B 110 21.80 24.55 40.64
CA GLY B 110 21.13 24.73 41.91
C GLY B 110 19.63 24.52 41.84
N LYS B 111 19.03 24.65 40.65
CA LYS B 111 17.60 24.50 40.47
C LYS B 111 17.26 23.42 39.45
N ARG B 112 18.18 22.50 39.18
CA ARG B 112 17.92 21.36 38.30
C ARG B 112 17.37 20.21 39.14
N LEU B 113 16.12 19.84 38.87
CA LEU B 113 15.36 18.94 39.72
C LEU B 113 15.00 17.66 38.97
N ALA B 114 14.81 16.59 39.74
CA ALA B 114 14.28 15.34 39.20
C ALA B 114 13.47 14.64 40.28
N LEU B 115 12.40 13.96 39.85
CA LEU B 115 11.58 13.19 40.76
C LEU B 115 12.20 11.81 40.96
N PRO B 116 11.88 11.14 42.09
CA PRO B 116 12.70 9.98 42.50
C PRO B 116 12.78 8.86 41.48
N ASN B 117 11.70 8.58 40.75
CA ASN B 117 11.67 7.46 39.83
C ASN B 117 11.85 7.89 38.38
N SER B 118 12.37 9.09 38.15
CA SER B 118 12.63 9.55 36.80
C SER B 118 13.82 8.81 36.19
N GLU B 119 13.79 8.65 34.87
CA GLU B 119 14.87 8.02 34.13
C GLU B 119 15.69 9.09 33.43
N ILE B 120 17.01 8.96 33.50
CA ILE B 120 17.93 9.86 32.82
C ILE B 120 18.92 9.02 32.03
N MET B 121 19.09 9.36 30.75
CA MET B 121 20.02 8.64 29.88
C MET B 121 20.78 9.62 29.02
N ILE B 122 22.09 9.43 28.94
CA ILE B 122 22.95 10.23 28.09
C ILE B 122 23.68 9.31 27.13
N HIS B 123 24.00 9.82 25.94
CA HIS B 123 24.75 9.07 24.95
C HIS B 123 25.28 10.05 23.91
N GLN B 124 26.03 9.52 22.94
CA GLN B 124 26.63 10.35 21.93
C GLN B 124 25.64 10.65 20.81
N PRO B 125 25.91 11.68 20.00
CA PRO B 125 24.95 12.07 18.96
C PRO B 125 24.71 10.96 17.95
N LEU B 126 23.52 11.01 17.34
CA LEU B 126 23.16 10.16 16.21
C LEU B 126 23.06 11.02 14.96
N GLY B 127 23.31 10.41 13.81
CA GLY B 127 23.24 11.14 12.57
C GLY B 127 23.27 10.24 11.37
N GLY B 128 23.69 10.81 10.25
CA GLY B 128 23.74 10.07 9.01
C GLY B 128 24.32 10.94 7.91
N ALA B 129 24.84 10.27 6.88
CA ALA B 129 25.43 10.96 5.74
C ALA B 129 25.53 9.97 4.59
N GLN B 130 24.85 10.28 3.48
CA GLN B 130 24.89 9.46 2.29
C GLN B 130 25.30 10.32 1.10
N GLY B 131 25.91 9.67 0.10
CA GLY B 131 26.30 10.34 -1.12
C GLY B 131 27.79 10.17 -1.40
N GLN B 132 28.38 11.20 -2.01
CA GLN B 132 29.78 11.17 -2.38
C GLN B 132 30.67 11.11 -1.14
N ALA B 133 31.89 10.59 -1.33
CA ALA B 133 32.83 10.49 -0.22
C ALA B 133 33.20 11.86 0.31
N THR B 134 33.41 12.83 -0.57
CA THR B 134 33.72 14.19 -0.14
C THR B 134 32.60 14.76 0.72
N ASP B 135 31.34 14.50 0.34
CA ASP B 135 30.22 15.00 1.12
C ASP B 135 30.09 14.24 2.44
N ILE B 136 30.34 12.93 2.42
CA ILE B 136 30.28 12.14 3.65
C ILE B 136 31.30 12.66 4.66
N GLU B 137 32.51 12.98 4.19
CA GLU B 137 33.53 13.49 5.10
C GLU B 137 33.13 14.84 5.69
N ILE B 138 32.52 15.70 4.88
CA ILE B 138 32.07 17.00 5.37
C ILE B 138 31.08 16.81 6.52
N HIS B 139 30.12 15.91 6.35
CA HIS B 139 29.13 15.70 7.39
C HIS B 139 29.70 14.89 8.55
N ALA B 140 30.72 14.07 8.30
CA ALA B 140 31.39 13.37 9.38
C ALA B 140 32.14 14.34 10.28
N LYS B 141 32.78 15.36 9.69
CA LYS B 141 33.46 16.36 10.50
C LYS B 141 32.47 17.20 11.29
N ARG B 142 31.26 17.40 10.75
CA ARG B 142 30.26 18.19 11.46
C ARG B 142 29.71 17.45 12.66
N ILE B 143 29.36 16.16 12.47
CA ILE B 143 28.82 15.38 13.59
C ILE B 143 29.86 15.21 14.68
N LEU B 144 31.15 15.11 14.31
CA LEU B 144 32.19 15.01 15.31
C LEU B 144 32.42 16.33 16.01
N LYS B 145 32.32 17.44 15.27
CA LYS B 145 32.41 18.77 15.89
C LYS B 145 31.25 19.01 16.84
N ILE B 146 30.05 18.52 16.48
CA ILE B 146 28.90 18.65 17.36
C ILE B 146 29.10 17.80 18.61
N LYS B 147 29.63 16.59 18.45
CA LYS B 147 29.85 15.70 19.59
C LYS B 147 30.82 16.31 20.58
N GLU B 148 31.96 16.79 20.10
CA GLU B 148 32.92 17.45 20.98
C GLU B 148 32.31 18.66 21.66
N THR B 149 31.48 19.42 20.94
CA THR B 149 30.84 20.60 21.52
C THR B 149 29.86 20.20 22.62
N LEU B 150 29.09 19.14 22.40
CA LEU B 150 28.13 18.70 23.42
C LEU B 150 28.84 18.14 24.64
N ASN B 151 29.92 17.39 24.44
CA ASN B 151 30.69 16.87 25.56
C ASN B 151 31.33 18.00 26.36
N GLU B 152 31.81 19.04 25.66
CA GLU B 152 32.38 20.18 26.35
C GLU B 152 31.34 20.91 27.19
N ILE B 153 30.12 21.06 26.67
CA ILE B 153 29.06 21.72 27.42
C ILE B 153 28.69 20.89 28.64
N LEU B 154 28.49 19.59 28.46
CA LEU B 154 28.22 18.70 29.59
C LEU B 154 29.34 18.75 30.61
N SER B 155 30.57 18.99 30.16
CA SER B 155 31.68 19.16 31.08
C SER B 155 31.45 20.36 31.99
N GLU B 156 31.03 21.49 31.40
CA GLU B 156 30.74 22.68 32.22
C GLU B 156 29.55 22.45 33.13
N ARG B 157 28.46 21.91 32.59
CA ARG B 157 27.22 21.82 33.35
C ARG B 157 27.32 20.84 34.51
N THR B 158 28.10 19.78 34.37
CA THR B 158 28.21 18.76 35.41
C THR B 158 29.41 18.95 36.32
N GLY B 159 30.51 19.50 35.81
CA GLY B 159 31.74 19.57 36.54
C GLY B 159 32.69 18.43 36.29
N GLN B 160 32.27 17.41 35.54
CA GLN B 160 33.13 16.28 35.25
C GLN B 160 34.19 16.67 34.23
N PRO B 161 35.34 15.99 34.24
CA PRO B 161 36.35 16.24 33.20
C PRO B 161 35.86 15.80 31.84
N LEU B 162 36.34 16.50 30.81
CA LEU B 162 35.88 16.25 29.45
C LEU B 162 36.13 14.81 29.02
N GLU B 163 37.23 14.21 29.48
CA GLU B 163 37.56 12.85 29.05
C GLU B 163 36.62 11.81 29.65
N LYS B 164 36.07 12.08 30.84
CA LYS B 164 35.12 11.16 31.44
C LYS B 164 33.76 11.23 30.76
N ILE B 165 33.36 12.43 30.31
CA ILE B 165 32.08 12.59 29.62
C ILE B 165 32.09 11.76 28.34
N LYS B 166 33.16 11.85 27.56
CA LYS B 166 33.26 11.08 26.32
C LYS B 166 33.21 9.58 26.61
N MET B 167 33.88 9.14 27.67
CA MET B 167 33.90 7.72 28.00
C MET B 167 32.53 7.24 28.43
N ASP B 168 31.79 8.05 29.19
CA ASP B 168 30.50 7.65 29.73
C ASP B 168 29.36 7.79 28.73
N THR B 169 29.56 8.48 27.61
CA THR B 169 28.51 8.71 26.63
C THR B 169 28.73 7.97 25.33
N GLU B 170 29.77 7.13 25.23
CA GLU B 170 30.00 6.39 24.00
C GLU B 170 28.87 5.41 23.71
N ARG B 171 28.16 4.95 24.75
CA ARG B 171 27.01 4.10 24.62
C ARG B 171 25.88 4.66 25.48
N ASP B 172 24.72 4.04 25.40
CA ASP B 172 23.57 4.46 26.21
C ASP B 172 23.90 4.29 27.68
N ASN B 173 23.80 5.39 28.43
CA ASN B 173 24.17 5.43 29.85
C ASN B 173 22.91 5.78 30.65
N PHE B 174 22.22 4.76 31.15
CA PHE B 174 21.02 4.96 31.93
C PHE B 174 21.38 5.23 33.39
N MET B 175 20.71 6.21 33.98
CA MET B 175 20.96 6.61 35.36
C MET B 175 19.65 6.73 36.11
N SER B 176 19.71 6.41 37.41
CA SER B 176 18.62 6.77 38.31
C SER B 176 18.65 8.27 38.57
N ALA B 177 17.59 8.76 39.21
CA ALA B 177 17.58 10.16 39.65
C ALA B 177 18.74 10.42 40.62
N LEU B 178 18.99 9.47 41.51
CA LEU B 178 20.11 9.59 42.44
C LEU B 178 21.44 9.64 41.69
N GLU B 179 21.62 8.75 40.71
CA GLU B 179 22.88 8.71 39.98
C GLU B 179 23.07 9.96 39.13
N ALA B 180 21.99 10.56 38.64
CA ALA B 180 22.11 11.79 37.85
C ALA B 180 22.56 12.96 38.72
N LYS B 181 22.15 12.99 39.99
CA LYS B 181 22.63 14.03 40.90
C LYS B 181 24.11 13.85 41.22
N GLU B 182 24.50 12.62 41.56
CA GLU B 182 25.90 12.33 41.87
C GLU B 182 26.81 12.49 40.66
N TYR B 183 26.26 12.41 39.45
CA TYR B 183 27.06 12.64 38.25
C TYR B 183 27.23 14.11 37.94
N GLY B 184 26.33 14.97 38.43
CA GLY B 184 26.34 16.37 38.10
C GLY B 184 25.26 16.80 37.11
N LEU B 185 24.40 15.86 36.68
CA LEU B 185 23.37 16.21 35.70
C LEU B 185 22.26 17.03 36.33
N ILE B 186 21.92 16.74 37.59
CA ILE B 186 20.92 17.49 38.33
C ILE B 186 21.50 17.86 39.68
N ASP B 187 20.71 18.60 40.46
CA ASP B 187 21.15 19.12 41.76
C ASP B 187 20.42 18.51 42.94
N GLU B 188 19.12 18.24 42.82
CA GLU B 188 18.33 17.73 43.92
C GLU B 188 17.41 16.61 43.45
N VAL B 189 17.10 15.71 44.38
CA VAL B 189 16.11 14.65 44.17
C VAL B 189 15.07 14.78 45.27
N PHE B 190 13.87 15.22 44.91
CA PHE B 190 12.81 15.50 45.86
C PHE B 190 11.68 14.49 45.70
N THR B 191 11.24 13.92 46.83
CA THR B 191 10.06 13.06 46.84
C THR B 191 8.79 13.85 47.15
N LYS B 192 8.88 14.80 48.08
CA LYS B 192 7.75 15.65 48.44
C LYS B 192 8.20 17.10 48.41
N ARG B 193 7.23 18.00 48.31
CA ARG B 193 7.50 19.43 48.29
C ARG B 193 8.03 19.93 49.63
N LEU C 3 -1.43 21.43 21.40
CA LEU C 3 -0.04 21.56 20.99
C LEU C 3 0.38 23.02 20.92
N VAL C 4 -0.60 23.92 20.79
CA VAL C 4 -0.37 25.36 20.73
C VAL C 4 -1.02 25.99 21.95
N PRO C 5 -0.34 26.90 22.67
CA PRO C 5 -0.89 27.40 23.94
C PRO C 5 -1.80 28.61 23.80
N VAL C 6 -2.27 29.12 24.94
CA VAL C 6 -3.27 30.18 25.02
C VAL C 6 -4.46 29.90 24.12
N TYR C 18 -5.25 34.72 21.79
CA TYR C 18 -4.05 34.46 21.01
C TYR C 18 -3.56 33.03 21.16
N ASP C 19 -2.51 32.70 20.43
CA ASP C 19 -1.62 31.59 20.73
C ASP C 19 -0.24 32.16 21.05
N ILE C 20 0.70 31.29 21.42
CA ILE C 20 2.00 31.77 21.87
C ILE C 20 2.71 32.56 20.77
N PHE C 21 2.50 32.19 19.51
CA PHE C 21 3.13 32.90 18.41
C PHE C 21 2.39 34.19 18.07
N SER C 22 1.06 34.18 18.18
CA SER C 22 0.28 35.39 17.93
C SER C 22 0.58 36.46 18.98
N ARG C 23 0.75 36.06 20.24
CA ARG C 23 1.09 37.00 21.28
C ARG C 23 2.50 37.56 21.08
N LEU C 24 3.43 36.72 20.65
CA LEU C 24 4.77 37.21 20.35
C LEU C 24 4.80 38.08 19.10
N LEU C 25 3.81 37.93 18.22
CA LEU C 25 3.71 38.82 17.06
C LEU C 25 3.31 40.23 17.47
N LYS C 26 2.58 40.38 18.58
CA LYS C 26 2.23 41.70 19.08
C LYS C 26 3.48 42.49 19.48
N ASP C 27 4.53 41.80 19.91
CA ASP C 27 5.82 42.43 20.21
C ASP C 27 6.75 42.41 19.01
N ARG C 28 6.20 42.28 17.79
CA ARG C 28 6.96 42.36 16.54
C ARG C 28 8.04 41.28 16.47
N ILE C 29 7.64 40.05 16.80
CA ILE C 29 8.52 38.88 16.73
C ILE C 29 7.88 37.88 15.79
N ILE C 30 8.63 37.46 14.77
CA ILE C 30 8.19 36.45 13.80
C ILE C 30 9.13 35.27 13.88
N PHE C 31 8.57 34.07 13.77
CA PHE C 31 9.34 32.82 13.84
C PHE C 31 9.33 32.13 12.48
N LEU C 32 10.52 31.88 11.94
CA LEU C 32 10.69 30.98 10.81
C LEU C 32 11.37 29.73 11.36
N GLY C 33 10.55 28.83 11.91
CA GLY C 33 11.07 27.63 12.53
C GLY C 33 10.64 26.37 11.81
N ASP C 34 10.70 26.39 10.48
CA ASP C 34 10.23 25.29 9.66
C ASP C 34 10.89 25.40 8.29
N GLN C 35 10.64 24.41 7.45
CA GLN C 35 11.12 24.44 6.07
C GLN C 35 10.53 25.64 5.34
N VAL C 36 11.32 26.25 4.47
CA VAL C 36 10.87 27.40 3.69
C VAL C 36 10.14 26.88 2.45
N ASN C 37 8.81 27.05 2.43
CA ASN C 37 7.99 26.68 1.29
C ASN C 37 6.96 27.79 1.07
N ASP C 38 6.06 27.56 0.12
CA ASP C 38 5.08 28.60 -0.22
C ASP C 38 4.13 28.87 0.94
N ALA C 39 3.82 27.85 1.76
CA ALA C 39 2.92 28.07 2.88
C ALA C 39 3.61 28.87 3.98
N THR C 40 4.84 28.49 4.36
CA THR C 40 5.54 29.20 5.40
C THR C 40 5.98 30.59 4.95
N ALA C 41 6.34 30.74 3.67
CA ALA C 41 6.75 32.05 3.18
C ALA C 41 5.57 33.02 3.12
N GLY C 42 4.38 32.52 2.76
CA GLY C 42 3.20 33.36 2.78
C GLY C 42 2.86 33.86 4.17
N LEU C 43 3.13 33.05 5.19
CA LEU C 43 2.90 33.49 6.56
C LEU C 43 3.93 34.54 6.98
N ILE C 44 5.20 34.33 6.62
CA ILE C 44 6.23 35.31 6.94
C ILE C 44 5.96 36.62 6.22
N VAL C 45 5.59 36.55 4.94
CA VAL C 45 5.29 37.76 4.18
C VAL C 45 4.10 38.49 4.78
N ALA C 46 3.05 37.75 5.15
CA ALA C 46 1.87 38.38 5.73
C ALA C 46 2.17 39.02 7.08
N GLN C 47 3.03 38.38 7.88
CA GLN C 47 3.41 38.97 9.16
C GLN C 47 4.29 40.20 8.96
N LEU C 48 5.18 40.16 7.97
CA LEU C 48 6.04 41.31 7.69
C LEU C 48 5.22 42.51 7.23
N LEU C 49 4.22 42.28 6.38
CA LEU C 49 3.37 43.37 5.91
C LEU C 49 2.50 43.91 7.04
N PHE C 50 2.07 43.04 7.96
CA PHE C 50 1.22 43.48 9.06
C PHE C 50 2.01 44.35 10.04
N LEU C 51 3.22 43.92 10.40
CA LEU C 51 4.02 44.70 11.34
C LEU C 51 4.44 46.04 10.76
N GLU C 52 4.68 46.09 9.44
CA GLU C 52 4.95 47.38 8.80
C GLU C 52 3.73 48.30 8.89
N ALA C 53 2.53 47.73 8.71
CA ALA C 53 1.32 48.54 8.82
C ALA C 53 1.06 48.98 10.26
N GLU C 54 1.45 48.17 11.24
CA GLU C 54 1.29 48.56 12.64
C GLU C 54 2.22 49.70 13.01
N ASP C 55 3.48 49.64 12.56
CA ASP C 55 4.45 50.68 12.80
C ASP C 55 5.59 50.55 11.79
N PRO C 56 5.63 51.44 10.78
CA PRO C 56 6.64 51.30 9.72
C PRO C 56 8.06 51.65 10.17
N ASP C 57 8.27 52.01 11.43
CA ASP C 57 9.60 52.40 11.91
C ASP C 57 10.18 51.47 12.97
N LYS C 58 9.35 50.72 13.69
CA LYS C 58 9.87 49.82 14.71
C LYS C 58 10.52 48.61 14.08
N ASP C 59 11.53 48.08 14.76
CA ASP C 59 12.26 46.91 14.26
C ASP C 59 11.36 45.67 14.28
N ILE C 60 11.67 44.73 13.39
CA ILE C 60 11.03 43.43 13.34
C ILE C 60 12.09 42.38 13.66
N HIS C 61 11.80 41.52 14.64
CA HIS C 61 12.71 40.47 15.06
C HIS C 61 12.26 39.15 14.45
N LEU C 62 13.02 38.65 13.48
CA LEU C 62 12.70 37.42 12.76
C LEU C 62 13.66 36.33 13.24
N TYR C 63 13.16 35.47 14.12
CA TYR C 63 13.94 34.32 14.58
C TYR C 63 13.95 33.25 13.49
N ILE C 64 15.12 32.71 13.21
CA ILE C 64 15.31 31.75 12.13
C ILE C 64 15.82 30.45 12.71
N ASN C 65 15.06 29.37 12.48
CA ASN C 65 15.49 28.00 12.79
C ASN C 65 14.92 27.12 11.67
N SER C 66 15.60 27.12 10.52
CA SER C 66 15.08 26.50 9.33
C SER C 66 16.18 25.75 8.59
N PRO C 67 15.86 24.59 8.01
CA PRO C 67 16.82 23.90 7.14
C PRO C 67 16.85 24.43 5.71
N GLY C 68 16.08 25.48 5.41
CA GLY C 68 15.98 25.99 4.06
C GLY C 68 14.73 25.49 3.36
N GLY C 69 14.78 25.38 2.04
CA GLY C 69 13.65 24.90 1.28
C GLY C 69 13.61 25.45 -0.13
N SER C 70 12.44 25.93 -0.56
CA SER C 70 12.27 26.41 -1.93
C SER C 70 12.95 27.76 -2.11
N ILE C 71 13.60 27.93 -3.25
CA ILE C 71 14.31 29.17 -3.53
C ILE C 71 13.33 30.31 -3.80
N THR C 72 12.35 30.07 -4.67
CA THR C 72 11.41 31.13 -5.02
C THR C 72 10.61 31.60 -3.81
N SER C 73 10.22 30.68 -2.94
CA SER C 73 9.56 31.07 -1.70
C SER C 73 10.49 31.86 -0.80
N GLY C 74 11.77 31.46 -0.74
CA GLY C 74 12.73 32.21 0.04
C GLY C 74 12.97 33.60 -0.50
N MET C 75 12.99 33.74 -1.83
CA MET C 75 13.17 35.07 -2.43
C MET C 75 11.96 35.96 -2.24
N ALA C 76 10.78 35.38 -1.97
CA ALA C 76 9.64 36.20 -1.58
C ALA C 76 9.85 36.81 -0.20
N ILE C 77 10.42 36.04 0.73
CA ILE C 77 10.76 36.58 2.03
C ILE C 77 11.88 37.60 1.90
N TYR C 78 12.92 37.27 1.14
CA TYR C 78 14.05 38.17 0.97
C TYR C 78 13.60 39.53 0.44
N ASP C 79 12.85 39.52 -0.67
CA ASP C 79 12.44 40.77 -1.29
C ASP C 79 11.51 41.57 -0.38
N THR C 80 10.64 40.88 0.36
CA THR C 80 9.74 41.58 1.28
C THR C 80 10.51 42.21 2.43
N MET C 81 11.59 41.56 2.89
CA MET C 81 12.40 42.13 3.96
C MET C 81 13.05 43.44 3.53
N GLN C 82 13.46 43.53 2.27
CA GLN C 82 14.01 44.78 1.76
C GLN C 82 12.93 45.76 1.31
N TYR C 83 11.74 45.26 0.97
CA TYR C 83 10.70 46.14 0.44
C TYR C 83 10.07 47.00 1.53
N ILE C 84 9.83 46.42 2.71
CA ILE C 84 9.11 47.15 3.75
C ILE C 84 10.03 48.20 4.38
N LYS C 85 9.39 49.18 5.03
CA LYS C 85 10.16 50.23 5.70
C LYS C 85 10.90 49.72 6.93
N PRO C 86 10.29 48.96 7.85
CA PRO C 86 10.99 48.60 9.08
C PRO C 86 12.25 47.79 8.83
N ASP C 87 13.23 47.97 9.71
CA ASP C 87 14.42 47.14 9.71
C ASP C 87 14.07 45.74 10.20
N VAL C 88 14.45 44.73 9.42
CA VAL C 88 14.20 43.34 9.79
C VAL C 88 15.50 42.78 10.36
N SER C 89 15.53 42.61 11.68
CA SER C 89 16.66 41.99 12.35
C SER C 89 16.43 40.48 12.40
N THR C 90 17.44 39.71 12.00
CA THR C 90 17.35 38.26 11.95
C THR C 90 18.19 37.65 13.07
N ILE C 91 17.63 36.65 13.74
CA ILE C 91 18.28 35.99 14.86
C ILE C 91 18.26 34.49 14.58
N CYS C 92 19.44 33.91 14.40
CA CYS C 92 19.57 32.48 14.15
C CYS C 92 19.60 31.73 15.48
N ILE C 93 18.69 30.78 15.64
CA ILE C 93 18.69 29.86 16.77
C ILE C 93 18.68 28.44 16.22
N GLY C 94 19.43 27.55 16.86
CA GLY C 94 19.49 26.18 16.41
C GLY C 94 20.23 25.98 15.10
N MET C 95 19.54 26.19 13.99
CA MET C 95 20.15 25.97 12.68
C MET C 95 19.58 26.95 11.66
N ALA C 96 20.47 27.50 10.83
CA ALA C 96 20.08 28.28 9.67
C ALA C 96 20.93 27.77 8.50
N ALA C 97 20.33 26.97 7.63
CA ALA C 97 21.04 26.34 6.53
C ALA C 97 20.37 26.70 5.20
N SER C 98 21.19 26.87 4.17
CA SER C 98 20.73 27.12 2.79
C SER C 98 19.91 28.40 2.77
N MET C 99 18.66 28.37 2.31
CA MET C 99 17.85 29.59 2.27
C MET C 99 17.65 30.17 3.67
N GLY C 100 17.71 29.31 4.70
CA GLY C 100 17.69 29.83 6.06
C GLY C 100 18.89 30.72 6.35
N ALA C 101 20.08 30.27 5.97
CA ALA C 101 21.27 31.09 6.15
C ALA C 101 21.25 32.30 5.22
N PHE C 102 20.74 32.13 4.00
CA PHE C 102 20.65 33.25 3.07
C PHE C 102 19.76 34.35 3.62
N LEU C 103 18.57 33.98 4.09
CA LEU C 103 17.68 34.97 4.70
C LEU C 103 18.23 35.48 6.02
N LEU C 104 19.00 34.65 6.73
CA LEU C 104 19.68 35.11 7.93
C LEU C 104 20.65 36.24 7.60
N ALA C 105 21.49 36.03 6.59
CA ALA C 105 22.41 37.07 6.13
C ALA C 105 21.69 38.26 5.51
N ALA C 106 20.39 38.16 5.28
CA ALA C 106 19.62 39.18 4.59
C ALA C 106 19.04 40.24 5.51
N GLY C 107 19.22 40.10 6.82
CA GLY C 107 18.70 41.08 7.76
C GLY C 107 19.39 42.43 7.63
N ALA C 108 18.85 43.41 8.34
CA ALA C 108 19.42 44.75 8.33
C ALA C 108 20.85 44.72 8.86
N LYS C 109 21.74 45.45 8.18
CA LYS C 109 23.15 45.43 8.54
C LYS C 109 23.34 45.90 9.98
N GLY C 110 24.19 45.18 10.72
CA GLY C 110 24.40 45.44 12.12
C GLY C 110 23.44 44.75 13.06
N LYS C 111 22.33 44.21 12.55
CA LYS C 111 21.30 43.60 13.38
C LYS C 111 21.09 42.13 13.07
N ARG C 112 22.06 41.48 12.44
CA ARG C 112 22.02 40.05 12.16
C ARG C 112 22.74 39.31 13.28
N LEU C 113 21.98 38.59 14.10
CA LEU C 113 22.50 37.95 15.30
C LEU C 113 22.46 36.43 15.17
N ALA C 114 23.14 35.77 16.10
CA ALA C 114 23.15 34.32 16.20
C ALA C 114 23.54 33.94 17.61
N LEU C 115 22.94 32.86 18.10
CA LEU C 115 23.23 32.37 19.44
C LEU C 115 24.46 31.46 19.41
N PRO C 116 25.14 31.30 20.55
CA PRO C 116 26.51 30.73 20.50
C PRO C 116 26.61 29.36 19.85
N ASN C 117 25.61 28.51 20.00
CA ASN C 117 25.68 27.14 19.50
C ASN C 117 24.78 26.91 18.29
N SER C 118 24.40 27.97 17.58
CA SER C 118 23.60 27.82 16.38
C SER C 118 24.47 27.38 15.22
N GLU C 119 23.89 26.56 14.34
CA GLU C 119 24.61 25.96 13.23
C GLU C 119 24.22 26.69 11.94
N ILE C 120 25.23 27.23 11.24
CA ILE C 120 25.02 27.95 9.99
C ILE C 120 25.67 27.15 8.87
N MET C 121 24.96 27.02 7.75
CA MET C 121 25.46 26.26 6.60
C MET C 121 25.01 26.93 5.32
N ILE C 122 25.94 27.06 4.36
CA ILE C 122 25.66 27.64 3.06
C ILE C 122 26.09 26.66 1.98
N HIS C 123 25.35 26.65 0.87
CA HIS C 123 25.71 25.83 -0.27
C HIS C 123 25.04 26.40 -1.52
N GLN C 124 25.29 25.76 -2.66
CA GLN C 124 24.75 26.19 -3.94
C GLN C 124 23.32 25.68 -4.12
N PRO C 125 22.58 26.28 -5.05
CA PRO C 125 21.17 25.88 -5.23
C PRO C 125 21.01 24.41 -5.59
N LEU C 126 19.92 23.82 -5.10
CA LEU C 126 19.49 22.49 -5.48
C LEU C 126 18.28 22.59 -6.40
N GLY C 127 18.18 21.64 -7.32
CA GLY C 127 17.07 21.65 -8.25
C GLY C 127 16.98 20.36 -9.02
N GLY C 128 16.26 20.42 -10.14
CA GLY C 128 16.09 19.24 -10.97
C GLY C 128 15.29 19.50 -12.23
N ALA C 129 15.71 18.86 -13.32
CA ALA C 129 15.00 18.94 -14.59
C ALA C 129 14.71 17.53 -15.08
N GLN C 130 13.60 17.38 -15.80
CA GLN C 130 13.21 16.09 -16.35
C GLN C 130 12.43 16.31 -17.64
N GLY C 131 12.76 15.52 -18.66
CA GLY C 131 12.03 15.60 -19.92
C GLY C 131 12.91 15.73 -21.15
N GLN C 132 12.45 16.51 -22.12
CA GLN C 132 13.19 16.69 -23.36
C GLN C 132 14.47 17.48 -23.12
N ALA C 133 15.50 17.17 -23.92
CA ALA C 133 16.79 17.84 -23.77
C ALA C 133 16.65 19.35 -23.90
N THR C 134 15.75 19.81 -24.77
CA THR C 134 15.52 21.25 -24.90
C THR C 134 15.00 21.85 -23.60
N ASP C 135 14.05 21.17 -22.95
CA ASP C 135 13.51 21.67 -21.69
C ASP C 135 14.53 21.56 -20.56
N ILE C 136 15.39 20.54 -20.59
CA ILE C 136 16.44 20.42 -19.58
C ILE C 136 17.42 21.59 -19.69
N GLU C 137 17.75 21.98 -20.93
CA GLU C 137 18.64 23.13 -21.11
C GLU C 137 18.01 24.41 -20.60
N ILE C 138 16.69 24.56 -20.76
CA ILE C 138 16.01 25.75 -20.27
C ILE C 138 16.07 25.81 -18.74
N HIS C 139 15.83 24.67 -18.08
CA HIS C 139 15.83 24.66 -16.62
C HIS C 139 17.23 24.69 -16.03
N ALA C 140 18.21 24.12 -16.72
CA ALA C 140 19.59 24.22 -16.25
C ALA C 140 20.11 25.65 -16.35
N LYS C 141 19.68 26.39 -17.37
CA LYS C 141 20.09 27.79 -17.47
C LYS C 141 19.43 28.65 -16.41
N ARG C 142 18.21 28.31 -16.01
CA ARG C 142 17.53 29.07 -14.96
C ARG C 142 18.21 28.86 -13.62
N ILE C 143 18.60 27.63 -13.30
CA ILE C 143 19.18 27.35 -11.98
C ILE C 143 20.60 27.92 -11.89
N LEU C 144 21.31 28.00 -13.02
CA LEU C 144 22.63 28.62 -12.98
C LEU C 144 22.51 30.13 -12.90
N LYS C 145 21.49 30.71 -13.53
CA LYS C 145 21.20 32.13 -13.35
C LYS C 145 20.88 32.43 -11.90
N ILE C 146 20.06 31.59 -11.26
CA ILE C 146 19.75 31.77 -9.85
C ILE C 146 21.00 31.59 -9.00
N LYS C 147 21.83 30.60 -9.33
CA LYS C 147 23.05 30.37 -8.57
C LYS C 147 23.98 31.59 -8.63
N GLU C 148 24.11 32.20 -9.81
CA GLU C 148 24.93 33.39 -9.92
C GLU C 148 24.29 34.57 -9.20
N THR C 149 22.95 34.66 -9.24
CA THR C 149 22.26 35.77 -8.58
C THR C 149 22.37 35.67 -7.06
N LEU C 150 22.26 34.45 -6.51
CA LEU C 150 22.32 34.28 -5.07
C LEU C 150 23.74 34.50 -4.55
N ASN C 151 24.75 34.06 -5.31
CA ASN C 151 26.13 34.29 -4.90
C ASN C 151 26.48 35.77 -4.92
N GLU C 152 25.93 36.51 -5.89
CA GLU C 152 26.19 37.94 -5.95
C GLU C 152 25.57 38.67 -4.75
N ILE C 153 24.35 38.28 -4.36
CA ILE C 153 23.72 38.89 -3.20
C ILE C 153 24.51 38.54 -1.93
N LEU C 154 24.91 37.27 -1.80
CA LEU C 154 25.72 36.88 -0.66
C LEU C 154 27.04 37.64 -0.64
N SER C 155 27.62 37.87 -1.82
CA SER C 155 28.83 38.68 -1.91
C SER C 155 28.60 40.09 -1.37
N GLU C 156 27.45 40.69 -1.71
CA GLU C 156 27.16 42.05 -1.26
C GLU C 156 26.95 42.12 0.24
N ARG C 157 26.26 41.12 0.81
CA ARG C 157 25.86 41.19 2.21
C ARG C 157 26.94 40.71 3.18
N THR C 158 27.95 39.99 2.70
CA THR C 158 29.00 39.49 3.58
C THR C 158 30.30 40.26 3.47
N GLY C 159 30.51 40.98 2.36
CA GLY C 159 31.79 41.61 2.10
C GLY C 159 32.82 40.70 1.48
N GLN C 160 32.53 39.40 1.36
CA GLN C 160 33.48 38.48 0.77
C GLN C 160 33.52 38.68 -0.76
N PRO C 161 34.69 38.49 -1.37
CA PRO C 161 34.77 38.57 -2.83
C PRO C 161 33.89 37.52 -3.48
N LEU C 162 33.36 37.85 -4.66
CA LEU C 162 32.44 36.95 -5.34
C LEU C 162 33.07 35.60 -5.63
N GLU C 163 34.34 35.61 -6.08
CA GLU C 163 35.01 34.35 -6.40
C GLU C 163 35.17 33.46 -5.17
N LYS C 164 35.29 34.07 -3.98
CA LYS C 164 35.39 33.27 -2.77
C LYS C 164 34.04 32.68 -2.37
N ILE C 165 32.95 33.42 -2.62
CA ILE C 165 31.62 32.91 -2.32
C ILE C 165 31.34 31.67 -3.14
N LYS C 166 31.61 31.72 -4.44
CA LYS C 166 31.40 30.56 -5.30
C LYS C 166 32.22 29.36 -4.81
N MET C 167 33.45 29.61 -4.37
CA MET C 167 34.33 28.53 -3.93
C MET C 167 33.80 27.87 -2.66
N ASP C 168 33.38 28.67 -1.69
CA ASP C 168 32.97 28.15 -0.39
C ASP C 168 31.56 27.57 -0.39
N THR C 169 30.83 27.66 -1.49
CA THR C 169 29.45 27.16 -1.55
C THR C 169 29.26 26.03 -2.55
N GLU C 170 30.31 25.56 -3.22
CA GLU C 170 30.14 24.45 -4.15
C GLU C 170 29.70 23.19 -3.42
N ARG C 171 30.12 23.01 -2.17
CA ARG C 171 29.67 21.92 -1.33
C ARG C 171 29.19 22.49 0.00
N ASP C 172 28.58 21.63 0.82
CA ASP C 172 28.07 22.04 2.12
C ASP C 172 29.18 22.67 2.95
N ASN C 173 28.92 23.85 3.49
CA ASN C 173 29.88 24.58 4.31
C ASN C 173 29.23 24.89 5.66
N PHE C 174 29.53 24.06 6.66
CA PHE C 174 29.03 24.26 8.01
C PHE C 174 29.97 25.18 8.77
N MET C 175 29.39 26.16 9.47
CA MET C 175 30.16 27.12 10.23
C MET C 175 29.62 27.23 11.65
N SER C 176 30.49 27.62 12.57
CA SER C 176 30.07 27.96 13.92
C SER C 176 29.39 29.33 13.91
N ALA C 177 28.80 29.68 15.05
CA ALA C 177 28.26 31.03 15.20
C ALA C 177 29.37 32.07 15.06
N LEU C 178 30.55 31.78 15.63
CA LEU C 178 31.67 32.71 15.51
C LEU C 178 32.25 32.68 14.10
N GLU C 179 32.27 31.51 13.46
CA GLU C 179 32.76 31.42 12.09
C GLU C 179 31.85 32.17 11.13
N ALA C 180 30.54 32.15 11.38
CA ALA C 180 29.62 32.92 10.55
C ALA C 180 29.82 34.42 10.75
N LYS C 181 30.16 34.85 11.97
CA LYS C 181 30.43 36.27 12.20
C LYS C 181 31.68 36.71 11.46
N GLU C 182 32.73 35.90 11.49
CA GLU C 182 33.95 36.24 10.77
C GLU C 182 33.75 36.20 9.26
N TYR C 183 32.92 35.27 8.78
CA TYR C 183 32.66 35.17 7.35
C TYR C 183 31.85 36.36 6.83
N GLY C 184 31.09 37.03 7.70
CA GLY C 184 30.28 38.15 7.30
C GLY C 184 28.79 37.86 7.17
N LEU C 185 28.38 36.61 7.35
CA LEU C 185 26.95 36.28 7.34
C LEU C 185 26.24 36.85 8.55
N ILE C 186 26.97 37.11 9.64
CA ILE C 186 26.38 37.46 10.93
C ILE C 186 27.17 38.63 11.51
N ASP C 187 26.46 39.51 12.21
CA ASP C 187 27.09 40.68 12.82
C ASP C 187 27.51 40.43 14.27
N GLU C 188 26.71 39.69 15.04
CA GLU C 188 26.97 39.53 16.47
C GLU C 188 26.65 38.11 16.92
N VAL C 189 27.34 37.67 17.97
CA VAL C 189 27.08 36.39 18.63
C VAL C 189 26.97 36.69 20.12
N PHE C 190 25.77 36.56 20.68
CA PHE C 190 25.50 36.91 22.06
C PHE C 190 25.19 35.65 22.86
N THR C 191 25.88 35.48 23.99
CA THR C 191 25.54 34.39 24.90
C THR C 191 24.32 34.73 25.73
N LYS C 192 24.35 35.86 26.42
CA LYS C 192 23.21 36.36 27.18
C LYS C 192 22.71 37.65 26.55
N ARG C 193 21.47 38.00 26.89
CA ARG C 193 20.88 39.23 26.39
C ARG C 193 21.50 40.42 27.13
N PRO C 194 22.13 41.36 26.42
CA PRO C 194 22.78 42.53 27.05
C PRO C 194 21.80 43.46 27.73
N VAL D 4 -1.11 29.52 11.59
CA VAL D 4 -1.42 30.85 11.08
C VAL D 4 -1.78 31.77 12.25
N PRO D 5 -1.10 32.90 12.34
CA PRO D 5 -1.22 33.76 13.53
C PRO D 5 -2.60 34.40 13.62
N VAL D 6 -2.85 35.02 14.78
CA VAL D 6 -4.13 35.64 15.11
C VAL D 6 -3.87 37.04 15.64
N VAL D 7 -4.62 38.02 15.13
CA VAL D 7 -4.49 39.40 15.58
C VAL D 7 -5.66 39.78 16.47
N TYR D 18 -9.28 39.05 11.78
CA TYR D 18 -8.95 38.36 13.03
C TYR D 18 -7.65 37.58 12.88
N ASP D 19 -7.60 36.66 11.91
CA ASP D 19 -6.35 35.99 11.58
C ASP D 19 -5.51 36.91 10.70
N ILE D 20 -4.30 36.46 10.36
CA ILE D 20 -3.33 37.35 9.73
C ILE D 20 -3.80 37.77 8.34
N PHE D 21 -4.40 36.86 7.58
CA PHE D 21 -4.87 37.21 6.25
C PHE D 21 -6.19 37.97 6.29
N SER D 22 -7.04 37.70 7.27
CA SER D 22 -8.24 38.51 7.43
C SER D 22 -7.91 39.91 7.90
N ARG D 23 -6.83 40.06 8.70
CA ARG D 23 -6.42 41.39 9.14
C ARG D 23 -5.96 42.24 7.96
N LEU D 24 -5.14 41.66 7.09
CA LEU D 24 -4.70 42.38 5.89
C LEU D 24 -5.80 42.51 4.85
N LEU D 25 -6.87 41.71 4.96
CA LEU D 25 -8.00 41.87 4.05
C LEU D 25 -8.73 43.18 4.31
N LYS D 26 -8.69 43.68 5.55
CA LYS D 26 -9.30 44.96 5.85
C LYS D 26 -8.60 46.13 5.16
N ASP D 27 -7.33 45.97 4.79
CA ASP D 27 -6.62 46.95 4.00
C ASP D 27 -6.69 46.65 2.50
N ARG D 28 -7.67 45.85 2.09
CA ARG D 28 -7.89 45.52 0.68
C ARG D 28 -6.69 44.80 0.08
N ILE D 29 -6.13 43.85 0.83
CA ILE D 29 -4.99 43.05 0.39
C ILE D 29 -5.43 41.60 0.29
N ILE D 30 -5.23 41.01 -0.88
CA ILE D 30 -5.57 39.61 -1.13
C ILE D 30 -4.28 38.87 -1.50
N PHE D 31 -4.22 37.59 -1.12
CA PHE D 31 -3.03 36.79 -1.32
C PHE D 31 -3.36 35.58 -2.19
N LEU D 32 -2.72 35.49 -3.35
CA LEU D 32 -2.72 34.27 -4.16
C LEU D 32 -1.34 33.63 -3.99
N GLY D 33 -1.20 32.86 -2.91
CA GLY D 33 0.08 32.27 -2.56
C GLY D 33 0.11 30.76 -2.65
N ASP D 34 -0.83 30.18 -3.41
CA ASP D 34 -0.92 28.75 -3.57
C ASP D 34 -1.20 28.44 -5.03
N GLN D 35 -1.25 27.14 -5.35
CA GLN D 35 -1.65 26.71 -6.68
C GLN D 35 -3.05 27.20 -6.99
N VAL D 36 -3.28 27.54 -8.26
CA VAL D 36 -4.58 28.04 -8.70
C VAL D 36 -5.50 26.85 -8.95
N ASN D 37 -6.45 26.62 -8.05
CA ASN D 37 -7.46 25.59 -8.19
C ASN D 37 -8.82 26.18 -7.85
N ASP D 38 -9.86 25.35 -7.94
CA ASP D 38 -11.21 25.81 -7.66
C ASP D 38 -11.35 26.30 -6.23
N ALA D 39 -10.63 25.68 -5.29
CA ALA D 39 -10.69 26.11 -3.90
C ALA D 39 -10.04 27.48 -3.72
N THR D 40 -8.85 27.67 -4.29
CA THR D 40 -8.17 28.95 -4.15
C THR D 40 -8.84 30.04 -4.98
N ALA D 41 -9.35 29.68 -6.16
CA ALA D 41 -10.03 30.67 -6.99
C ALA D 41 -11.34 31.13 -6.34
N GLY D 42 -12.10 30.20 -5.77
CA GLY D 42 -13.32 30.57 -5.08
C GLY D 42 -13.09 31.56 -3.95
N LEU D 43 -11.93 31.48 -3.29
CA LEU D 43 -11.61 32.43 -2.25
C LEU D 43 -11.21 33.79 -2.81
N ILE D 44 -10.41 33.79 -3.89
CA ILE D 44 -10.02 35.05 -4.52
C ILE D 44 -11.25 35.78 -5.05
N VAL D 45 -12.13 35.04 -5.74
CA VAL D 45 -13.35 35.65 -6.27
C VAL D 45 -14.20 36.22 -5.15
N ALA D 46 -14.37 35.46 -4.06
CA ALA D 46 -15.16 35.94 -2.94
C ALA D 46 -14.53 37.16 -2.28
N GLN D 47 -13.19 37.19 -2.22
CA GLN D 47 -12.51 38.35 -1.65
C GLN D 47 -12.62 39.57 -2.58
N LEU D 48 -12.59 39.34 -3.89
CA LEU D 48 -12.72 40.44 -4.84
C LEU D 48 -14.11 41.05 -4.79
N LEU D 49 -15.15 40.21 -4.84
CA LEU D 49 -16.52 40.72 -4.81
C LEU D 49 -16.82 41.41 -3.49
N PHE D 50 -16.27 40.88 -2.39
CA PHE D 50 -16.49 41.51 -1.08
C PHE D 50 -15.82 42.88 -1.00
N LEU D 51 -14.61 43.00 -1.54
CA LEU D 51 -13.92 44.29 -1.52
C LEU D 51 -14.64 45.32 -2.38
N GLU D 52 -15.20 44.88 -3.51
CA GLU D 52 -16.00 45.78 -4.33
C GLU D 52 -17.25 46.23 -3.59
N ALA D 53 -17.83 45.35 -2.77
CA ALA D 53 -19.02 45.71 -2.00
C ALA D 53 -18.68 46.66 -0.85
N GLU D 54 -17.46 46.56 -0.30
CA GLU D 54 -17.06 47.49 0.75
C GLU D 54 -16.77 48.87 0.20
N ASP D 55 -16.10 48.94 -0.95
CA ASP D 55 -15.77 50.21 -1.59
C ASP D 55 -15.48 49.98 -3.07
N PRO D 56 -16.38 50.39 -3.97
CA PRO D 56 -16.20 50.12 -5.39
C PRO D 56 -15.20 51.03 -6.10
N ASP D 57 -14.47 51.88 -5.38
CA ASP D 57 -13.54 52.81 -6.00
C ASP D 57 -12.11 52.71 -5.48
N LYS D 58 -11.90 52.18 -4.27
CA LYS D 58 -10.55 52.04 -3.75
C LYS D 58 -9.84 50.86 -4.37
N ASP D 59 -8.53 51.00 -4.56
CA ASP D 59 -7.73 49.97 -5.21
C ASP D 59 -7.74 48.68 -4.42
N ILE D 60 -7.47 47.58 -5.11
CA ILE D 60 -7.32 46.27 -4.51
C ILE D 60 -5.91 45.76 -4.80
N HIS D 61 -5.23 45.29 -3.77
CA HIS D 61 -3.85 44.82 -3.89
C HIS D 61 -3.84 43.30 -3.77
N LEU D 62 -3.45 42.64 -4.85
CA LEU D 62 -3.43 41.17 -4.93
C LEU D 62 -1.99 40.71 -5.08
N TYR D 63 -1.39 40.28 -3.97
CA TYR D 63 -0.07 39.68 -4.03
C TYR D 63 -0.16 38.30 -4.67
N ILE D 64 0.83 37.96 -5.50
CA ILE D 64 0.82 36.71 -6.25
C ILE D 64 2.14 35.99 -6.03
N ASN D 65 2.07 34.79 -5.45
CA ASN D 65 3.21 33.87 -5.35
C ASN D 65 2.65 32.49 -5.66
N SER D 66 2.56 32.16 -6.96
CA SER D 66 1.86 30.97 -7.37
C SER D 66 2.52 30.31 -8.57
N PRO D 67 2.60 28.98 -8.59
CA PRO D 67 3.08 28.28 -9.79
C PRO D 67 2.02 28.09 -10.86
N GLY D 68 0.81 28.60 -10.63
CA GLY D 68 -0.27 28.43 -11.58
C GLY D 68 -1.22 27.31 -11.17
N GLY D 69 -1.90 26.74 -12.16
CA GLY D 69 -2.82 25.65 -11.89
C GLY D 69 -3.83 25.44 -13.01
N SER D 70 -5.09 25.26 -12.63
CA SER D 70 -6.13 25.01 -13.61
C SER D 70 -6.50 26.31 -14.35
N ILE D 71 -6.69 26.19 -15.66
CA ILE D 71 -6.96 27.36 -16.48
C ILE D 71 -8.34 27.93 -16.17
N THR D 72 -9.35 27.07 -16.10
CA THR D 72 -10.71 27.54 -15.83
C THR D 72 -10.79 28.20 -14.46
N SER D 73 -10.12 27.62 -13.46
CA SER D 73 -10.04 28.28 -12.16
C SER D 73 -9.35 29.63 -12.28
N GLY D 74 -8.34 29.72 -13.14
CA GLY D 74 -7.65 30.99 -13.32
C GLY D 74 -8.48 32.01 -14.07
N MET D 75 -9.21 31.57 -15.10
CA MET D 75 -10.04 32.50 -15.86
C MET D 75 -11.18 33.06 -15.02
N ALA D 76 -11.64 32.31 -14.00
CA ALA D 76 -12.62 32.86 -13.07
C ALA D 76 -12.03 34.05 -12.32
N ILE D 77 -10.77 33.96 -11.92
CA ILE D 77 -10.11 35.09 -11.26
C ILE D 77 -9.90 36.22 -12.27
N TYR D 78 -9.44 35.88 -13.47
CA TYR D 78 -9.21 36.90 -14.50
C TYR D 78 -10.48 37.69 -14.78
N ASP D 79 -11.57 36.98 -15.13
CA ASP D 79 -12.80 37.66 -15.50
C ASP D 79 -13.36 38.50 -14.36
N THR D 80 -13.28 37.98 -13.12
CA THR D 80 -13.72 38.76 -11.98
C THR D 80 -12.87 40.01 -11.79
N MET D 81 -11.57 39.94 -12.09
CA MET D 81 -10.70 41.10 -11.96
C MET D 81 -11.14 42.22 -12.90
N GLN D 82 -11.58 41.87 -14.11
CA GLN D 82 -12.07 42.89 -15.03
C GLN D 82 -13.53 43.24 -14.78
N TYR D 83 -14.29 42.32 -14.16
CA TYR D 83 -15.72 42.56 -13.97
C TYR D 83 -15.98 43.57 -12.86
N ILE D 84 -15.21 43.49 -11.77
CA ILE D 84 -15.43 44.38 -10.64
C ILE D 84 -14.94 45.79 -10.98
N LYS D 85 -15.50 46.78 -10.27
CA LYS D 85 -15.21 48.19 -10.52
C LYS D 85 -13.82 48.60 -10.04
N PRO D 86 -13.38 48.22 -8.82
CA PRO D 86 -12.08 48.70 -8.35
C PRO D 86 -10.93 48.18 -9.20
N ASP D 87 -9.89 49.02 -9.32
CA ASP D 87 -8.65 48.59 -9.95
C ASP D 87 -7.99 47.52 -9.10
N VAL D 88 -7.60 46.42 -9.75
CA VAL D 88 -6.96 45.30 -9.06
C VAL D 88 -5.47 45.38 -9.35
N SER D 89 -4.70 45.83 -8.35
CA SER D 89 -3.25 45.89 -8.46
C SER D 89 -2.66 44.52 -8.17
N THR D 90 -1.71 44.08 -9.00
CA THR D 90 -1.07 42.79 -8.85
C THR D 90 0.41 42.97 -8.51
N ILE D 91 0.83 42.37 -7.42
CA ILE D 91 2.22 42.43 -6.96
C ILE D 91 2.76 41.01 -6.93
N CYS D 92 3.84 40.78 -7.67
CA CYS D 92 4.50 39.48 -7.70
C CYS D 92 5.58 39.42 -6.63
N ILE D 93 5.47 38.43 -5.75
CA ILE D 93 6.53 38.09 -4.79
C ILE D 93 6.94 36.65 -5.05
N GLY D 94 8.24 36.40 -5.00
CA GLY D 94 8.74 35.04 -5.16
C GLY D 94 8.66 34.49 -6.56
N MET D 95 7.47 34.06 -6.98
CA MET D 95 7.31 33.41 -8.28
C MET D 95 5.87 33.57 -8.77
N ALA D 96 5.72 33.82 -10.07
CA ALA D 96 4.42 33.78 -10.74
C ALA D 96 4.62 33.06 -12.07
N ALA D 97 4.20 31.79 -12.12
CA ALA D 97 4.37 30.95 -13.29
C ALA D 97 3.03 30.51 -13.83
N SER D 98 2.96 30.34 -15.15
CA SER D 98 1.79 29.82 -15.86
C SER D 98 0.61 30.73 -15.56
N MET D 99 -0.50 30.23 -14.98
CA MET D 99 -1.64 31.09 -14.71
C MET D 99 -1.31 32.19 -13.71
N GLY D 100 -0.32 31.94 -12.83
CA GLY D 100 0.13 33.00 -11.94
C GLY D 100 0.69 34.19 -12.69
N ALA D 101 1.47 33.92 -13.74
CA ALA D 101 1.97 35.00 -14.58
C ALA D 101 0.85 35.63 -15.40
N PHE D 102 -0.10 34.80 -15.87
CA PHE D 102 -1.24 35.32 -16.62
C PHE D 102 -2.07 36.27 -15.78
N LEU D 103 -2.35 35.90 -14.52
CA LEU D 103 -3.10 36.77 -13.64
C LEU D 103 -2.29 38.00 -13.24
N LEU D 104 -0.96 37.88 -13.24
CA LEU D 104 -0.12 39.02 -12.91
C LEU D 104 -0.22 40.10 -13.97
N ALA D 105 -0.22 39.71 -15.25
CA ALA D 105 -0.40 40.65 -16.34
C ALA D 105 -1.83 41.16 -16.45
N ALA D 106 -2.76 40.55 -15.72
CA ALA D 106 -4.17 40.91 -15.77
C ALA D 106 -4.53 42.08 -14.86
N GLY D 107 -3.60 42.55 -14.04
CA GLY D 107 -3.86 43.68 -13.18
C GLY D 107 -4.12 44.95 -13.97
N ALA D 108 -4.62 45.95 -13.26
CA ALA D 108 -4.92 47.24 -13.89
C ALA D 108 -3.66 47.81 -14.53
N LYS D 109 -3.84 48.42 -15.71
CA LYS D 109 -2.71 48.97 -16.45
C LYS D 109 -2.01 50.05 -15.62
N GLY D 110 -0.71 49.88 -15.44
CA GLY D 110 0.09 50.79 -14.64
C GLY D 110 0.29 50.37 -13.20
N LYS D 111 -0.46 49.39 -12.72
CA LYS D 111 -0.40 48.97 -11.32
C LYS D 111 -0.01 47.49 -11.20
N ARG D 112 0.76 46.98 -12.16
CA ARG D 112 1.32 45.63 -12.09
C ARG D 112 2.78 45.75 -11.67
N LEU D 113 3.09 45.27 -10.47
CA LEU D 113 4.40 45.43 -9.87
C LEU D 113 5.01 44.08 -9.55
N ALA D 114 6.34 44.07 -9.37
CA ALA D 114 7.06 42.87 -9.00
C ALA D 114 8.34 43.26 -8.29
N LEU D 115 8.67 42.53 -7.23
CA LEU D 115 9.88 42.78 -6.47
C LEU D 115 11.10 42.29 -7.25
N PRO D 116 12.30 42.82 -6.95
CA PRO D 116 13.43 42.65 -7.89
C PRO D 116 13.79 41.21 -8.19
N ASN D 117 13.75 40.32 -7.20
CA ASN D 117 14.16 38.94 -7.37
C ASN D 117 12.99 38.01 -7.69
N SER D 118 11.87 38.56 -8.15
CA SER D 118 10.73 37.75 -8.55
C SER D 118 11.10 36.90 -9.77
N GLU D 119 10.38 35.79 -9.92
CA GLU D 119 10.56 34.89 -11.06
C GLU D 119 9.23 34.74 -11.78
N ILE D 120 9.20 35.13 -13.04
CA ILE D 120 8.00 35.06 -13.87
C ILE D 120 8.26 34.07 -14.99
N MET D 121 7.28 33.20 -15.25
CA MET D 121 7.41 32.18 -16.29
C MET D 121 6.10 32.04 -17.03
N ILE D 122 6.16 32.15 -18.36
CA ILE D 122 4.99 31.96 -19.22
C ILE D 122 5.25 30.78 -20.14
N HIS D 123 4.19 30.07 -20.49
CA HIS D 123 4.27 28.96 -21.44
C HIS D 123 2.88 28.71 -22.01
N GLN D 124 2.75 27.64 -22.77
CA GLN D 124 1.48 27.26 -23.39
C GLN D 124 0.69 26.35 -22.46
N PRO D 125 -0.63 26.24 -22.69
CA PRO D 125 -1.46 25.43 -21.79
C PRO D 125 -1.04 23.98 -21.77
N LEU D 126 -1.30 23.33 -20.64
CA LEU D 126 -1.09 21.91 -20.45
C LEU D 126 -2.43 21.22 -20.20
N GLY D 127 -2.53 19.98 -20.67
CA GLY D 127 -3.77 19.26 -20.50
C GLY D 127 -3.63 17.81 -20.91
N GLY D 128 -4.77 17.17 -21.13
CA GLY D 128 -4.77 15.78 -21.50
C GLY D 128 -6.09 15.36 -22.08
N ALA D 129 -6.10 14.15 -22.63
CA ALA D 129 -7.31 13.56 -23.20
C ALA D 129 -7.06 12.06 -23.36
N GLN D 130 -8.02 11.25 -22.92
CA GLN D 130 -7.92 9.80 -23.01
C GLN D 130 -9.28 9.22 -23.36
N GLY D 131 -9.32 8.40 -24.39
CA GLY D 131 -10.56 7.75 -24.78
C GLY D 131 -10.61 7.57 -26.29
N GLN D 132 -11.82 7.70 -26.84
CA GLN D 132 -12.02 7.54 -28.26
C GLN D 132 -11.35 8.66 -29.04
N ALA D 133 -10.97 8.36 -30.28
CA ALA D 133 -10.32 9.36 -31.13
C ALA D 133 -11.21 10.57 -31.33
N THR D 134 -12.53 10.37 -31.43
CA THR D 134 -13.45 11.49 -31.56
C THR D 134 -13.42 12.37 -30.32
N ASP D 135 -13.42 11.75 -29.14
CA ASP D 135 -13.34 12.52 -27.91
C ASP D 135 -11.99 13.21 -27.79
N ILE D 136 -10.91 12.54 -28.21
CA ILE D 136 -9.59 13.15 -28.18
C ILE D 136 -9.55 14.39 -29.07
N GLU D 137 -10.21 14.31 -30.23
CA GLU D 137 -10.26 15.46 -31.13
C GLU D 137 -11.04 16.61 -30.52
N ILE D 138 -12.16 16.31 -29.87
CA ILE D 138 -12.96 17.35 -29.23
C ILE D 138 -12.14 18.10 -28.19
N HIS D 139 -11.41 17.36 -27.36
CA HIS D 139 -10.63 17.99 -26.31
C HIS D 139 -9.36 18.63 -26.83
N ALA D 140 -8.83 18.13 -27.96
CA ALA D 140 -7.68 18.78 -28.58
C ALA D 140 -8.06 20.12 -29.18
N LYS D 141 -9.21 20.18 -29.86
CA LYS D 141 -9.70 21.46 -30.37
C LYS D 141 -9.94 22.45 -29.23
N ARG D 142 -10.38 21.96 -28.07
CA ARG D 142 -10.64 22.84 -26.94
C ARG D 142 -9.36 23.42 -26.38
N ILE D 143 -8.34 22.59 -26.17
CA ILE D 143 -7.09 23.09 -25.61
C ILE D 143 -6.38 24.01 -26.60
N LEU D 144 -6.55 23.79 -27.90
CA LEU D 144 -5.96 24.69 -28.88
C LEU D 144 -6.70 26.02 -28.91
N LYS D 145 -8.02 25.99 -28.81
CA LYS D 145 -8.79 27.23 -28.74
C LYS D 145 -8.51 27.99 -27.46
N ILE D 146 -8.33 27.28 -26.35
CA ILE D 146 -7.93 27.92 -25.09
C ILE D 146 -6.55 28.55 -25.25
N LYS D 147 -5.64 27.85 -25.92
CA LYS D 147 -4.30 28.39 -26.14
C LYS D 147 -4.33 29.67 -26.94
N GLU D 148 -5.15 29.71 -27.99
CA GLU D 148 -5.25 30.92 -28.81
C GLU D 148 -5.87 32.06 -28.01
N THR D 149 -6.86 31.76 -27.16
CA THR D 149 -7.51 32.80 -26.37
C THR D 149 -6.54 33.43 -25.38
N LEU D 150 -5.75 32.61 -24.69
CA LEU D 150 -4.79 33.13 -23.73
C LEU D 150 -3.72 33.97 -24.42
N ASN D 151 -3.28 33.54 -25.60
CA ASN D 151 -2.27 34.29 -26.33
C ASN D 151 -2.82 35.64 -26.79
N GLU D 152 -4.07 35.67 -27.27
CA GLU D 152 -4.68 36.93 -27.65
C GLU D 152 -4.78 37.88 -26.45
N ILE D 153 -5.22 37.37 -25.31
CA ILE D 153 -5.29 38.18 -24.11
C ILE D 153 -3.90 38.67 -23.71
N LEU D 154 -2.93 37.77 -23.71
CA LEU D 154 -1.56 38.14 -23.33
C LEU D 154 -1.01 39.22 -24.26
N SER D 155 -1.29 39.10 -25.56
CA SER D 155 -0.80 40.09 -26.52
C SER D 155 -1.49 41.44 -26.31
N GLU D 156 -2.77 41.42 -25.98
CA GLU D 156 -3.49 42.68 -25.75
C GLU D 156 -2.98 43.39 -24.51
N ARG D 157 -2.64 42.63 -23.47
CA ARG D 157 -2.25 43.25 -22.20
C ARG D 157 -0.78 43.64 -22.17
N THR D 158 0.06 42.97 -22.95
CA THR D 158 1.48 43.30 -23.00
C THR D 158 1.85 44.24 -24.14
N GLY D 159 1.06 44.25 -25.22
CA GLY D 159 1.36 45.05 -26.38
C GLY D 159 2.14 44.33 -27.47
N GLN D 160 2.70 43.16 -27.18
CA GLN D 160 3.43 42.42 -28.18
C GLN D 160 2.48 41.89 -29.25
N PRO D 161 2.98 41.68 -30.47
CA PRO D 161 2.13 41.07 -31.51
C PRO D 161 1.76 39.65 -31.13
N LEU D 162 0.60 39.20 -31.64
CA LEU D 162 0.14 37.85 -31.35
C LEU D 162 1.13 36.80 -31.80
N GLU D 163 1.79 37.04 -32.95
CA GLU D 163 2.74 36.05 -33.47
C GLU D 163 3.97 35.93 -32.58
N LYS D 164 4.33 36.99 -31.86
CA LYS D 164 5.46 36.91 -30.95
C LYS D 164 5.11 36.17 -29.67
N ILE D 165 3.91 36.40 -29.14
CA ILE D 165 3.47 35.70 -27.94
C ILE D 165 3.42 34.20 -28.19
N LYS D 166 2.91 33.79 -29.35
CA LYS D 166 2.83 32.37 -29.67
C LYS D 166 4.21 31.73 -29.70
N MET D 167 5.20 32.43 -30.24
CA MET D 167 6.55 31.87 -30.33
C MET D 167 7.21 31.78 -28.97
N ASP D 168 7.04 32.81 -28.13
CA ASP D 168 7.73 32.87 -26.85
C ASP D 168 7.16 31.93 -25.80
N THR D 169 5.95 31.39 -26.02
CA THR D 169 5.32 30.52 -25.04
C THR D 169 5.29 29.05 -25.46
N GLU D 170 5.94 28.70 -26.57
CA GLU D 170 5.95 27.31 -27.01
C GLU D 170 6.63 26.40 -26.00
N ARG D 171 7.59 26.93 -25.24
CA ARG D 171 8.25 26.20 -24.17
C ARG D 171 8.34 27.11 -22.95
N ASP D 172 8.85 26.56 -21.85
CA ASP D 172 8.97 27.32 -20.61
C ASP D 172 9.86 28.55 -20.83
N ASN D 173 9.32 29.71 -20.52
CA ASN D 173 10.01 30.99 -20.73
C ASN D 173 10.16 31.69 -19.39
N PHE D 174 11.33 31.52 -18.77
CA PHE D 174 11.63 32.14 -17.48
C PHE D 174 12.15 33.56 -17.69
N MET D 175 11.67 34.48 -16.85
CA MET D 175 12.05 35.88 -16.96
C MET D 175 12.33 36.44 -15.57
N SER D 176 13.32 37.33 -15.50
CA SER D 176 13.53 38.12 -14.29
C SER D 176 12.46 39.20 -14.21
N ALA D 177 12.41 39.87 -13.05
CA ALA D 177 11.45 40.95 -12.86
C ALA D 177 11.65 42.06 -13.89
N LEU D 178 12.91 42.45 -14.11
CA LEU D 178 13.20 43.48 -15.11
C LEU D 178 12.84 43.01 -16.51
N GLU D 179 13.09 41.73 -16.80
CA GLU D 179 12.77 41.19 -18.12
C GLU D 179 11.26 41.13 -18.34
N ALA D 180 10.50 40.78 -17.30
CA ALA D 180 9.05 40.81 -17.41
C ALA D 180 8.53 42.23 -17.58
N LYS D 181 9.24 43.22 -17.04
CA LYS D 181 8.88 44.61 -17.27
C LYS D 181 9.09 45.00 -18.71
N GLU D 182 10.25 44.68 -19.27
CA GLU D 182 10.52 44.96 -20.68
C GLU D 182 9.54 44.24 -21.60
N TYR D 183 9.02 43.09 -21.15
CA TYR D 183 8.08 42.33 -21.98
C TYR D 183 6.71 42.99 -22.00
N GLY D 184 6.33 43.67 -20.93
CA GLY D 184 4.99 44.21 -20.78
C GLY D 184 4.09 43.44 -19.84
N LEU D 185 4.61 42.42 -19.18
CA LEU D 185 3.80 41.67 -18.22
C LEU D 185 3.51 42.48 -16.98
N ILE D 186 4.52 43.20 -16.48
CA ILE D 186 4.35 44.09 -15.33
C ILE D 186 4.65 45.51 -15.78
N ASP D 187 4.49 46.47 -14.86
CA ASP D 187 4.75 47.87 -15.16
C ASP D 187 5.93 48.45 -14.39
N GLU D 188 6.16 48.01 -13.16
CA GLU D 188 7.21 48.56 -12.32
C GLU D 188 7.93 47.43 -11.59
N VAL D 189 9.16 47.71 -11.19
CA VAL D 189 9.96 46.83 -10.33
C VAL D 189 10.53 47.70 -9.22
N PHE D 190 10.00 47.54 -8.01
CA PHE D 190 10.42 48.34 -6.86
C PHE D 190 11.28 47.50 -5.93
N THR D 191 12.42 48.06 -5.52
CA THR D 191 13.21 47.45 -4.45
C THR D 191 12.69 47.90 -3.09
N LYS D 192 12.66 49.21 -2.86
CA LYS D 192 12.09 49.80 -1.66
C LYS D 192 10.65 50.21 -1.92
N ARG D 193 9.87 50.32 -0.85
CA ARG D 193 8.52 50.83 -0.96
C ARG D 193 8.57 52.33 -1.22
N PRO D 194 7.97 52.83 -2.31
CA PRO D 194 8.01 54.24 -2.70
C PRO D 194 7.48 55.19 -1.62
N VAL E 4 -9.81 30.15 4.91
CA VAL E 4 -11.03 30.92 4.69
C VAL E 4 -10.98 32.22 5.48
N PRO E 5 -11.04 33.35 4.78
CA PRO E 5 -10.96 34.65 5.46
C PRO E 5 -12.18 34.91 6.33
N VAL E 6 -12.00 35.79 7.30
CA VAL E 6 -13.03 36.16 8.25
C VAL E 6 -13.29 37.67 8.15
N VAL E 7 -14.57 38.05 8.13
CA VAL E 7 -14.96 39.44 8.08
C VAL E 7 -15.79 39.80 9.31
N SER E 17 -22.11 35.87 9.69
CA SER E 17 -21.61 36.92 8.80
C SER E 17 -20.14 37.20 9.04
N TYR E 18 -19.37 36.15 9.32
CA TYR E 18 -17.95 36.29 9.63
C TYR E 18 -17.06 35.74 8.54
N ASP E 19 -17.18 34.46 8.18
CA ASP E 19 -16.40 33.95 7.06
C ASP E 19 -16.87 34.61 5.77
N ILE E 20 -15.97 34.63 4.78
CA ILE E 20 -16.18 35.45 3.60
C ILE E 20 -17.44 35.03 2.85
N PHE E 21 -17.76 33.73 2.86
CA PHE E 21 -18.92 33.26 2.12
C PHE E 21 -20.21 33.59 2.86
N SER E 22 -20.20 33.55 4.19
CA SER E 22 -21.37 33.96 4.96
C SER E 22 -21.58 35.47 4.87
N ARG E 23 -20.51 36.24 4.70
CA ARG E 23 -20.67 37.68 4.52
C ARG E 23 -21.33 38.00 3.20
N LEU E 24 -20.91 37.33 2.12
CA LEU E 24 -21.57 37.53 0.83
C LEU E 24 -22.96 36.91 0.83
N LEU E 25 -23.19 35.90 1.67
CA LEU E 25 -24.53 35.34 1.81
C LEU E 25 -25.50 36.38 2.36
N LYS E 26 -25.00 37.35 3.12
CA LYS E 26 -25.85 38.46 3.57
C LYS E 26 -26.34 39.29 2.40
N ASP E 27 -25.55 39.38 1.33
CA ASP E 27 -25.95 40.06 0.10
C ASP E 27 -26.67 39.12 -0.88
N ARG E 28 -27.13 37.97 -0.41
CA ARG E 28 -27.87 37.00 -1.22
C ARG E 28 -27.02 36.48 -2.38
N ILE E 29 -25.76 36.16 -2.07
CA ILE E 29 -24.82 35.61 -3.05
C ILE E 29 -24.44 34.20 -2.61
N ILE E 30 -24.63 33.23 -3.49
CA ILE E 30 -24.32 31.83 -3.23
C ILE E 30 -23.29 31.37 -4.25
N PHE E 31 -22.29 30.63 -3.78
CA PHE E 31 -21.23 30.11 -4.64
C PHE E 31 -21.38 28.60 -4.80
N LEU E 32 -21.44 28.15 -6.04
CA LEU E 32 -21.31 26.74 -6.40
C LEU E 32 -19.96 26.60 -7.09
N GLY E 33 -18.90 26.51 -6.30
CA GLY E 33 -17.55 26.48 -6.82
C GLY E 33 -16.83 25.18 -6.54
N ASP E 34 -17.53 24.06 -6.67
CA ASP E 34 -16.97 22.75 -6.40
C ASP E 34 -17.75 21.72 -7.22
N GLN E 35 -17.30 20.47 -7.12
CA GLN E 35 -18.07 19.36 -7.68
C GLN E 35 -19.46 19.31 -7.05
N VAL E 36 -20.47 18.97 -7.86
CA VAL E 36 -21.81 18.79 -7.35
C VAL E 36 -21.92 17.41 -6.73
N ASN E 37 -22.23 17.36 -5.45
CA ASN E 37 -22.41 16.10 -4.74
C ASN E 37 -23.45 16.31 -3.63
N ASP E 38 -23.65 15.29 -2.80
CA ASP E 38 -24.67 15.37 -1.76
C ASP E 38 -24.34 16.47 -0.76
N ALA E 39 -23.09 16.53 -0.31
CA ALA E 39 -22.69 17.57 0.63
C ALA E 39 -22.81 18.96 0.01
N THR E 40 -22.36 19.11 -1.23
CA THR E 40 -22.40 20.40 -1.89
C THR E 40 -23.85 20.83 -2.18
N ALA E 41 -24.65 19.92 -2.73
CA ALA E 41 -26.03 20.28 -3.06
C ALA E 41 -26.84 20.59 -1.81
N GLY E 42 -26.57 19.88 -0.71
CA GLY E 42 -27.28 20.17 0.53
C GLY E 42 -26.99 21.56 1.06
N LEU E 43 -25.78 22.07 0.82
CA LEU E 43 -25.45 23.43 1.26
C LEU E 43 -26.14 24.46 0.37
N ILE E 44 -26.19 24.22 -0.94
CA ILE E 44 -26.86 25.13 -1.85
C ILE E 44 -28.35 25.23 -1.49
N VAL E 45 -29.01 24.09 -1.31
CA VAL E 45 -30.43 24.07 -0.97
C VAL E 45 -30.67 24.78 0.35
N ALA E 46 -29.80 24.53 1.34
CA ALA E 46 -29.94 25.20 2.63
C ALA E 46 -29.82 26.71 2.49
N GLN E 47 -28.84 27.18 1.71
CA GLN E 47 -28.68 28.62 1.52
C GLN E 47 -29.83 29.20 0.70
N LEU E 48 -30.33 28.44 -0.28
CA LEU E 48 -31.46 28.92 -1.08
C LEU E 48 -32.72 29.04 -0.24
N LEU E 49 -33.04 28.00 0.54
CA LEU E 49 -34.21 28.06 1.41
C LEU E 49 -34.05 29.17 2.45
N PHE E 50 -32.84 29.39 2.94
CA PHE E 50 -32.61 30.44 3.92
C PHE E 50 -32.87 31.82 3.32
N LEU E 51 -32.36 32.06 2.11
CA LEU E 51 -32.55 33.36 1.49
C LEU E 51 -34.02 33.62 1.17
N GLU E 52 -34.76 32.57 0.80
CA GLU E 52 -36.20 32.73 0.62
C GLU E 52 -36.87 33.13 1.93
N ALA E 53 -36.39 32.60 3.05
CA ALA E 53 -36.94 32.97 4.35
C ALA E 53 -36.59 34.40 4.73
N GLU E 54 -35.42 34.88 4.30
CA GLU E 54 -35.02 36.25 4.62
C GLU E 54 -35.85 37.26 3.82
N ASP E 55 -35.96 37.04 2.51
CA ASP E 55 -36.78 37.88 1.64
C ASP E 55 -37.29 37.05 0.48
N PRO E 56 -38.60 36.78 0.42
CA PRO E 56 -39.13 35.96 -0.68
C PRO E 56 -39.21 36.68 -2.02
N ASP E 57 -38.91 37.98 -2.07
CA ASP E 57 -39.04 38.76 -3.29
C ASP E 57 -37.72 39.25 -3.87
N LYS E 58 -36.66 39.34 -3.06
CA LYS E 58 -35.38 39.80 -3.56
C LYS E 58 -34.69 38.70 -4.37
N ASP E 59 -33.98 39.10 -5.41
CA ASP E 59 -33.30 38.14 -6.28
C ASP E 59 -32.16 37.46 -5.54
N ILE E 60 -31.75 36.31 -6.07
CA ILE E 60 -30.63 35.53 -5.54
C ILE E 60 -29.61 35.37 -6.65
N HIS E 61 -28.33 35.48 -6.31
CA HIS E 61 -27.23 35.42 -7.26
C HIS E 61 -26.39 34.19 -6.97
N LEU E 62 -26.47 33.19 -7.83
CA LEU E 62 -25.75 31.93 -7.68
C LEU E 62 -24.59 31.90 -8.68
N TYR E 63 -23.37 32.07 -8.16
CA TYR E 63 -22.19 31.92 -8.99
C TYR E 63 -21.86 30.44 -9.16
N ILE E 64 -21.44 30.06 -10.36
CA ILE E 64 -21.20 28.66 -10.69
C ILE E 64 -19.81 28.53 -11.30
N ASN E 65 -18.96 27.71 -10.66
CA ASN E 65 -17.65 27.33 -11.18
C ASN E 65 -17.49 25.85 -10.81
N SER E 66 -18.14 24.98 -11.59
CA SER E 66 -18.29 23.58 -11.21
C SER E 66 -18.08 22.66 -12.39
N PRO E 67 -17.39 21.54 -12.19
CA PRO E 67 -17.26 20.54 -13.26
C PRO E 67 -18.44 19.59 -13.36
N GLY E 68 -19.49 19.81 -12.57
CA GLY E 68 -20.63 18.90 -12.54
C GLY E 68 -20.51 17.88 -11.43
N GLY E 69 -21.16 16.73 -11.61
CA GLY E 69 -21.10 15.68 -10.62
C GLY E 69 -22.31 14.76 -10.64
N SER E 70 -22.93 14.57 -9.49
CA SER E 70 -24.07 13.68 -9.36
C SER E 70 -25.32 14.36 -9.91
N ILE E 71 -26.05 13.63 -10.76
CA ILE E 71 -27.29 14.18 -11.32
C ILE E 71 -28.34 14.30 -10.23
N THR E 72 -28.45 13.29 -9.36
CA THR E 72 -29.43 13.33 -8.28
C THR E 72 -29.21 14.56 -7.39
N SER E 73 -27.95 14.81 -7.01
CA SER E 73 -27.66 16.00 -6.21
C SER E 73 -27.93 17.26 -7.02
N GLY E 74 -27.63 17.23 -8.32
CA GLY E 74 -27.89 18.40 -9.15
C GLY E 74 -29.36 18.71 -9.28
N MET E 75 -30.19 17.67 -9.41
CA MET E 75 -31.64 17.86 -9.50
C MET E 75 -32.22 18.38 -8.19
N ALA E 76 -31.55 18.11 -7.05
CA ALA E 76 -31.98 18.71 -5.79
C ALA E 76 -31.81 20.23 -5.83
N ILE E 77 -30.71 20.70 -6.43
CA ILE E 77 -30.52 22.14 -6.58
C ILE E 77 -31.50 22.71 -7.60
N TYR E 78 -31.69 22.00 -8.73
CA TYR E 78 -32.56 22.51 -9.79
C TYR E 78 -33.97 22.73 -9.27
N ASP E 79 -34.58 21.70 -8.69
CA ASP E 79 -35.97 21.79 -8.26
C ASP E 79 -36.13 22.85 -7.17
N THR E 80 -35.16 22.95 -6.26
CA THR E 80 -35.21 23.98 -5.24
C THR E 80 -35.17 25.39 -5.85
N MET E 81 -34.47 25.55 -6.97
CA MET E 81 -34.40 26.86 -7.61
C MET E 81 -35.77 27.29 -8.12
N GLN E 82 -36.52 26.36 -8.72
CA GLN E 82 -37.87 26.70 -9.17
C GLN E 82 -38.87 26.68 -8.03
N TYR E 83 -38.64 25.86 -7.00
CA TYR E 83 -39.57 25.75 -5.89
C TYR E 83 -39.68 27.06 -5.12
N ILE E 84 -38.55 27.70 -4.83
CA ILE E 84 -38.58 28.90 -4.02
C ILE E 84 -39.14 30.07 -4.82
N LYS E 85 -39.70 31.04 -4.09
CA LYS E 85 -40.31 32.19 -4.74
C LYS E 85 -39.30 33.09 -5.44
N PRO E 86 -38.14 33.45 -4.86
CA PRO E 86 -37.27 34.43 -5.50
C PRO E 86 -36.72 33.94 -6.84
N ASP E 87 -36.40 34.91 -7.70
CA ASP E 87 -35.66 34.63 -8.92
C ASP E 87 -34.21 34.29 -8.57
N VAL E 88 -33.69 33.21 -9.15
CA VAL E 88 -32.34 32.76 -8.89
C VAL E 88 -31.50 33.09 -10.12
N SER E 89 -30.74 34.18 -10.05
CA SER E 89 -29.83 34.54 -11.12
C SER E 89 -28.60 33.64 -11.09
N THR E 90 -28.17 33.18 -12.26
CA THR E 90 -27.00 32.32 -12.38
C THR E 90 -25.90 33.05 -13.14
N ILE E 91 -24.72 33.10 -12.52
CA ILE E 91 -23.55 33.75 -13.10
C ILE E 91 -22.46 32.70 -13.24
N CYS E 92 -22.00 32.48 -14.47
CA CYS E 92 -20.94 31.52 -14.73
C CYS E 92 -19.60 32.24 -14.70
N ILE E 93 -18.73 31.82 -13.78
CA ILE E 93 -17.34 32.25 -13.75
C ILE E 93 -16.47 31.00 -13.88
N GLY E 94 -15.44 31.10 -14.72
CA GLY E 94 -14.53 29.99 -14.92
C GLY E 94 -15.09 28.88 -15.80
N MET E 95 -15.86 27.97 -15.22
CA MET E 95 -16.33 26.81 -15.95
C MET E 95 -17.68 26.35 -15.42
N ALA E 96 -18.59 26.00 -16.34
CA ALA E 96 -19.86 25.37 -16.01
C ALA E 96 -20.02 24.18 -16.95
N ALA E 97 -19.74 22.98 -16.45
CA ALA E 97 -19.77 21.78 -17.26
C ALA E 97 -20.76 20.78 -16.69
N SER E 98 -21.48 20.09 -17.57
CA SER E 98 -22.40 19.00 -17.22
C SER E 98 -23.48 19.55 -16.31
N MET E 99 -23.69 19.01 -15.11
CA MET E 99 -24.69 19.55 -14.21
C MET E 99 -24.41 21.01 -13.87
N GLY E 100 -23.14 21.42 -13.94
CA GLY E 100 -22.82 22.83 -13.79
C GLY E 100 -23.49 23.69 -14.85
N ALA E 101 -23.40 23.27 -16.11
CA ALA E 101 -24.08 24.01 -17.18
C ALA E 101 -25.58 23.84 -17.11
N PHE E 102 -26.06 22.69 -16.64
CA PHE E 102 -27.50 22.48 -16.49
C PHE E 102 -28.09 23.45 -15.47
N LEU E 103 -27.43 23.58 -14.31
CA LEU E 103 -27.90 24.52 -13.30
C LEU E 103 -27.72 25.96 -13.75
N LEU E 104 -26.69 26.23 -14.54
CA LEU E 104 -26.52 27.57 -15.10
C LEU E 104 -27.70 27.94 -15.98
N ALA E 105 -28.10 27.03 -16.87
CA ALA E 105 -29.27 27.26 -17.71
C ALA E 105 -30.56 27.30 -16.92
N ALA E 106 -30.55 26.81 -15.68
CA ALA E 106 -31.74 26.72 -14.84
C ALA E 106 -32.07 28.04 -14.14
N GLY E 107 -31.25 29.07 -14.28
CA GLY E 107 -31.54 30.34 -13.66
C GLY E 107 -32.78 30.99 -14.22
N ALA E 108 -33.20 32.07 -13.56
CA ALA E 108 -34.37 32.81 -14.02
C ALA E 108 -34.13 33.36 -15.42
N LYS E 109 -35.15 33.23 -16.27
CA LYS E 109 -35.04 33.66 -17.65
C LYS E 109 -34.75 35.15 -17.73
N GLY E 110 -33.71 35.52 -18.47
CA GLY E 110 -33.26 36.88 -18.57
C GLY E 110 -32.14 37.25 -17.61
N LYS E 111 -31.87 36.42 -16.61
CA LYS E 111 -30.89 36.73 -15.58
C LYS E 111 -29.78 35.68 -15.51
N ARG E 112 -29.64 34.84 -16.53
CA ARG E 112 -28.55 33.88 -16.61
C ARG E 112 -27.38 34.54 -17.34
N LEU E 113 -26.31 34.81 -16.61
CA LEU E 113 -25.18 35.57 -17.12
C LEU E 113 -23.92 34.71 -17.11
N ALA E 114 -22.94 35.15 -17.89
CA ALA E 114 -21.62 34.54 -17.89
C ALA E 114 -20.60 35.60 -18.26
N LEU E 115 -19.39 35.43 -17.73
CA LEU E 115 -18.31 36.35 -18.02
C LEU E 115 -17.63 35.97 -19.32
N PRO E 116 -16.89 36.90 -19.94
CA PRO E 116 -16.46 36.70 -21.34
C PRO E 116 -15.62 35.45 -21.56
N ASN E 117 -14.82 35.02 -20.57
CA ASN E 117 -13.94 33.88 -20.76
C ASN E 117 -14.45 32.63 -20.02
N SER E 118 -15.72 32.63 -19.62
CA SER E 118 -16.32 31.43 -19.06
C SER E 118 -16.31 30.31 -20.10
N GLU E 119 -16.17 29.08 -19.60
CA GLU E 119 -16.25 27.89 -20.44
C GLU E 119 -17.48 27.09 -20.04
N ILE E 120 -18.32 26.78 -21.02
CA ILE E 120 -19.54 26.00 -20.79
C ILE E 120 -19.44 24.72 -21.60
N MET E 121 -19.81 23.60 -20.98
CA MET E 121 -19.78 22.31 -21.65
C MET E 121 -20.98 21.48 -21.21
N ILE E 122 -21.62 20.85 -22.19
CA ILE E 122 -22.77 19.99 -21.95
C ILE E 122 -22.49 18.62 -22.57
N HIS E 123 -23.09 17.59 -21.99
CA HIS E 123 -22.97 16.24 -22.53
C HIS E 123 -24.05 15.37 -21.93
N GLN E 124 -24.15 14.15 -22.45
CA GLN E 124 -25.14 13.20 -21.97
C GLN E 124 -24.73 12.64 -20.61
N PRO E 125 -25.68 12.09 -19.85
CA PRO E 125 -25.36 11.59 -18.50
C PRO E 125 -24.33 10.47 -18.51
N LEU E 126 -23.67 10.32 -17.38
CA LEU E 126 -22.75 9.22 -17.13
C LEU E 126 -23.29 8.34 -16.01
N GLY E 127 -22.99 7.06 -16.07
CA GLY E 127 -23.47 6.14 -15.08
C GLY E 127 -22.77 4.81 -15.14
N GLY E 128 -23.39 3.81 -14.52
CA GLY E 128 -22.82 2.48 -14.50
C GLY E 128 -23.71 1.46 -13.80
N ALA E 129 -23.59 0.20 -14.20
CA ALA E 129 -24.36 -0.88 -13.60
C ALA E 129 -23.57 -2.17 -13.70
N GLN E 130 -23.54 -2.93 -12.60
CA GLN E 130 -22.83 -4.20 -12.57
C GLN E 130 -23.68 -5.21 -11.80
N GLY E 131 -23.75 -6.43 -12.35
CA GLY E 131 -24.53 -7.49 -11.74
C GLY E 131 -25.30 -8.31 -12.74
N GLN E 132 -26.47 -8.80 -12.34
CA GLN E 132 -27.29 -9.62 -13.22
C GLN E 132 -27.85 -8.80 -14.37
N ALA E 133 -28.10 -9.47 -15.50
CA ALA E 133 -28.63 -8.80 -16.68
C ALA E 133 -29.96 -8.14 -16.40
N THR E 134 -30.78 -8.72 -15.52
CA THR E 134 -32.06 -8.11 -15.17
C THR E 134 -31.85 -6.78 -14.45
N ASP E 135 -30.85 -6.71 -13.56
CA ASP E 135 -30.57 -5.47 -12.87
C ASP E 135 -29.93 -4.45 -13.80
N ILE E 136 -29.09 -4.91 -14.74
CA ILE E 136 -28.46 -4.00 -15.68
C ILE E 136 -29.51 -3.35 -16.58
N GLU E 137 -30.51 -4.11 -16.99
CA GLU E 137 -31.60 -3.54 -17.79
C GLU E 137 -32.39 -2.51 -16.99
N ILE E 138 -32.57 -2.75 -15.69
CA ILE E 138 -33.27 -1.79 -14.84
C ILE E 138 -32.52 -0.47 -14.79
N HIS E 139 -31.20 -0.53 -14.56
CA HIS E 139 -30.41 0.69 -14.45
C HIS E 139 -30.14 1.32 -15.80
N ALA E 140 -30.07 0.52 -16.87
CA ALA E 140 -29.96 1.10 -18.21
C ALA E 140 -31.20 1.91 -18.56
N LYS E 141 -32.38 1.36 -18.26
CA LYS E 141 -33.61 2.11 -18.48
C LYS E 141 -33.65 3.38 -17.65
N ARG E 142 -33.15 3.31 -16.41
CA ARG E 142 -33.20 4.46 -15.52
C ARG E 142 -32.38 5.62 -16.06
N ILE E 143 -31.15 5.35 -16.50
CA ILE E 143 -30.28 6.42 -16.95
C ILE E 143 -30.76 6.98 -18.29
N LEU E 144 -31.48 6.19 -19.08
CA LEU E 144 -32.01 6.69 -20.34
C LEU E 144 -33.20 7.61 -20.11
N LYS E 145 -34.05 7.28 -19.13
CA LYS E 145 -35.14 8.16 -18.76
C LYS E 145 -34.63 9.45 -18.13
N ILE E 146 -33.53 9.38 -17.38
CA ILE E 146 -32.90 10.58 -16.84
C ILE E 146 -32.34 11.43 -17.96
N LYS E 147 -31.70 10.80 -18.94
CA LYS E 147 -31.13 11.53 -20.06
C LYS E 147 -32.21 12.25 -20.86
N GLU E 148 -33.35 11.60 -21.07
CA GLU E 148 -34.41 12.20 -21.86
C GLU E 148 -34.99 13.44 -21.17
N THR E 149 -35.34 13.31 -19.89
CA THR E 149 -35.95 14.43 -19.17
C THR E 149 -34.95 15.54 -18.91
N LEU E 150 -33.66 15.21 -18.79
CA LEU E 150 -32.64 16.26 -18.73
C LEU E 150 -32.59 17.04 -20.03
N ASN E 151 -32.67 16.35 -21.17
CA ASN E 151 -32.73 17.04 -22.45
C ASN E 151 -34.05 17.78 -22.63
N GLU E 152 -35.14 17.24 -22.06
CA GLU E 152 -36.43 17.92 -22.13
C GLU E 152 -36.37 19.26 -21.41
N ILE E 153 -35.81 19.28 -20.20
CA ILE E 153 -35.67 20.52 -19.46
C ILE E 153 -34.78 21.48 -20.22
N LEU E 154 -33.60 21.01 -20.66
CA LEU E 154 -32.70 21.84 -21.44
C LEU E 154 -33.40 22.44 -22.66
N SER E 155 -34.22 21.63 -23.33
CA SER E 155 -34.97 22.13 -24.48
C SER E 155 -35.90 23.27 -24.08
N GLU E 156 -36.56 23.15 -22.93
CA GLU E 156 -37.44 24.21 -22.47
C GLU E 156 -36.65 25.46 -22.08
N ARG E 157 -35.45 25.28 -21.51
CA ARG E 157 -34.67 26.44 -21.08
C ARG E 157 -33.97 27.15 -22.23
N THR E 158 -33.58 26.40 -23.26
CA THR E 158 -32.84 26.98 -24.38
C THR E 158 -33.71 27.36 -25.56
N GLY E 159 -34.89 26.78 -25.69
CA GLY E 159 -35.71 27.00 -26.87
C GLY E 159 -35.33 26.17 -28.07
N GLN E 160 -34.38 25.24 -27.91
CA GLN E 160 -33.96 24.31 -28.94
C GLN E 160 -34.82 23.05 -28.89
N PRO E 161 -35.08 22.42 -30.03
CA PRO E 161 -35.85 21.17 -30.03
C PRO E 161 -35.08 20.07 -29.31
N LEU E 162 -35.84 19.17 -28.67
CA LEU E 162 -35.23 18.10 -27.88
C LEU E 162 -34.28 17.25 -28.73
N GLU E 163 -34.67 16.98 -29.98
CA GLU E 163 -33.84 16.14 -30.83
C GLU E 163 -32.50 16.80 -31.15
N LYS E 164 -32.45 18.13 -31.16
CA LYS E 164 -31.17 18.81 -31.34
C LYS E 164 -30.33 18.74 -30.08
N ILE E 165 -30.97 18.88 -28.90
CA ILE E 165 -30.25 18.78 -27.64
C ILE E 165 -29.60 17.40 -27.50
N LYS E 166 -30.33 16.35 -27.89
CA LYS E 166 -29.77 15.01 -27.80
C LYS E 166 -28.56 14.85 -28.72
N MET E 167 -28.62 15.44 -29.92
CA MET E 167 -27.51 15.35 -30.84
C MET E 167 -26.31 16.14 -30.34
N ASP E 168 -26.54 17.34 -29.80
CA ASP E 168 -25.45 18.21 -29.38
C ASP E 168 -24.82 17.78 -28.06
N THR E 169 -25.44 16.86 -27.32
CA THR E 169 -24.88 16.38 -26.05
C THR E 169 -24.37 14.96 -26.13
N GLU E 170 -24.48 14.29 -27.29
CA GLU E 170 -24.05 12.90 -27.37
C GLU E 170 -22.56 12.75 -27.05
N ARG E 171 -21.77 13.77 -27.30
CA ARG E 171 -20.38 13.84 -26.87
C ARG E 171 -20.14 15.18 -26.19
N ASP E 172 -18.93 15.36 -25.66
CA ASP E 172 -18.59 16.61 -24.99
C ASP E 172 -18.72 17.78 -25.96
N ASN E 173 -19.44 18.81 -25.54
CA ASN E 173 -19.73 19.97 -26.39
C ASN E 173 -19.28 21.23 -25.64
N PHE E 174 -18.09 21.71 -25.99
CA PHE E 174 -17.52 22.90 -25.36
C PHE E 174 -17.98 24.15 -26.10
N MET E 175 -18.40 25.16 -25.36
CA MET E 175 -18.89 26.41 -25.92
C MET E 175 -18.21 27.59 -25.25
N SER E 176 -18.06 28.66 -26.02
CA SER E 176 -17.65 29.94 -25.45
C SER E 176 -18.84 30.60 -24.77
N ALA E 177 -18.57 31.70 -24.07
CA ALA E 177 -19.64 32.44 -23.41
C ALA E 177 -20.65 32.94 -24.44
N LEU E 178 -20.17 33.49 -25.56
CA LEU E 178 -21.07 33.97 -26.60
C LEU E 178 -21.83 32.82 -27.25
N GLU E 179 -21.14 31.71 -27.50
CA GLU E 179 -21.81 30.54 -28.09
C GLU E 179 -22.90 30.02 -27.16
N ALA E 180 -22.65 30.05 -25.85
CA ALA E 180 -23.69 29.63 -24.90
C ALA E 180 -24.89 30.58 -24.94
N LYS E 181 -24.65 31.86 -25.20
CA LYS E 181 -25.75 32.81 -25.31
C LYS E 181 -26.59 32.54 -26.55
N GLU E 182 -25.93 32.37 -27.70
CA GLU E 182 -26.65 32.05 -28.93
C GLU E 182 -27.40 30.73 -28.80
N TYR E 183 -26.80 29.75 -28.13
CA TYR E 183 -27.46 28.47 -27.96
C TYR E 183 -28.71 28.58 -27.09
N GLY E 184 -28.73 29.55 -26.18
CA GLY E 184 -29.85 29.71 -25.26
C GLY E 184 -29.57 29.26 -23.85
N LEU E 185 -28.33 28.90 -23.51
CA LEU E 185 -28.02 28.46 -22.16
C LEU E 185 -27.98 29.64 -21.20
N ILE E 186 -27.46 30.78 -21.64
CA ILE E 186 -27.42 32.00 -20.86
C ILE E 186 -28.11 33.10 -21.67
N ASP E 187 -28.27 34.25 -21.02
CA ASP E 187 -28.95 35.38 -21.64
C ASP E 187 -28.02 36.55 -21.96
N GLU E 188 -26.96 36.76 -21.17
CA GLU E 188 -26.07 37.89 -21.37
C GLU E 188 -24.63 37.47 -21.14
N VAL E 189 -23.72 38.16 -21.83
CA VAL E 189 -22.29 38.09 -21.57
C VAL E 189 -21.81 39.49 -21.26
N PHE E 190 -21.27 39.68 -20.06
CA PHE E 190 -20.87 41.00 -19.58
C PHE E 190 -19.39 40.99 -19.25
N THR E 191 -18.66 41.95 -19.82
CA THR E 191 -17.25 42.16 -19.43
C THR E 191 -17.17 42.95 -18.13
N LYS E 192 -17.61 44.21 -18.17
CA LYS E 192 -17.74 45.03 -16.98
C LYS E 192 -19.10 44.80 -16.34
N ARG E 193 -19.25 45.31 -15.11
CA ARG E 193 -20.51 45.18 -14.39
C ARG E 193 -21.44 46.32 -14.79
N PRO E 194 -22.66 46.03 -15.30
CA PRO E 194 -23.63 47.06 -15.71
C PRO E 194 -24.03 48.00 -14.58
N LEU F 3 -16.45 25.09 4.97
CA LEU F 3 -17.29 24.79 3.81
C LEU F 3 -18.75 25.12 4.11
N VAL F 4 -19.11 25.13 5.38
CA VAL F 4 -20.50 25.33 5.82
C VAL F 4 -20.65 26.79 6.26
N PRO F 5 -21.61 27.52 5.72
CA PRO F 5 -21.77 28.94 6.09
C PRO F 5 -22.43 29.11 7.45
N VAL F 6 -22.29 30.32 7.99
CA VAL F 6 -22.86 30.69 9.26
C VAL F 6 -23.88 31.81 9.05
N VAL F 7 -24.77 31.97 10.01
CA VAL F 7 -25.79 33.01 9.95
C VAL F 7 -25.95 33.69 11.31
N SER F 17 -27.89 28.91 15.88
CA SER F 17 -28.25 29.79 14.78
C SER F 17 -27.03 30.24 14.00
N TYR F 18 -25.85 30.05 14.61
CA TYR F 18 -24.59 30.45 13.99
C TYR F 18 -24.12 29.39 12.98
N ASP F 19 -25.04 28.92 12.15
CA ASP F 19 -24.76 27.87 11.17
C ASP F 19 -25.97 27.69 10.26
N ILE F 20 -25.72 27.41 8.97
CA ILE F 20 -26.82 27.43 8.00
C ILE F 20 -27.82 26.30 8.27
N PHE F 21 -27.32 25.09 8.57
CA PHE F 21 -28.22 24.00 8.91
C PHE F 21 -28.89 24.22 10.27
N SER F 22 -28.19 24.91 11.17
CA SER F 22 -28.75 25.23 12.48
C SER F 22 -29.72 26.40 12.41
N ARG F 23 -29.52 27.31 11.45
CA ARG F 23 -30.48 28.39 11.25
C ARG F 23 -31.80 27.86 10.72
N LEU F 24 -31.74 26.92 9.76
CA LEU F 24 -32.96 26.29 9.28
C LEU F 24 -33.56 25.36 10.33
N LEU F 25 -32.73 24.81 11.21
CA LEU F 25 -33.25 24.05 12.34
C LEU F 25 -34.11 24.94 13.24
N LYS F 26 -33.75 26.21 13.36
CA LYS F 26 -34.59 27.17 14.08
C LYS F 26 -35.95 27.34 13.42
N ASP F 27 -36.07 26.99 12.14
CA ASP F 27 -37.34 26.98 11.44
C ASP F 27 -37.94 25.58 11.35
N ARG F 28 -37.50 24.67 12.22
CA ARG F 28 -38.00 23.29 12.27
C ARG F 28 -37.74 22.55 10.96
N ILE F 29 -36.62 22.85 10.31
CA ILE F 29 -36.22 22.18 9.08
C ILE F 29 -35.00 21.32 9.39
N ILE F 30 -35.10 20.03 9.07
CA ILE F 30 -34.01 19.08 9.25
C ILE F 30 -33.66 18.49 7.89
N PHE F 31 -32.37 18.20 7.70
CA PHE F 31 -31.86 17.67 6.44
C PHE F 31 -31.28 16.29 6.65
N LEU F 32 -31.86 15.30 5.97
CA LEU F 32 -31.23 13.99 5.79
C LEU F 32 -30.69 13.97 4.36
N GLY F 33 -29.46 14.45 4.19
CA GLY F 33 -28.88 14.59 2.88
C GLY F 33 -27.64 13.74 2.68
N ASP F 34 -27.61 12.58 3.34
CA ASP F 34 -26.43 11.73 3.34
C ASP F 34 -26.88 10.28 3.46
N GLN F 35 -25.92 9.37 3.38
CA GLN F 35 -26.20 7.96 3.63
C GLN F 35 -26.74 7.77 5.04
N VAL F 36 -27.73 6.89 5.17
CA VAL F 36 -28.30 6.57 6.47
C VAL F 36 -27.33 5.66 7.22
N ASN F 37 -26.73 6.18 8.29
CA ASN F 37 -25.86 5.38 9.15
C ASN F 37 -26.05 5.86 10.58
N ASP F 38 -25.33 5.22 11.51
CA ASP F 38 -25.49 5.55 12.92
C ASP F 38 -25.11 7.00 13.21
N ALA F 39 -24.15 7.54 12.47
CA ALA F 39 -23.77 8.94 12.67
C ALA F 39 -24.88 9.88 12.24
N THR F 40 -25.38 9.71 11.01
CA THR F 40 -26.42 10.60 10.50
C THR F 40 -27.74 10.38 11.23
N ALA F 41 -28.10 9.11 11.49
CA ALA F 41 -29.34 8.84 12.21
C ALA F 41 -29.31 9.41 13.63
N GLY F 42 -28.14 9.39 14.27
CA GLY F 42 -28.04 10.00 15.58
C GLY F 42 -28.32 11.49 15.57
N LEU F 43 -27.84 12.18 14.54
CA LEU F 43 -28.10 13.62 14.43
C LEU F 43 -29.57 13.89 14.13
N ILE F 44 -30.19 13.07 13.28
CA ILE F 44 -31.60 13.25 12.96
C ILE F 44 -32.46 13.01 14.19
N VAL F 45 -32.20 11.92 14.91
CA VAL F 45 -32.97 11.62 16.12
C VAL F 45 -32.80 12.73 17.15
N ALA F 46 -31.56 13.21 17.32
CA ALA F 46 -31.33 14.30 18.27
C ALA F 46 -32.07 15.57 17.85
N GLN F 47 -32.12 15.84 16.54
CA GLN F 47 -32.83 17.03 16.07
C GLN F 47 -34.32 16.87 16.24
N LEU F 48 -34.85 15.66 16.01
CA LEU F 48 -36.28 15.42 16.18
C LEU F 48 -36.68 15.59 17.64
N LEU F 49 -35.89 15.04 18.56
CA LEU F 49 -36.18 15.20 19.99
C LEU F 49 -36.07 16.66 20.42
N PHE F 50 -35.15 17.41 19.81
CA PHE F 50 -34.99 18.81 20.17
C PHE F 50 -36.19 19.64 19.72
N LEU F 51 -36.68 19.40 18.51
CA LEU F 51 -37.82 20.16 18.00
C LEU F 51 -39.09 19.82 18.77
N GLU F 52 -39.23 18.57 19.22
CA GLU F 52 -40.41 18.21 20.01
C GLU F 52 -40.41 18.95 21.35
N ALA F 53 -39.23 19.08 21.97
CA ALA F 53 -39.13 19.81 23.23
C ALA F 53 -39.33 21.31 23.02
N GLU F 54 -38.90 21.85 21.87
CA GLU F 54 -39.10 23.27 21.61
C GLU F 54 -40.57 23.59 21.37
N ASP F 55 -41.28 22.70 20.68
CA ASP F 55 -42.71 22.89 20.41
C ASP F 55 -43.31 21.56 19.96
N PRO F 56 -44.01 20.85 20.84
CA PRO F 56 -44.52 19.51 20.48
C PRO F 56 -45.71 19.55 19.54
N ASP F 57 -46.20 20.73 19.14
CA ASP F 57 -47.38 20.83 18.30
C ASP F 57 -47.09 21.34 16.90
N LYS F 58 -46.00 22.09 16.69
CA LYS F 58 -45.71 22.62 15.38
C LYS F 58 -45.11 21.54 14.47
N ASP F 59 -45.40 21.66 13.18
CA ASP F 59 -44.92 20.67 12.21
C ASP F 59 -43.40 20.71 12.11
N ILE F 60 -42.82 19.57 11.71
CA ILE F 60 -41.40 19.45 11.47
C ILE F 60 -41.20 19.07 10.01
N HIS F 61 -40.27 19.75 9.34
CA HIS F 61 -39.99 19.54 7.92
C HIS F 61 -38.66 18.81 7.78
N LEU F 62 -38.72 17.57 7.30
CA LEU F 62 -37.54 16.74 7.10
C LEU F 62 -37.30 16.60 5.60
N TYR F 63 -36.30 17.31 5.09
CA TYR F 63 -35.90 17.16 3.70
C TYR F 63 -35.07 15.90 3.56
N ILE F 64 -35.37 15.11 2.54
CA ILE F 64 -34.73 13.81 2.33
C ILE F 64 -34.05 13.81 0.98
N ASN F 65 -32.72 13.63 0.97
CA ASN F 65 -31.92 13.40 -0.23
C ASN F 65 -30.86 12.37 0.16
N SER F 66 -31.26 11.10 0.15
CA SER F 66 -30.42 10.04 0.68
C SER F 66 -30.50 8.79 -0.18
N PRO F 67 -29.39 8.08 -0.36
CA PRO F 67 -29.42 6.79 -1.07
C PRO F 67 -29.81 5.62 -0.19
N GLY F 68 -30.01 5.83 1.10
CA GLY F 68 -30.30 4.76 2.03
C GLY F 68 -29.08 4.40 2.87
N GLY F 69 -29.13 3.21 3.43
CA GLY F 69 -28.03 2.71 4.24
C GLY F 69 -28.41 1.66 5.25
N SER F 70 -27.98 1.85 6.50
CA SER F 70 -28.23 0.86 7.54
C SER F 70 -29.71 0.77 7.87
N ILE F 71 -30.20 -0.46 7.99
CA ILE F 71 -31.62 -0.67 8.29
C ILE F 71 -31.92 -0.31 9.74
N THR F 72 -31.06 -0.75 10.67
CA THR F 72 -31.27 -0.41 12.07
C THR F 72 -31.18 1.09 12.31
N SER F 73 -30.28 1.76 11.58
CA SER F 73 -30.19 3.21 11.69
C SER F 73 -31.43 3.88 11.14
N GLY F 74 -31.98 3.35 10.05
CA GLY F 74 -33.20 3.90 9.49
C GLY F 74 -34.39 3.70 10.41
N MET F 75 -34.50 2.54 11.05
CA MET F 75 -35.60 2.30 11.97
C MET F 75 -35.51 3.19 13.21
N ALA F 76 -34.30 3.56 13.61
CA ALA F 76 -34.15 4.55 14.68
C ALA F 76 -34.82 5.86 14.31
N ILE F 77 -34.66 6.29 13.06
CA ILE F 77 -35.32 7.50 12.59
C ILE F 77 -36.83 7.28 12.47
N TYR F 78 -37.21 6.14 11.88
CA TYR F 78 -38.64 5.86 11.65
C TYR F 78 -39.41 5.86 12.96
N ASP F 79 -38.95 5.08 13.93
CA ASP F 79 -39.67 4.99 15.21
C ASP F 79 -39.73 6.34 15.90
N THR F 80 -38.62 7.10 15.87
CA THR F 80 -38.63 8.44 16.46
C THR F 80 -39.62 9.35 15.74
N MET F 81 -39.71 9.23 14.41
CA MET F 81 -40.68 10.03 13.66
C MET F 81 -42.10 9.77 14.14
N GLN F 82 -42.42 8.52 14.48
CA GLN F 82 -43.75 8.19 14.99
C GLN F 82 -43.85 8.44 16.49
N TYR F 83 -42.73 8.35 17.21
CA TYR F 83 -42.77 8.48 18.66
C TYR F 83 -43.09 9.90 19.09
N ILE F 84 -42.51 10.90 18.43
CA ILE F 84 -42.66 12.27 18.87
C ILE F 84 -44.06 12.79 18.54
N LYS F 85 -44.50 13.79 19.31
CA LYS F 85 -45.81 14.41 19.15
C LYS F 85 -45.95 15.21 17.86
N PRO F 86 -44.95 16.01 17.43
CA PRO F 86 -45.13 16.78 16.20
C PRO F 86 -45.29 15.90 14.97
N ASP F 87 -46.04 16.41 13.99
CA ASP F 87 -46.14 15.76 12.70
C ASP F 87 -44.87 16.00 11.90
N VAL F 88 -44.26 14.93 11.42
CA VAL F 88 -43.02 15.00 10.66
C VAL F 88 -43.39 14.96 9.18
N SER F 89 -43.27 16.10 8.51
CA SER F 89 -43.46 16.17 7.07
C SER F 89 -42.16 15.86 6.36
N THR F 90 -42.24 15.06 5.30
CA THR F 90 -41.08 14.65 4.53
C THR F 90 -41.16 15.24 3.13
N ILE F 91 -40.06 15.85 2.68
CA ILE F 91 -39.94 16.44 1.36
C ILE F 91 -38.71 15.84 0.70
N CYS F 92 -38.91 15.07 -0.36
CA CYS F 92 -37.81 14.46 -1.09
C CYS F 92 -37.32 15.42 -2.17
N ILE F 93 -36.05 15.82 -2.06
CA ILE F 93 -35.37 16.60 -3.09
C ILE F 93 -34.24 15.73 -3.64
N GLY F 94 -34.04 15.79 -4.95
CA GLY F 94 -33.00 15.00 -5.56
C GLY F 94 -33.34 13.52 -5.68
N MET F 95 -33.11 12.75 -4.62
CA MET F 95 -33.39 11.32 -4.65
C MET F 95 -33.61 10.79 -3.24
N ALA F 96 -34.57 9.87 -3.11
CA ALA F 96 -34.77 9.09 -1.89
C ALA F 96 -34.87 7.63 -2.29
N ALA F 97 -33.88 6.83 -1.91
CA ALA F 97 -33.81 5.43 -2.31
C ALA F 97 -33.64 4.53 -1.09
N SER F 98 -34.21 3.33 -1.20
CA SER F 98 -34.05 2.26 -0.21
C SER F 98 -34.58 2.76 1.13
N MET F 99 -33.75 2.89 2.17
CA MET F 99 -34.25 3.38 3.45
C MET F 99 -34.68 4.83 3.36
N GLY F 100 -34.11 5.59 2.42
CA GLY F 100 -34.54 6.97 2.23
C GLY F 100 -35.97 7.06 1.71
N ALA F 101 -36.32 6.19 0.77
CA ALA F 101 -37.71 6.15 0.29
C ALA F 101 -38.63 5.63 1.38
N PHE F 102 -38.16 4.67 2.17
CA PHE F 102 -38.95 4.16 3.28
C PHE F 102 -39.26 5.27 4.29
N LEU F 103 -38.25 6.06 4.63
CA LEU F 103 -38.48 7.18 5.55
C LEU F 103 -39.34 8.26 4.92
N LEU F 104 -39.23 8.43 3.59
CA LEU F 104 -40.09 9.39 2.90
C LEU F 104 -41.56 8.98 3.02
N ALA F 105 -41.85 7.69 2.82
CA ALA F 105 -43.22 7.20 2.98
C ALA F 105 -43.64 7.19 4.45
N ALA F 106 -42.70 7.32 5.37
CA ALA F 106 -42.99 7.31 6.80
C ALA F 106 -43.43 8.67 7.33
N GLY F 107 -43.49 9.69 6.49
CA GLY F 107 -43.92 11.00 6.94
C GLY F 107 -45.39 11.03 7.28
N ALA F 108 -45.79 12.13 7.93
CA ALA F 108 -47.20 12.31 8.30
C ALA F 108 -48.07 12.27 7.05
N LYS F 109 -49.14 11.48 7.11
CA LYS F 109 -49.98 11.28 5.94
C LYS F 109 -50.59 12.60 5.48
N GLY F 110 -50.63 12.79 4.16
CA GLY F 110 -51.02 14.04 3.56
C GLY F 110 -49.92 15.06 3.43
N LYS F 111 -48.81 14.89 4.15
CA LYS F 111 -47.73 15.85 4.16
C LYS F 111 -46.42 15.26 3.64
N ARG F 112 -46.48 14.21 2.83
CA ARG F 112 -45.30 13.61 2.21
C ARG F 112 -45.19 14.19 0.80
N LEU F 113 -44.19 15.04 0.59
CA LEU F 113 -44.04 15.78 -0.65
C LEU F 113 -42.77 15.37 -1.38
N ALA F 114 -42.71 15.72 -2.66
CA ALA F 114 -41.53 15.52 -3.47
C ALA F 114 -41.54 16.53 -4.60
N LEU F 115 -40.36 17.02 -4.97
CA LEU F 115 -40.23 17.97 -6.04
C LEU F 115 -40.26 17.24 -7.39
N PRO F 116 -40.62 17.95 -8.48
CA PRO F 116 -41.01 17.24 -9.71
C PRO F 116 -39.97 16.30 -10.28
N ASN F 117 -38.68 16.58 -10.09
CA ASN F 117 -37.62 15.76 -10.66
C ASN F 117 -36.93 14.90 -9.62
N SER F 118 -37.56 14.67 -8.48
CA SER F 118 -37.03 13.73 -7.49
C SER F 118 -37.02 12.33 -8.07
N GLU F 119 -36.13 11.49 -7.54
CA GLU F 119 -36.06 10.08 -7.93
C GLU F 119 -36.31 9.24 -6.70
N ILE F 120 -37.34 8.40 -6.75
CA ILE F 120 -37.69 7.49 -5.66
C ILE F 120 -37.38 6.07 -6.11
N MET F 121 -36.74 5.31 -5.24
CA MET F 121 -36.43 3.91 -5.53
C MET F 121 -36.66 3.07 -4.29
N ILE F 122 -37.40 1.97 -4.46
CA ILE F 122 -37.66 1.03 -3.39
C ILE F 122 -37.12 -0.33 -3.81
N HIS F 123 -36.63 -1.09 -2.84
CA HIS F 123 -36.15 -2.44 -3.08
C HIS F 123 -36.15 -3.20 -1.75
N GLN F 124 -35.80 -4.48 -1.84
CA GLN F 124 -35.76 -5.34 -0.66
C GLN F 124 -34.46 -5.14 0.11
N PRO F 125 -34.42 -5.53 1.38
CA PRO F 125 -33.23 -5.25 2.20
C PRO F 125 -32.01 -6.02 1.73
N LEU F 126 -30.85 -5.38 1.88
CA LEU F 126 -29.56 -5.99 1.60
C LEU F 126 -28.87 -6.33 2.90
N GLY F 127 -28.10 -7.42 2.88
CA GLY F 127 -27.37 -7.83 4.05
C GLY F 127 -26.31 -8.84 3.72
N GLY F 128 -25.78 -9.47 4.77
CA GLY F 128 -24.74 -10.47 4.60
C GLY F 128 -24.49 -11.22 5.88
N ALA F 129 -23.81 -12.37 5.73
CA ALA F 129 -23.44 -13.21 6.85
C ALA F 129 -22.45 -14.28 6.40
N GLN F 130 -21.34 -14.40 7.11
CA GLN F 130 -20.34 -15.42 6.81
C GLN F 130 -19.88 -16.07 8.11
N GLY F 131 -19.69 -17.38 8.08
CA GLY F 131 -19.27 -18.14 9.24
C GLY F 131 -19.84 -19.55 9.18
N GLN F 132 -20.09 -20.11 10.36
CA GLN F 132 -20.68 -21.44 10.45
C GLN F 132 -22.09 -21.45 9.87
N ALA F 133 -22.49 -22.60 9.35
CA ALA F 133 -23.81 -22.73 8.73
C ALA F 133 -24.93 -22.41 9.70
N THR F 134 -24.75 -22.70 11.00
CA THR F 134 -25.74 -22.32 11.99
C THR F 134 -25.82 -20.80 12.12
N ASP F 135 -24.68 -20.13 12.17
CA ASP F 135 -24.67 -18.67 12.22
C ASP F 135 -25.30 -18.07 10.97
N ILE F 136 -25.11 -18.71 9.82
CA ILE F 136 -25.66 -18.19 8.58
C ILE F 136 -27.18 -18.32 8.58
N GLU F 137 -27.71 -19.42 9.12
CA GLU F 137 -29.16 -19.56 9.22
C GLU F 137 -29.76 -18.53 10.15
N ILE F 138 -29.05 -18.16 11.20
CA ILE F 138 -29.57 -17.18 12.16
C ILE F 138 -29.75 -15.83 11.50
N HIS F 139 -28.72 -15.35 10.80
CA HIS F 139 -28.81 -14.04 10.14
C HIS F 139 -29.74 -14.08 8.95
N ALA F 140 -29.81 -15.22 8.24
CA ALA F 140 -30.75 -15.34 7.14
C ALA F 140 -32.18 -15.22 7.64
N LYS F 141 -32.51 -15.89 8.74
CA LYS F 141 -33.83 -15.72 9.34
C LYS F 141 -34.08 -14.27 9.72
N ARG F 142 -33.06 -13.60 10.26
CA ARG F 142 -33.23 -12.22 10.72
C ARG F 142 -33.53 -11.27 9.56
N ILE F 143 -32.79 -11.39 8.45
CA ILE F 143 -33.02 -10.48 7.33
C ILE F 143 -34.36 -10.76 6.67
N LEU F 144 -34.87 -11.99 6.80
CA LEU F 144 -36.17 -12.30 6.21
C LEU F 144 -37.31 -11.73 7.05
N LYS F 145 -37.18 -11.76 8.38
CA LYS F 145 -38.16 -11.09 9.23
C LYS F 145 -38.12 -9.58 9.03
N ILE F 146 -36.93 -9.03 8.76
CA ILE F 146 -36.83 -7.60 8.48
C ILE F 146 -37.51 -7.27 7.16
N LYS F 147 -37.28 -8.09 6.13
CA LYS F 147 -37.89 -7.85 4.84
C LYS F 147 -39.41 -7.82 4.93
N GLU F 148 -40.00 -8.74 5.69
CA GLU F 148 -41.46 -8.77 5.82
C GLU F 148 -41.95 -7.65 6.72
N THR F 149 -41.19 -7.30 7.75
CA THR F 149 -41.58 -6.20 8.63
C THR F 149 -41.63 -4.88 7.87
N LEU F 150 -40.63 -4.64 7.01
CA LEU F 150 -40.63 -3.41 6.22
C LEU F 150 -41.68 -3.46 5.12
N ASN F 151 -41.93 -4.64 4.54
CA ASN F 151 -42.97 -4.76 3.53
C ASN F 151 -44.35 -4.50 4.13
N GLU F 152 -44.57 -4.88 5.38
CA GLU F 152 -45.85 -4.61 6.03
C GLU F 152 -46.05 -3.12 6.25
N ILE F 153 -45.02 -2.44 6.75
CA ILE F 153 -45.11 -1.01 6.99
C ILE F 153 -45.34 -0.26 5.67
N LEU F 154 -44.59 -0.64 4.63
CA LEU F 154 -44.81 -0.03 3.32
C LEU F 154 -46.23 -0.28 2.82
N SER F 155 -46.77 -1.47 3.10
CA SER F 155 -48.15 -1.75 2.69
C SER F 155 -49.14 -0.85 3.42
N GLU F 156 -48.87 -0.55 4.70
CA GLU F 156 -49.79 0.29 5.47
C GLU F 156 -49.77 1.73 4.98
N ARG F 157 -48.57 2.29 4.77
CA ARG F 157 -48.43 3.70 4.47
C ARG F 157 -48.64 4.03 2.99
N THR F 158 -48.74 3.03 2.13
CA THR F 158 -49.02 3.25 0.72
C THR F 158 -50.41 2.84 0.29
N GLY F 159 -51.11 2.03 1.10
CA GLY F 159 -52.38 1.48 0.70
C GLY F 159 -52.30 0.36 -0.32
N GLN F 160 -51.10 0.00 -0.77
CA GLN F 160 -50.96 -1.09 -1.72
C GLN F 160 -51.13 -2.42 -1.00
N PRO F 161 -51.65 -3.43 -1.68
CA PRO F 161 -51.74 -4.76 -1.08
C PRO F 161 -50.35 -5.32 -0.80
N LEU F 162 -50.26 -6.12 0.27
CA LEU F 162 -48.97 -6.62 0.72
C LEU F 162 -48.29 -7.45 -0.36
N GLU F 163 -49.07 -8.27 -1.07
CA GLU F 163 -48.49 -9.12 -2.11
C GLU F 163 -47.90 -8.30 -3.25
N LYS F 164 -48.45 -7.09 -3.49
CA LYS F 164 -47.89 -6.22 -4.52
C LYS F 164 -46.60 -5.57 -4.06
N ILE F 165 -46.46 -5.29 -2.76
CA ILE F 165 -45.24 -4.68 -2.25
C ILE F 165 -44.05 -5.61 -2.44
N LYS F 166 -44.19 -6.86 -1.97
CA LYS F 166 -43.11 -7.84 -2.15
C LYS F 166 -42.78 -8.03 -3.63
N MET F 167 -43.79 -7.94 -4.49
CA MET F 167 -43.55 -8.11 -5.92
C MET F 167 -42.79 -6.93 -6.51
N ASP F 168 -43.18 -5.71 -6.15
CA ASP F 168 -42.57 -4.51 -6.70
C ASP F 168 -41.27 -4.11 -6.01
N THR F 169 -40.85 -4.83 -4.97
CA THR F 169 -39.61 -4.53 -4.26
C THR F 169 -38.59 -5.65 -4.36
N GLU F 170 -38.88 -6.71 -5.13
CA GLU F 170 -37.92 -7.80 -5.25
C GLU F 170 -36.67 -7.39 -6.02
N ARG F 171 -36.76 -6.37 -6.87
CA ARG F 171 -35.61 -5.78 -7.52
C ARG F 171 -35.73 -4.27 -7.45
N ASP F 172 -34.70 -3.58 -7.93
CA ASP F 172 -34.67 -2.13 -7.89
C ASP F 172 -35.84 -1.55 -8.68
N ASN F 173 -36.66 -0.74 -8.03
CA ASN F 173 -37.86 -0.16 -8.62
C ASN F 173 -37.75 1.36 -8.56
N PHE F 174 -37.31 1.97 -9.66
CA PHE F 174 -37.18 3.42 -9.74
C PHE F 174 -38.51 4.02 -10.17
N MET F 175 -38.88 5.14 -9.54
CA MET F 175 -40.11 5.83 -9.82
C MET F 175 -39.86 7.33 -9.96
N SER F 176 -40.64 7.97 -10.82
CA SER F 176 -40.65 9.42 -10.89
C SER F 176 -41.49 9.98 -9.75
N ALA F 177 -41.50 11.31 -9.62
CA ALA F 177 -42.25 11.94 -8.55
C ALA F 177 -43.74 11.66 -8.67
N LEU F 178 -44.28 11.77 -9.89
CA LEU F 178 -45.71 11.54 -10.08
C LEU F 178 -46.05 10.06 -9.96
N GLU F 179 -45.16 9.18 -10.41
CA GLU F 179 -45.40 7.75 -10.22
C GLU F 179 -45.41 7.39 -8.74
N ALA F 180 -44.47 7.93 -7.98
CA ALA F 180 -44.44 7.69 -6.54
C ALA F 180 -45.68 8.25 -5.85
N LYS F 181 -46.24 9.35 -6.38
CA LYS F 181 -47.46 9.90 -5.83
C LYS F 181 -48.64 8.96 -6.05
N GLU F 182 -48.68 8.29 -7.20
CA GLU F 182 -49.76 7.36 -7.47
C GLU F 182 -49.52 5.99 -6.85
N TYR F 183 -48.27 5.64 -6.53
CA TYR F 183 -48.02 4.42 -5.78
C TYR F 183 -48.42 4.57 -4.32
N GLY F 184 -48.52 5.79 -3.81
CA GLY F 184 -48.80 6.03 -2.42
C GLY F 184 -47.58 6.30 -1.56
N LEU F 185 -46.39 6.39 -2.16
CA LEU F 185 -45.19 6.67 -1.38
C LEU F 185 -45.18 8.11 -0.88
N ILE F 186 -45.76 9.04 -1.64
CA ILE F 186 -45.89 10.43 -1.25
C ILE F 186 -47.32 10.87 -1.49
N ASP F 187 -47.61 12.12 -1.13
CA ASP F 187 -48.95 12.68 -1.25
C ASP F 187 -49.07 13.79 -2.28
N GLU F 188 -48.05 14.64 -2.41
CA GLU F 188 -48.09 15.79 -3.31
C GLU F 188 -46.81 15.87 -4.12
N VAL F 189 -46.93 16.53 -5.27
CA VAL F 189 -45.78 16.83 -6.14
C VAL F 189 -45.91 18.30 -6.52
N PHE F 190 -45.21 19.17 -5.81
CA PHE F 190 -45.26 20.60 -6.05
C PHE F 190 -44.08 21.03 -6.91
N THR F 191 -44.36 21.87 -7.90
CA THR F 191 -43.31 22.52 -8.67
C THR F 191 -42.90 23.86 -8.04
N LYS F 192 -43.89 24.69 -7.72
CA LYS F 192 -43.67 25.93 -7.00
C LYS F 192 -44.36 25.85 -5.64
N ARG F 193 -43.82 26.59 -4.68
CA ARG F 193 -44.38 26.57 -3.34
C ARG F 193 -45.72 27.30 -3.32
N PRO F 194 -46.79 26.70 -2.79
CA PRO F 194 -48.10 27.34 -2.69
C PRO F 194 -48.15 28.40 -1.60
N LEU G 3 -21.29 19.34 10.56
CA LEU G 3 -22.06 18.11 10.75
C LEU G 3 -22.94 18.19 11.99
N VAL G 4 -22.34 18.57 13.11
CA VAL G 4 -23.07 18.69 14.37
C VAL G 4 -23.79 20.03 14.41
N PRO G 5 -25.13 20.04 14.41
CA PRO G 5 -25.86 21.31 14.37
C PRO G 5 -25.74 22.06 15.69
N VAL G 6 -25.70 23.38 15.58
CA VAL G 6 -25.51 24.28 16.71
C VAL G 6 -26.86 24.78 17.21
N VAL G 7 -26.97 25.03 18.51
CA VAL G 7 -28.20 25.57 19.08
C VAL G 7 -27.88 26.74 20.01
N SER G 17 -24.36 24.10 25.73
CA SER G 17 -25.65 24.02 25.07
C SER G 17 -25.60 24.60 23.67
N TYR G 18 -24.60 24.15 22.89
CA TYR G 18 -24.43 24.63 21.52
C TYR G 18 -24.72 23.52 20.52
N ASP G 19 -23.86 22.51 20.42
CA ASP G 19 -24.15 21.40 19.51
C ASP G 19 -25.39 20.65 19.98
N ILE G 20 -25.99 19.90 19.05
CA ILE G 20 -27.31 19.32 19.29
C ILE G 20 -27.29 18.34 20.45
N PHE G 21 -26.15 17.68 20.69
CA PHE G 21 -26.11 16.68 21.75
C PHE G 21 -25.99 17.32 23.12
N SER G 22 -25.18 18.38 23.25
CA SER G 22 -25.02 19.03 24.55
C SER G 22 -26.26 19.84 24.92
N ARG G 23 -27.01 20.33 23.93
CA ARG G 23 -28.28 20.97 24.23
C ARG G 23 -29.25 19.97 24.85
N LEU G 24 -29.33 18.77 24.29
CA LEU G 24 -30.14 17.72 24.89
C LEU G 24 -29.58 17.25 26.22
N LEU G 25 -28.27 17.43 26.46
CA LEU G 25 -27.69 17.08 27.75
C LEU G 25 -28.24 17.97 28.86
N LYS G 26 -28.66 19.19 28.52
CA LYS G 26 -29.30 20.05 29.52
C LYS G 26 -30.65 19.48 29.96
N ASP G 27 -31.30 18.71 29.09
CA ASP G 27 -32.52 17.98 29.44
C ASP G 27 -32.22 16.59 30.01
N ARG G 28 -30.96 16.35 30.41
CA ARG G 28 -30.55 15.08 31.01
C ARG G 28 -30.75 13.92 30.04
N ILE G 29 -30.39 14.12 28.78
CA ILE G 29 -30.45 13.10 27.75
C ILE G 29 -29.03 12.78 27.30
N ILE G 30 -28.68 11.50 27.33
CA ILE G 30 -27.38 11.01 26.87
C ILE G 30 -27.61 10.06 25.73
N PHE G 31 -26.69 10.08 24.76
CA PHE G 31 -26.79 9.24 23.56
C PHE G 31 -25.62 8.28 23.49
N LEU G 32 -25.94 7.00 23.37
CA LEU G 32 -24.96 5.97 23.02
C LEU G 32 -25.29 5.52 21.60
N GLY G 33 -24.79 6.28 20.63
CA GLY G 33 -25.10 6.02 19.24
C GLY G 33 -23.90 5.59 18.43
N ASP G 34 -22.97 4.89 19.06
CA ASP G 34 -21.73 4.47 18.42
C ASP G 34 -21.25 3.19 19.07
N GLN G 35 -20.20 2.60 18.49
CA GLN G 35 -19.56 1.44 19.09
C GLN G 35 -19.08 1.76 20.49
N VAL G 36 -19.17 0.78 21.39
CA VAL G 36 -18.71 0.95 22.76
C VAL G 36 -17.20 0.75 22.82
N ASN G 37 -16.47 1.79 23.19
CA ASN G 37 -15.03 1.71 23.36
C ASN G 37 -14.62 2.69 24.45
N ASP G 38 -13.31 2.78 24.70
CA ASP G 38 -12.81 3.62 25.78
C ASP G 38 -13.12 5.09 25.56
N ALA G 39 -13.17 5.52 24.29
CA ALA G 39 -13.50 6.91 24.01
C ALA G 39 -14.97 7.19 24.28
N THR G 40 -15.86 6.35 23.76
CA THR G 40 -17.29 6.57 23.96
C THR G 40 -17.70 6.30 25.40
N ALA G 41 -17.10 5.28 26.03
CA ALA G 41 -17.42 4.99 27.43
C ALA G 41 -16.97 6.11 28.35
N GLY G 42 -15.79 6.67 28.10
CA GLY G 42 -15.34 7.80 28.89
C GLY G 42 -16.22 9.01 28.74
N LEU G 43 -16.86 9.16 27.58
CA LEU G 43 -17.83 10.24 27.39
C LEU G 43 -19.12 9.96 28.15
N ILE G 44 -19.59 8.71 28.10
CA ILE G 44 -20.83 8.35 28.80
C ILE G 44 -20.66 8.53 30.30
N VAL G 45 -19.55 8.03 30.85
CA VAL G 45 -19.30 8.14 32.28
C VAL G 45 -19.21 9.61 32.69
N ALA G 46 -18.45 10.40 31.91
CA ALA G 46 -18.31 11.82 32.22
C ALA G 46 -19.66 12.53 32.21
N GLN G 47 -20.53 12.18 31.25
CA GLN G 47 -21.87 12.76 31.23
C GLN G 47 -22.69 12.29 32.42
N LEU G 48 -22.57 11.01 32.78
CA LEU G 48 -23.34 10.47 33.90
C LEU G 48 -22.95 11.13 35.21
N LEU G 49 -21.64 11.35 35.42
CA LEU G 49 -21.18 11.98 36.65
C LEU G 49 -21.58 13.45 36.69
N PHE G 50 -21.57 14.12 35.53
CA PHE G 50 -21.95 15.53 35.49
C PHE G 50 -23.42 15.72 35.81
N LEU G 51 -24.30 14.88 35.24
CA LEU G 51 -25.71 15.00 35.50
C LEU G 51 -26.05 14.63 36.95
N GLU G 52 -25.27 13.74 37.55
CA GLU G 52 -25.47 13.44 38.97
C GLU G 52 -25.12 14.64 39.84
N ALA G 53 -24.05 15.36 39.50
CA ALA G 53 -23.69 16.56 40.24
C ALA G 53 -24.71 17.67 40.05
N GLU G 54 -25.32 17.75 38.86
CA GLU G 54 -26.34 18.77 38.63
C GLU G 54 -27.60 18.47 39.43
N ASP G 55 -28.01 17.20 39.48
CA ASP G 55 -29.22 16.80 40.19
C ASP G 55 -29.17 15.31 40.47
N PRO G 56 -28.87 14.90 41.71
CA PRO G 56 -28.77 13.47 42.02
C PRO G 56 -30.12 12.76 42.14
N ASP G 57 -31.24 13.45 41.96
CA ASP G 57 -32.55 12.85 42.08
C ASP G 57 -33.32 12.75 40.77
N LYS G 58 -33.04 13.64 39.81
CA LYS G 58 -33.74 13.60 38.54
C LYS G 58 -33.26 12.44 37.69
N ASP G 59 -34.20 11.83 36.96
CA ASP G 59 -33.87 10.69 36.12
C ASP G 59 -32.96 11.11 34.96
N ILE G 60 -32.17 10.13 34.48
CA ILE G 60 -31.29 10.31 33.34
C ILE G 60 -31.78 9.41 32.23
N HIS G 61 -31.81 9.94 31.00
CA HIS G 61 -32.31 9.23 29.84
C HIS G 61 -31.13 8.88 28.94
N LEU G 62 -30.83 7.58 28.84
CA LEU G 62 -29.72 7.07 28.03
C LEU G 62 -30.31 6.37 26.81
N TYR G 63 -30.27 7.06 25.67
CA TYR G 63 -30.70 6.46 24.41
C TYR G 63 -29.59 5.55 23.88
N ILE G 64 -29.95 4.34 23.47
CA ILE G 64 -28.98 3.32 23.07
C ILE G 64 -29.25 2.93 21.63
N ASN G 65 -28.28 3.20 20.75
CA ASN G 65 -28.27 2.71 19.37
C ASN G 65 -26.83 2.32 19.08
N SER G 66 -26.47 1.08 19.41
CA SER G 66 -25.07 0.67 19.35
C SER G 66 -24.94 -0.81 19.07
N PRO G 67 -23.93 -1.22 18.31
CA PRO G 67 -23.67 -2.65 18.09
C PRO G 67 -22.81 -3.31 19.15
N GLY G 68 -22.41 -2.60 20.19
CA GLY G 68 -21.58 -3.16 21.24
C GLY G 68 -20.13 -2.76 21.11
N GLY G 69 -19.23 -3.57 21.66
CA GLY G 69 -17.82 -3.30 21.59
C GLY G 69 -17.00 -3.94 22.69
N SER G 70 -16.15 -3.16 23.33
CA SER G 70 -15.25 -3.68 24.36
C SER G 70 -16.03 -4.04 25.62
N ILE G 71 -15.63 -5.16 26.24
CA ILE G 71 -16.31 -5.61 27.45
C ILE G 71 -16.01 -4.66 28.61
N THR G 72 -14.73 -4.32 28.81
CA THR G 72 -14.35 -3.50 29.94
C THR G 72 -14.84 -2.06 29.78
N SER G 73 -14.86 -1.55 28.54
CA SER G 73 -15.45 -0.25 28.29
C SER G 73 -16.93 -0.23 28.65
N GLY G 74 -17.64 -1.33 28.35
CA GLY G 74 -19.04 -1.41 28.71
C GLY G 74 -19.27 -1.57 30.19
N MET G 75 -18.36 -2.26 30.89
CA MET G 75 -18.51 -2.40 32.33
C MET G 75 -18.27 -1.08 33.06
N ALA G 76 -17.38 -0.23 32.53
CA ALA G 76 -17.21 1.10 33.08
C ALA G 76 -18.52 1.88 33.02
N ILE G 77 -19.29 1.70 31.94
CA ILE G 77 -20.60 2.32 31.84
C ILE G 77 -21.57 1.68 32.82
N TYR G 78 -21.58 0.35 32.87
CA TYR G 78 -22.54 -0.37 33.71
C TYR G 78 -22.36 0.01 35.18
N ASP G 79 -21.14 -0.08 35.69
CA ASP G 79 -20.90 0.21 37.10
C ASP G 79 -21.22 1.66 37.43
N THR G 80 -20.84 2.60 36.55
CA THR G 80 -21.18 4.00 36.77
C THR G 80 -22.69 4.20 36.81
N MET G 81 -23.43 3.44 36.00
CA MET G 81 -24.89 3.53 36.03
C MET G 81 -25.44 3.11 37.39
N GLN G 82 -24.84 2.08 38.01
CA GLN G 82 -25.27 1.67 39.33
C GLN G 82 -24.63 2.48 40.44
N TYR G 83 -23.47 3.09 40.19
CA TYR G 83 -22.77 3.84 41.23
C TYR G 83 -23.46 5.17 41.51
N ILE G 84 -23.89 5.87 40.46
CA ILE G 84 -24.51 7.18 40.67
C ILE G 84 -25.90 7.02 41.28
N LYS G 85 -26.36 8.08 41.92
CA LYS G 85 -27.63 8.09 42.64
C LYS G 85 -28.85 8.11 41.70
N PRO G 86 -28.88 8.93 40.64
CA PRO G 86 -30.09 9.00 39.81
C PRO G 86 -30.38 7.69 39.10
N ASP G 87 -31.66 7.48 38.83
CA ASP G 87 -32.08 6.37 37.98
C ASP G 87 -31.66 6.65 36.54
N VAL G 88 -31.06 5.65 35.89
CA VAL G 88 -30.65 5.76 34.50
C VAL G 88 -31.66 4.97 33.67
N SER G 89 -32.63 5.67 33.10
CA SER G 89 -33.55 5.06 32.17
C SER G 89 -32.83 4.79 30.84
N THR G 90 -33.13 3.63 30.24
CA THR G 90 -32.54 3.24 28.97
C THR G 90 -33.62 3.14 27.91
N ILE G 91 -33.40 3.79 26.77
CA ILE G 91 -34.31 3.75 25.64
C ILE G 91 -33.54 3.21 24.44
N CYS G 92 -34.02 2.09 23.89
CA CYS G 92 -33.39 1.47 22.74
C CYS G 92 -34.06 1.98 21.47
N ILE G 93 -33.28 2.62 20.61
CA ILE G 93 -33.72 3.02 19.28
C ILE G 93 -32.85 2.29 18.26
N GLY G 94 -33.49 1.72 17.25
CA GLY G 94 -32.75 1.04 16.19
C GLY G 94 -32.17 -0.29 16.60
N MET G 95 -30.95 -0.28 17.15
CA MET G 95 -30.20 -1.50 17.42
C MET G 95 -29.51 -1.41 18.77
N ALA G 96 -29.56 -2.53 19.50
CA ALA G 96 -28.80 -2.67 20.75
C ALA G 96 -28.29 -4.10 20.80
N ALA G 97 -27.03 -4.30 20.38
CA ALA G 97 -26.44 -5.62 20.25
C ALA G 97 -25.28 -5.78 21.21
N SER G 98 -25.16 -6.97 21.79
CA SER G 98 -24.03 -7.37 22.63
C SER G 98 -23.95 -6.41 23.81
N MET G 99 -22.79 -5.78 24.06
CA MET G 99 -22.67 -4.84 25.17
C MET G 99 -23.68 -3.70 25.08
N GLY G 100 -24.16 -3.39 23.87
CA GLY G 100 -25.24 -2.44 23.76
C GLY G 100 -26.53 -2.94 24.39
N ALA G 101 -26.81 -4.24 24.22
CA ALA G 101 -28.00 -4.81 24.85
C ALA G 101 -27.80 -4.98 26.35
N PHE G 102 -26.58 -5.37 26.76
CA PHE G 102 -26.25 -5.48 28.17
C PHE G 102 -26.55 -4.18 28.91
N LEU G 103 -26.08 -3.06 28.36
CA LEU G 103 -26.34 -1.77 28.98
C LEU G 103 -27.81 -1.41 28.93
N LEU G 104 -28.53 -1.86 27.91
CA LEU G 104 -29.97 -1.62 27.85
C LEU G 104 -30.69 -2.32 28.99
N ALA G 105 -30.34 -3.60 29.23
CA ALA G 105 -30.87 -4.32 30.37
C ALA G 105 -30.37 -3.76 31.70
N ALA G 106 -29.34 -2.92 31.68
CA ALA G 106 -28.76 -2.38 32.90
C ALA G 106 -29.50 -1.16 33.44
N GLY G 107 -30.48 -0.65 32.71
CA GLY G 107 -31.23 0.51 33.17
C GLY G 107 -31.99 0.22 34.45
N ALA G 108 -32.54 1.31 35.02
CA ALA G 108 -33.27 1.18 36.27
C ALA G 108 -34.53 0.34 36.07
N LYS G 109 -34.84 -0.47 37.08
CA LYS G 109 -35.99 -1.36 37.01
C LYS G 109 -37.27 -0.57 36.73
N GLY G 110 -37.98 -0.94 35.66
CA GLY G 110 -39.20 -0.29 35.27
C GLY G 110 -39.03 0.82 34.26
N LYS G 111 -37.82 1.35 34.10
CA LYS G 111 -37.57 2.48 33.21
C LYS G 111 -36.70 2.10 32.02
N ARG G 112 -36.73 0.82 31.61
CA ARG G 112 -36.02 0.36 30.42
C ARG G 112 -37.03 0.22 29.28
N LEU G 113 -36.85 1.02 28.24
CA LEU G 113 -37.82 1.11 27.15
C LEU G 113 -37.15 0.80 25.82
N ALA G 114 -37.97 0.39 24.86
CA ALA G 114 -37.54 0.18 23.49
C ALA G 114 -38.68 0.50 22.55
N LEU G 115 -38.36 1.07 21.41
CA LEU G 115 -39.35 1.45 20.41
C LEU G 115 -39.76 0.23 19.59
N PRO G 116 -40.92 0.29 18.91
CA PRO G 116 -41.51 -0.95 18.35
C PRO G 116 -40.60 -1.72 17.41
N ASN G 117 -39.85 -1.03 16.56
CA ASN G 117 -39.02 -1.70 15.56
C ASN G 117 -37.55 -1.72 15.94
N SER G 118 -37.24 -1.59 17.22
CA SER G 118 -35.86 -1.73 17.66
C SER G 118 -35.41 -3.19 17.59
N GLU G 119 -34.11 -3.39 17.48
CA GLU G 119 -33.52 -4.72 17.32
C GLU G 119 -32.56 -4.96 18.47
N ILE G 120 -32.89 -5.91 19.34
CA ILE G 120 -32.05 -6.26 20.48
C ILE G 120 -31.39 -7.61 20.19
N MET G 121 -30.07 -7.67 20.40
CA MET G 121 -29.31 -8.89 20.17
C MET G 121 -28.34 -9.11 21.31
N ILE G 122 -28.28 -10.35 21.80
CA ILE G 122 -27.34 -10.73 22.85
C ILE G 122 -26.53 -11.93 22.37
N HIS G 123 -25.30 -12.03 22.85
CA HIS G 123 -24.46 -13.19 22.59
C HIS G 123 -23.31 -13.22 23.59
N GLN G 124 -22.54 -14.30 23.55
CA GLN G 124 -21.47 -14.52 24.50
C GLN G 124 -20.26 -13.64 24.18
N PRO G 125 -19.38 -13.40 25.15
CA PRO G 125 -18.23 -12.52 24.91
C PRO G 125 -17.34 -13.03 23.79
N LEU G 126 -16.64 -12.10 23.15
CA LEU G 126 -15.63 -12.40 22.14
C LEU G 126 -14.28 -11.92 22.63
N GLY G 127 -13.23 -12.63 22.25
CA GLY G 127 -11.90 -12.28 22.69
C GLY G 127 -10.83 -13.00 21.89
N GLY G 128 -9.65 -13.07 22.49
CA GLY G 128 -8.53 -13.72 21.84
C GLY G 128 -7.36 -13.87 22.78
N ALA G 129 -6.43 -14.73 22.39
CA ALA G 129 -5.22 -14.98 23.17
C ALA G 129 -4.18 -15.59 22.26
N GLN G 130 -2.98 -15.01 22.25
CA GLN G 130 -1.87 -15.51 21.46
C GLN G 130 -0.63 -15.65 22.34
N GLY G 131 0.23 -16.60 21.98
CA GLY G 131 1.50 -16.79 22.66
C GLY G 131 1.62 -18.19 23.25
N GLN G 132 2.31 -18.27 24.38
CA GLN G 132 2.56 -19.54 25.03
C GLN G 132 1.28 -20.15 25.57
N ALA G 133 1.26 -21.48 25.67
CA ALA G 133 0.08 -22.18 26.16
C ALA G 133 -0.28 -21.76 27.58
N THR G 134 0.72 -21.41 28.40
CA THR G 134 0.43 -20.93 29.74
C THR G 134 -0.33 -19.61 29.70
N ASP G 135 0.05 -18.71 28.79
CA ASP G 135 -0.65 -17.44 28.66
C ASP G 135 -2.04 -17.64 28.03
N ILE G 136 -2.15 -18.54 27.06
CA ILE G 136 -3.45 -18.86 26.48
C ILE G 136 -4.40 -19.36 27.55
N GLU G 137 -3.89 -20.17 28.48
CA GLU G 137 -4.71 -20.66 29.58
C GLU G 137 -5.13 -19.52 30.51
N ILE G 138 -4.21 -18.59 30.79
CA ILE G 138 -4.53 -17.47 31.67
C ILE G 138 -5.66 -16.63 31.08
N HIS G 139 -5.55 -16.30 29.79
CA HIS G 139 -6.55 -15.44 29.17
C HIS G 139 -7.85 -16.17 28.89
N ALA G 140 -7.79 -17.49 28.67
CA ALA G 140 -9.02 -18.26 28.47
C ALA G 140 -9.84 -18.30 29.74
N LYS G 141 -9.18 -18.45 30.91
CA LYS G 141 -9.89 -18.38 32.18
C LYS G 141 -10.51 -17.01 32.39
N ARG G 142 -9.83 -15.95 31.98
CA ARG G 142 -10.34 -14.60 32.17
C ARG G 142 -11.62 -14.38 31.37
N ILE G 143 -11.60 -14.74 30.08
CA ILE G 143 -12.77 -14.50 29.24
C ILE G 143 -13.93 -15.40 29.66
N LEU G 144 -13.64 -16.60 30.17
CA LEU G 144 -14.70 -17.45 30.68
C LEU G 144 -15.29 -16.87 31.96
N LYS G 145 -14.43 -16.41 32.88
CA LYS G 145 -14.91 -15.78 34.10
C LYS G 145 -15.69 -14.49 33.80
N ILE G 146 -15.28 -13.76 32.76
CA ILE G 146 -16.04 -12.60 32.32
C ILE G 146 -17.39 -13.03 31.78
N LYS G 147 -17.42 -14.15 31.05
CA LYS G 147 -18.67 -14.64 30.46
C LYS G 147 -19.67 -15.04 31.53
N GLU G 148 -19.21 -15.70 32.60
CA GLU G 148 -20.12 -16.06 33.68
C GLU G 148 -20.56 -14.84 34.47
N THR G 149 -19.68 -13.85 34.62
CA THR G 149 -20.06 -12.63 35.34
C THR G 149 -21.13 -11.86 34.57
N LEU G 150 -20.98 -11.75 33.24
CA LEU G 150 -22.00 -11.08 32.44
C LEU G 150 -23.31 -11.82 32.49
N ASN G 151 -23.28 -13.15 32.36
CA ASN G 151 -24.51 -13.94 32.44
C ASN G 151 -25.13 -13.85 33.84
N GLU G 152 -24.30 -13.76 34.88
CA GLU G 152 -24.82 -13.60 36.23
C GLU G 152 -25.63 -12.32 36.37
N ILE G 153 -25.07 -11.20 35.88
CA ILE G 153 -25.78 -9.93 35.94
C ILE G 153 -27.07 -10.01 35.13
N LEU G 154 -26.97 -10.49 33.89
CA LEU G 154 -28.15 -10.59 33.02
C LEU G 154 -29.24 -11.43 33.68
N SER G 155 -28.86 -12.50 34.38
CA SER G 155 -29.84 -13.30 35.10
C SER G 155 -30.59 -12.47 36.14
N GLU G 156 -29.86 -11.62 36.88
CA GLU G 156 -30.51 -10.79 37.89
C GLU G 156 -31.37 -9.72 37.26
N ARG G 157 -30.97 -9.18 36.09
CA ARG G 157 -31.76 -8.13 35.46
C ARG G 157 -32.99 -8.67 34.74
N THR G 158 -32.92 -9.91 34.23
CA THR G 158 -34.01 -10.47 33.44
C THR G 158 -34.92 -11.38 34.24
N GLY G 159 -34.41 -12.06 35.27
CA GLY G 159 -35.16 -13.07 35.97
C GLY G 159 -34.98 -14.47 35.44
N GLN G 160 -34.24 -14.64 34.34
CA GLN G 160 -33.94 -15.94 33.79
C GLN G 160 -32.82 -16.60 34.58
N PRO G 161 -32.81 -17.93 34.67
CA PRO G 161 -31.69 -18.61 35.33
C PRO G 161 -30.41 -18.46 34.52
N LEU G 162 -29.28 -18.54 35.24
CA LEU G 162 -27.98 -18.30 34.63
C LEU G 162 -27.75 -19.22 33.44
N GLU G 163 -28.07 -20.51 33.58
CA GLU G 163 -27.75 -21.48 32.55
C GLU G 163 -28.60 -21.28 31.29
N LYS G 164 -29.86 -20.85 31.45
CA LYS G 164 -30.67 -20.55 30.28
C LYS G 164 -30.09 -19.38 29.49
N ILE G 165 -29.59 -18.38 30.21
CA ILE G 165 -28.97 -17.23 29.54
C ILE G 165 -27.70 -17.66 28.81
N LYS G 166 -26.90 -18.51 29.44
CA LYS G 166 -25.71 -19.04 28.76
C LYS G 166 -26.10 -19.80 27.50
N MET G 167 -27.17 -20.59 27.57
CA MET G 167 -27.63 -21.32 26.39
C MET G 167 -28.20 -20.37 25.34
N ASP G 168 -28.87 -19.31 25.77
CA ASP G 168 -29.48 -18.37 24.83
C ASP G 168 -28.48 -17.42 24.19
N THR G 169 -27.28 -17.30 24.75
CA THR G 169 -26.26 -16.40 24.21
C THR G 169 -25.08 -17.13 23.60
N GLU G 170 -25.16 -18.46 23.45
CA GLU G 170 -24.08 -19.20 22.82
C GLU G 170 -23.83 -18.72 21.39
N ARG G 171 -24.88 -18.30 20.70
CA ARG G 171 -24.79 -17.72 19.37
C ARG G 171 -25.60 -16.44 19.35
N ASP G 172 -25.60 -15.77 18.20
CA ASP G 172 -26.37 -14.53 18.06
C ASP G 172 -27.86 -14.81 18.28
N ASN G 173 -28.47 -14.02 19.15
CA ASN G 173 -29.88 -14.17 19.50
C ASN G 173 -30.58 -12.84 19.21
N PHE G 174 -31.20 -12.74 18.03
CA PHE G 174 -31.87 -11.52 17.60
C PHE G 174 -33.30 -11.52 18.13
N MET G 175 -33.65 -10.49 18.90
CA MET G 175 -34.97 -10.37 19.50
C MET G 175 -35.65 -9.11 19.01
N SER G 176 -36.97 -9.18 18.86
CA SER G 176 -37.77 -8.01 18.58
C SER G 176 -37.97 -7.21 19.86
N ALA G 177 -38.62 -6.06 19.75
CA ALA G 177 -38.89 -5.23 20.92
C ALA G 177 -39.80 -5.96 21.90
N LEU G 178 -40.89 -6.54 21.39
CA LEU G 178 -41.80 -7.28 22.26
C LEU G 178 -41.14 -8.52 22.85
N GLU G 179 -40.30 -9.19 22.07
CA GLU G 179 -39.61 -10.37 22.59
C GLU G 179 -38.60 -9.99 23.68
N ALA G 180 -37.95 -8.84 23.53
CA ALA G 180 -37.03 -8.39 24.56
C ALA G 180 -37.75 -8.07 25.87
N LYS G 181 -39.00 -7.63 25.79
CA LYS G 181 -39.79 -7.40 26.99
C LYS G 181 -40.21 -8.70 27.64
N GLU G 182 -40.66 -9.67 26.84
CA GLU G 182 -41.02 -10.98 27.37
C GLU G 182 -39.80 -11.68 27.96
N TYR G 183 -38.63 -11.50 27.35
CA TYR G 183 -37.41 -12.09 27.87
C TYR G 183 -36.97 -11.45 29.18
N GLY G 184 -37.37 -10.20 29.43
CA GLY G 184 -36.96 -9.49 30.62
C GLY G 184 -35.86 -8.48 30.40
N LEU G 185 -35.39 -8.30 29.17
CA LEU G 185 -34.32 -7.34 28.93
C LEU G 185 -34.81 -5.90 29.07
N ILE G 186 -36.05 -5.63 28.69
CA ILE G 186 -36.64 -4.31 28.79
C ILE G 186 -37.96 -4.41 29.53
N ASP G 187 -38.51 -3.26 29.90
CA ASP G 187 -39.76 -3.19 30.66
C ASP G 187 -40.96 -2.80 29.82
N GLU G 188 -40.81 -1.86 28.89
CA GLU G 188 -41.94 -1.34 28.15
C GLU G 188 -41.59 -1.20 26.67
N VAL G 189 -42.63 -1.23 25.84
CA VAL G 189 -42.53 -1.01 24.40
C VAL G 189 -43.58 0.04 24.04
N PHE G 190 -43.12 1.21 23.61
CA PHE G 190 -43.99 2.35 23.32
C PHE G 190 -43.90 2.70 21.85
N THR G 191 -45.07 2.82 21.21
CA THR G 191 -45.10 3.29 19.82
C THR G 191 -45.01 4.81 19.74
N LYS G 192 -45.89 5.50 20.47
CA LYS G 192 -45.89 6.95 20.55
C LYS G 192 -45.63 7.38 21.98
N ARG G 193 -45.30 8.66 22.15
CA ARG G 193 -44.94 9.18 23.46
C ARG G 193 -46.17 9.26 24.37
N PRO G 194 -46.18 8.57 25.52
CA PRO G 194 -47.30 8.61 26.46
C PRO G 194 -47.47 9.97 27.12
N LEU H 3 20.75 -21.65 -8.84
CA LEU H 3 21.02 -21.49 -7.42
C LEU H 3 21.43 -22.82 -6.78
N VAL H 4 20.54 -23.79 -6.86
CA VAL H 4 20.81 -25.10 -6.24
C VAL H 4 21.74 -25.90 -7.15
N PRO H 5 22.86 -26.40 -6.64
CA PRO H 5 23.83 -27.08 -7.50
C PRO H 5 23.28 -28.36 -8.10
N VAL H 6 23.87 -28.74 -9.23
CA VAL H 6 23.42 -29.89 -10.02
C VAL H 6 24.55 -30.90 -10.08
N VAL H 7 24.25 -32.14 -9.72
CA VAL H 7 25.23 -33.23 -9.77
C VAL H 7 24.72 -34.35 -10.66
N TYR H 18 20.74 -36.05 -9.66
CA TYR H 18 21.29 -34.94 -10.42
C TYR H 18 21.10 -33.61 -9.67
N ASP H 19 20.56 -33.70 -8.47
CA ASP H 19 20.36 -32.55 -7.60
C ASP H 19 21.15 -32.77 -6.31
N ILE H 20 21.73 -31.68 -5.78
CA ILE H 20 22.65 -31.82 -4.65
C ILE H 20 21.97 -32.49 -3.46
N PHE H 21 20.72 -32.09 -3.16
CA PHE H 21 20.00 -32.72 -2.07
C PHE H 21 19.49 -34.10 -2.45
N SER H 22 19.31 -34.37 -3.75
CA SER H 22 18.96 -35.71 -4.19
C SER H 22 20.19 -36.60 -4.31
N ARG H 23 21.36 -36.02 -4.60
CA ARG H 23 22.59 -36.78 -4.57
C ARG H 23 22.90 -37.28 -3.16
N LEU H 24 22.77 -36.39 -2.17
CA LEU H 24 22.94 -36.82 -0.79
C LEU H 24 21.84 -37.80 -0.38
N LEU H 25 20.66 -37.72 -1.01
CA LEU H 25 19.59 -38.65 -0.71
C LEU H 25 19.98 -40.08 -1.09
N LYS H 26 20.83 -40.24 -2.11
CA LYS H 26 21.31 -41.57 -2.47
C LYS H 26 22.15 -42.17 -1.35
N ASP H 27 22.79 -41.33 -0.54
CA ASP H 27 23.50 -41.78 0.64
C ASP H 27 22.63 -41.73 1.89
N ARG H 28 21.31 -41.66 1.73
CA ARG H 28 20.35 -41.69 2.83
C ARG H 28 20.51 -40.49 3.76
N ILE H 29 20.70 -39.31 3.16
CA ILE H 29 20.84 -38.06 3.90
C ILE H 29 19.63 -37.18 3.59
N ILE H 30 18.98 -36.69 4.65
CA ILE H 30 17.84 -35.80 4.53
C ILE H 30 18.13 -34.53 5.32
N PHE H 31 17.81 -33.38 4.73
CA PHE H 31 18.07 -32.09 5.33
C PHE H 31 16.76 -31.44 5.78
N LEU H 32 16.70 -31.05 7.05
CA LEU H 32 15.64 -30.21 7.59
C LEU H 32 16.30 -28.88 7.93
N GLY H 33 16.51 -28.04 6.92
CA GLY H 33 17.19 -26.79 7.09
C GLY H 33 16.29 -25.59 6.88
N ASP H 34 15.03 -25.71 7.27
CA ASP H 34 14.05 -24.65 7.08
C ASP H 34 13.04 -24.72 8.23
N GLN H 35 12.10 -23.78 8.22
CA GLN H 35 10.99 -23.81 9.16
C GLN H 35 10.18 -25.09 8.98
N VAL H 36 9.60 -25.57 10.07
CA VAL H 36 8.74 -26.75 10.02
C VAL H 36 7.33 -26.29 9.65
N ASN H 37 6.92 -26.55 8.42
CA ASN H 37 5.55 -26.29 7.98
C ASN H 37 5.09 -27.48 7.13
N ASP H 38 3.88 -27.38 6.61
CA ASP H 38 3.31 -28.50 5.86
C ASP H 38 4.08 -28.75 4.56
N ALA H 39 4.65 -27.70 3.98
CA ALA H 39 5.44 -27.89 2.76
C ALA H 39 6.74 -28.64 3.06
N THR H 40 7.46 -28.22 4.10
CA THR H 40 8.73 -28.87 4.43
C THR H 40 8.50 -30.22 5.09
N ALA H 41 7.49 -30.34 5.94
CA ALA H 41 7.22 -31.63 6.59
C ALA H 41 6.78 -32.68 5.57
N GLY H 42 6.00 -32.27 4.57
CA GLY H 42 5.63 -33.21 3.53
C GLY H 42 6.82 -33.72 2.74
N LEU H 43 7.82 -32.85 2.54
CA LEU H 43 9.03 -33.27 1.86
C LEU H 43 9.85 -34.21 2.74
N ILE H 44 9.88 -33.96 4.05
CA ILE H 44 10.61 -34.85 4.97
C ILE H 44 9.95 -36.21 5.02
N VAL H 45 8.62 -36.25 5.14
CA VAL H 45 7.91 -37.52 5.19
C VAL H 45 8.06 -38.28 3.88
N ALA H 46 7.98 -37.57 2.76
CA ALA H 46 8.14 -38.22 1.45
C ALA H 46 9.54 -38.80 1.29
N GLN H 47 10.55 -38.16 1.88
CA GLN H 47 11.90 -38.69 1.82
C GLN H 47 12.10 -39.85 2.81
N LEU H 48 11.42 -39.80 3.95
CA LEU H 48 11.52 -40.90 4.92
C LEU H 48 10.86 -42.16 4.38
N LEU H 49 9.69 -42.01 3.73
CA LEU H 49 9.02 -43.16 3.15
C LEU H 49 9.77 -43.72 1.96
N PHE H 50 10.43 -42.85 1.18
CA PHE H 50 11.18 -43.31 0.02
C PHE H 50 12.40 -44.11 0.45
N LEU H 51 13.16 -43.58 1.42
CA LEU H 51 14.34 -44.29 1.90
C LEU H 51 13.97 -45.61 2.55
N GLU H 52 12.82 -45.66 3.24
CA GLU H 52 12.34 -46.94 3.77
C GLU H 52 11.97 -47.89 2.65
N ALA H 53 11.41 -47.37 1.56
CA ALA H 53 11.09 -48.21 0.41
C ALA H 53 12.37 -48.79 -0.22
N GLU H 54 13.42 -47.98 -0.31
CA GLU H 54 14.70 -48.44 -0.85
C GLU H 54 15.28 -49.53 0.04
N ASP H 55 15.71 -49.16 1.24
CA ASP H 55 16.30 -50.09 2.20
C ASP H 55 15.64 -49.91 3.57
N PRO H 56 14.77 -50.83 3.98
CA PRO H 56 14.15 -50.70 5.31
C PRO H 56 15.07 -51.06 6.46
N ASP H 57 16.29 -51.53 6.19
CA ASP H 57 17.24 -51.91 7.24
C ASP H 57 18.32 -50.87 7.46
N LYS H 58 18.84 -50.25 6.41
CA LYS H 58 19.90 -49.28 6.55
C LYS H 58 19.41 -48.04 7.29
N ASP H 59 20.31 -47.43 8.05
CA ASP H 59 19.97 -46.25 8.84
C ASP H 59 19.71 -45.05 7.92
N ILE H 60 19.07 -44.04 8.50
CA ILE H 60 18.78 -42.78 7.80
C ILE H 60 19.33 -41.64 8.64
N HIS H 61 20.02 -40.72 8.00
CA HIS H 61 20.63 -39.57 8.68
C HIS H 61 19.86 -38.31 8.31
N LEU H 62 19.27 -37.67 9.32
CA LEU H 62 18.45 -36.47 9.14
C LEU H 62 19.17 -35.29 9.79
N TYR H 63 19.78 -34.44 8.96
CA TYR H 63 20.42 -33.24 9.46
C TYR H 63 19.36 -32.19 9.78
N ILE H 64 19.47 -31.58 10.97
CA ILE H 64 18.45 -30.68 11.48
C ILE H 64 19.07 -29.32 11.73
N ASN H 65 18.60 -28.31 10.98
CA ASN H 65 18.95 -26.89 11.19
C ASN H 65 17.65 -26.12 11.08
N SER H 66 16.84 -26.18 12.14
CA SER H 66 15.47 -25.69 12.11
C SER H 66 15.16 -24.85 13.34
N PRO H 67 14.49 -23.70 13.16
CA PRO H 67 13.96 -22.97 14.30
C PRO H 67 12.63 -23.51 14.80
N GLY H 68 12.10 -24.56 14.19
CA GLY H 68 10.80 -25.09 14.54
C GLY H 68 9.70 -24.55 13.64
N GLY H 69 8.47 -24.65 14.13
CA GLY H 69 7.34 -24.14 13.38
C GLY H 69 6.01 -24.72 13.80
N SER H 70 5.28 -25.29 12.83
CA SER H 70 3.97 -25.84 13.12
C SER H 70 4.08 -27.14 13.90
N ILE H 71 3.21 -27.30 14.90
CA ILE H 71 3.27 -28.47 15.76
C ILE H 71 2.75 -29.71 15.03
N THR H 72 1.57 -29.59 14.40
CA THR H 72 1.02 -30.73 13.66
C THR H 72 1.93 -31.13 12.51
N SER H 73 2.55 -30.15 11.85
CA SER H 73 3.52 -30.48 10.80
C SER H 73 4.71 -31.23 11.37
N GLY H 74 5.17 -30.83 12.57
CA GLY H 74 6.28 -31.53 13.19
C GLY H 74 5.91 -32.91 13.67
N MET H 75 4.70 -33.07 14.21
CA MET H 75 4.27 -34.39 14.67
C MET H 75 4.11 -35.36 13.51
N ALA H 76 3.79 -34.85 12.31
CA ALA H 76 3.82 -35.70 11.12
C ALA H 76 5.21 -36.25 10.89
N ILE H 77 6.23 -35.41 11.02
CA ILE H 77 7.61 -35.87 10.90
C ILE H 77 7.94 -36.86 12.00
N TYR H 78 7.55 -36.53 13.23
CA TYR H 78 7.89 -37.38 14.38
C TYR H 78 7.29 -38.78 14.24
N ASP H 79 5.97 -38.85 14.00
CA ASP H 79 5.32 -40.15 13.90
C ASP H 79 5.86 -40.96 12.73
N THR H 80 6.23 -40.30 11.63
CA THR H 80 6.81 -41.02 10.51
C THR H 80 8.18 -41.59 10.87
N MET H 81 8.94 -40.92 11.73
CA MET H 81 10.26 -41.42 12.12
C MET H 81 10.15 -42.73 12.88
N GLN H 82 9.15 -42.85 13.76
CA GLN H 82 8.97 -44.07 14.52
C GLN H 82 8.23 -45.14 13.74
N TYR H 83 7.30 -44.74 12.87
CA TYR H 83 6.50 -45.69 12.12
C TYR H 83 7.34 -46.48 11.12
N ILE H 84 8.32 -45.82 10.50
CA ILE H 84 9.14 -46.50 9.50
C ILE H 84 10.11 -47.46 10.17
N LYS H 85 10.51 -48.49 9.42
CA LYS H 85 11.41 -49.50 9.97
C LYS H 85 12.82 -48.97 10.24
N PRO H 86 13.47 -48.24 9.33
CA PRO H 86 14.87 -47.87 9.57
C PRO H 86 15.03 -46.93 10.76
N ASP H 87 16.21 -46.97 11.36
CA ASP H 87 16.57 -46.03 12.42
C ASP H 87 16.87 -44.67 11.81
N VAL H 88 16.27 -43.63 12.37
CA VAL H 88 16.48 -42.26 11.89
C VAL H 88 17.43 -41.60 12.87
N SER H 89 18.69 -41.46 12.46
CA SER H 89 19.67 -40.74 13.25
C SER H 89 19.55 -39.25 12.99
N THR H 90 19.49 -38.47 14.07
CA THR H 90 19.32 -37.03 13.99
C THR H 90 20.65 -36.34 14.25
N ILE H 91 21.00 -35.38 13.39
CA ILE H 91 22.25 -34.63 13.49
C ILE H 91 21.91 -33.15 13.51
N CYS H 92 22.35 -32.46 14.55
CA CYS H 92 22.05 -31.04 14.72
C CYS H 92 23.24 -30.22 14.22
N ILE H 93 23.04 -29.49 13.13
CA ILE H 93 24.00 -28.50 12.64
C ILE H 93 23.35 -27.13 12.78
N GLY H 94 24.11 -26.16 13.29
CA GLY H 94 23.59 -24.83 13.47
C GLY H 94 22.69 -24.68 14.68
N MET H 95 21.39 -24.90 14.50
CA MET H 95 20.43 -24.72 15.58
C MET H 95 19.26 -25.68 15.40
N ALA H 96 18.78 -26.22 16.53
CA ALA H 96 17.55 -27.01 16.58
C ALA H 96 16.71 -26.47 17.72
N ALA H 97 15.66 -25.71 17.39
CA ALA H 97 14.84 -25.04 18.38
C ALA H 97 13.39 -25.48 18.24
N SER H 98 12.71 -25.61 19.39
CA SER H 98 11.28 -25.92 19.48
C SER H 98 11.04 -27.25 18.78
N MET H 99 10.16 -27.33 17.77
CA MET H 99 9.94 -28.60 17.09
C MET H 99 11.22 -29.13 16.45
N GLY H 100 12.15 -28.24 16.11
CA GLY H 100 13.45 -28.69 15.64
C GLY H 100 14.21 -29.47 16.70
N ALA H 101 14.15 -29.00 17.95
CA ALA H 101 14.78 -29.73 19.04
C ALA H 101 13.97 -30.96 19.44
N PHE H 102 12.64 -30.87 19.36
CA PHE H 102 11.80 -32.03 19.65
C PHE H 102 12.08 -33.17 18.67
N LEU H 103 12.20 -32.84 17.38
CA LEU H 103 12.56 -33.84 16.38
C LEU H 103 14.00 -34.30 16.53
N LEU H 104 14.86 -33.48 17.11
CA LEU H 104 16.23 -33.90 17.38
C LEU H 104 16.27 -34.98 18.45
N ALA H 105 15.51 -34.81 19.53
CA ALA H 105 15.41 -35.80 20.58
C ALA H 105 14.64 -37.04 20.14
N ALA H 106 13.95 -36.99 18.99
CA ALA H 106 13.14 -38.09 18.50
C ALA H 106 13.94 -39.12 17.72
N GLY H 107 15.22 -38.85 17.42
CA GLY H 107 16.01 -39.77 16.65
C GLY H 107 16.21 -41.10 17.36
N ALA H 108 16.80 -42.04 16.62
CA ALA H 108 17.04 -43.37 17.16
C ALA H 108 17.97 -43.29 18.36
N LYS H 109 17.57 -43.94 19.45
CA LYS H 109 18.32 -43.88 20.70
C LYS H 109 19.75 -44.32 20.48
N GLY H 110 20.69 -43.53 20.99
CA GLY H 110 22.10 -43.77 20.77
C GLY H 110 22.66 -43.14 19.50
N LYS H 111 21.81 -42.63 18.62
CA LYS H 111 22.24 -42.07 17.34
C LYS H 111 21.81 -40.61 17.18
N ARG H 112 21.55 -39.91 18.28
CA ARG H 112 21.19 -38.50 18.26
C ARG H 112 22.44 -37.68 18.56
N LEU H 113 22.95 -36.99 17.55
CA LEU H 113 24.23 -36.29 17.63
C LEU H 113 24.02 -34.80 17.40
N ALA H 114 25.06 -34.03 17.72
CA ALA H 114 25.08 -32.60 17.46
C ALA H 114 26.53 -32.15 17.42
N LEU H 115 26.82 -31.22 16.52
CA LEU H 115 28.16 -30.68 16.39
C LEU H 115 28.42 -29.65 17.50
N PRO H 116 29.70 -29.44 17.87
CA PRO H 116 29.98 -28.79 19.16
C PRO H 116 29.37 -27.40 19.32
N ASN H 117 29.18 -26.65 18.23
CA ASN H 117 28.65 -25.30 18.32
C ASN H 117 27.17 -25.21 17.96
N SER H 118 26.49 -26.35 17.87
CA SER H 118 25.06 -26.33 17.57
C SER H 118 24.28 -25.77 18.76
N GLU H 119 23.23 -25.02 18.47
CA GLU H 119 22.39 -24.43 19.49
C GLU H 119 21.08 -25.22 19.59
N ILE H 120 20.66 -25.52 20.81
CA ILE H 120 19.46 -26.29 21.06
C ILE H 120 18.58 -25.53 22.05
N MET H 121 17.31 -25.35 21.70
CA MET H 121 16.38 -24.63 22.55
C MET H 121 15.06 -25.38 22.62
N ILE H 122 14.54 -25.57 23.83
CA ILE H 122 13.26 -26.20 24.06
C ILE H 122 12.36 -25.23 24.81
N HIS H 123 11.06 -25.32 24.56
CA HIS H 123 10.09 -24.54 25.31
C HIS H 123 8.73 -25.23 25.21
N GLN H 124 7.68 -24.49 25.52
CA GLN H 124 6.31 -24.97 25.51
C GLN H 124 5.61 -24.56 24.22
N PRO H 125 4.48 -25.18 23.89
CA PRO H 125 3.82 -24.87 22.62
C PRO H 125 3.38 -23.42 22.51
N LEU H 126 3.39 -22.92 21.29
CA LEU H 126 2.83 -21.62 20.93
C LEU H 126 1.56 -21.81 20.13
N GLY H 127 0.70 -20.81 20.17
CA GLY H 127 -0.55 -20.90 19.44
C GLY H 127 -1.39 -19.66 19.61
N GLY H 128 -2.68 -19.80 19.33
CA GLY H 128 -3.59 -18.69 19.43
C GLY H 128 -5.01 -19.03 19.02
N ALA H 129 -5.98 -18.30 19.57
CA ALA H 129 -7.38 -18.51 19.25
C ALA H 129 -8.12 -17.19 19.39
N GLN H 130 -9.04 -16.93 18.47
CA GLN H 130 -9.86 -15.73 18.50
C GLN H 130 -11.31 -16.11 18.19
N GLY H 131 -12.24 -15.30 18.70
CA GLY H 131 -13.64 -15.49 18.46
C GLY H 131 -14.43 -15.64 19.75
N GLN H 132 -15.51 -16.40 19.69
CA GLN H 132 -16.38 -16.58 20.84
C GLN H 132 -15.64 -17.27 21.97
N ALA H 133 -16.11 -17.02 23.20
CA ALA H 133 -15.46 -17.59 24.38
C ALA H 133 -15.48 -19.11 24.35
N THR H 134 -16.57 -19.70 23.85
CA THR H 134 -16.67 -21.15 23.80
C THR H 134 -15.61 -21.75 22.90
N ASP H 135 -15.37 -21.14 21.73
CA ASP H 135 -14.34 -21.63 20.82
C ASP H 135 -12.95 -21.39 21.36
N ILE H 136 -12.76 -20.34 22.15
CA ILE H 136 -11.46 -20.08 22.76
C ILE H 136 -11.13 -21.16 23.78
N GLU H 137 -12.13 -21.59 24.56
CA GLU H 137 -11.91 -22.68 25.51
C GLU H 137 -11.59 -23.99 24.80
N ILE H 138 -12.22 -24.22 23.64
CA ILE H 138 -11.96 -25.44 22.89
C ILE H 138 -10.51 -25.48 22.44
N HIS H 139 -10.03 -24.39 21.84
CA HIS H 139 -8.65 -24.37 21.35
C HIS H 139 -7.64 -24.32 22.49
N ALA H 140 -8.01 -23.70 23.62
CA ALA H 140 -7.11 -23.68 24.77
C ALA H 140 -6.92 -25.08 25.33
N LYS H 141 -8.02 -25.84 25.49
CA LYS H 141 -7.93 -27.20 25.99
C LYS H 141 -7.07 -28.06 25.05
N ARG H 142 -7.17 -27.83 23.74
CA ARG H 142 -6.41 -28.63 22.78
C ARG H 142 -4.92 -28.36 22.88
N ILE H 143 -4.53 -27.08 23.01
CA ILE H 143 -3.12 -26.77 23.11
C ILE H 143 -2.56 -27.14 24.47
N LEU H 144 -3.42 -27.28 25.49
CA LEU H 144 -2.94 -27.70 26.81
C LEU H 144 -2.59 -29.17 26.84
N LYS H 145 -3.39 -30.02 26.16
CA LYS H 145 -3.05 -31.43 26.07
C LYS H 145 -1.97 -31.70 25.03
N ILE H 146 -1.82 -30.82 24.03
CA ILE H 146 -0.64 -30.88 23.18
C ILE H 146 0.61 -30.63 24.01
N LYS H 147 0.53 -29.66 24.93
CA LYS H 147 1.66 -29.37 25.81
C LYS H 147 1.98 -30.55 26.72
N GLU H 148 0.94 -31.22 27.23
CA GLU H 148 1.17 -32.36 28.11
C GLU H 148 1.76 -33.54 27.35
N THR H 149 1.24 -33.81 26.15
CA THR H 149 1.76 -34.92 25.35
C THR H 149 3.21 -34.69 24.96
N LEU H 150 3.53 -33.48 24.50
CA LEU H 150 4.91 -33.19 24.08
C LEU H 150 5.87 -33.29 25.25
N ASN H 151 5.45 -32.80 26.43
CA ASN H 151 6.30 -32.91 27.61
C ASN H 151 6.52 -34.36 28.02
N GLU H 152 5.51 -35.20 27.85
CA GLU H 152 5.65 -36.62 28.18
C GLU H 152 6.64 -37.30 27.24
N ILE H 153 6.51 -37.06 25.93
CA ILE H 153 7.43 -37.67 24.96
C ILE H 153 8.85 -37.21 25.22
N LEU H 154 9.03 -35.93 25.55
CA LEU H 154 10.37 -35.41 25.81
C LEU H 154 10.98 -36.10 27.03
N SER H 155 10.17 -36.34 28.07
CA SER H 155 10.69 -36.96 29.28
C SER H 155 11.15 -38.39 29.02
N GLU H 156 10.36 -39.16 28.26
CA GLU H 156 10.73 -40.54 27.98
C GLU H 156 11.99 -40.63 27.14
N ARG H 157 12.17 -39.70 26.20
CA ARG H 157 13.33 -39.75 25.33
C ARG H 157 14.56 -39.07 25.94
N THR H 158 14.37 -38.16 26.89
CA THR H 158 15.49 -37.58 27.62
C THR H 158 15.85 -38.39 28.85
N GLY H 159 14.91 -39.12 29.43
CA GLY H 159 15.10 -39.78 30.70
C GLY H 159 14.84 -38.92 31.91
N GLN H 160 14.54 -37.63 31.72
CA GLN H 160 14.29 -36.72 32.81
C GLN H 160 12.91 -36.95 33.41
N PRO H 161 12.73 -36.62 34.69
CA PRO H 161 11.38 -36.68 35.27
C PRO H 161 10.44 -35.71 34.57
N LEU H 162 9.17 -36.13 34.47
CA LEU H 162 8.19 -35.30 33.78
C LEU H 162 8.04 -33.93 34.42
N GLU H 163 8.14 -33.87 35.76
CA GLU H 163 8.02 -32.60 36.45
C GLU H 163 9.17 -31.66 36.11
N LYS H 164 10.38 -32.20 35.90
CA LYS H 164 11.51 -31.36 35.53
C LYS H 164 11.34 -30.81 34.12
N ILE H 165 10.82 -31.63 33.20
CA ILE H 165 10.58 -31.17 31.83
C ILE H 165 9.59 -30.02 31.82
N LYS H 166 8.54 -30.12 32.65
CA LYS H 166 7.53 -29.06 32.70
C LYS H 166 8.14 -27.73 33.12
N MET H 167 8.90 -27.73 34.22
CA MET H 167 9.47 -26.49 34.71
C MET H 167 10.60 -25.97 33.83
N ASP H 168 11.24 -26.84 33.04
CA ASP H 168 12.35 -26.44 32.20
C ASP H 168 11.92 -25.93 30.83
N THR H 169 10.64 -26.03 30.48
CA THR H 169 10.15 -25.59 29.18
C THR H 169 9.09 -24.50 29.28
N GLU H 170 8.88 -23.92 30.47
CA GLU H 170 7.92 -22.83 30.59
C GLU H 170 8.36 -21.61 29.80
N ARG H 171 9.66 -21.42 29.64
CA ARG H 171 10.22 -20.37 28.80
C ARG H 171 11.33 -20.97 27.95
N ASP H 172 11.81 -20.17 26.99
CA ASP H 172 12.90 -20.62 26.12
C ASP H 172 14.10 -21.03 26.95
N ASN H 173 14.54 -22.28 26.74
CA ASN H 173 15.66 -22.87 27.47
C ASN H 173 16.76 -23.18 26.47
N PHE H 174 17.69 -22.25 26.30
CA PHE H 174 18.79 -22.44 25.37
C PHE H 174 19.90 -23.26 26.02
N MET H 175 20.37 -24.28 25.31
CA MET H 175 21.45 -25.13 25.79
C MET H 175 22.52 -25.28 24.71
N SER H 176 23.73 -25.60 25.17
CA SER H 176 24.81 -25.91 24.26
C SER H 176 24.73 -27.38 23.84
N ALA H 177 25.60 -27.76 22.91
CA ALA H 177 25.67 -29.15 22.47
C ALA H 177 25.99 -30.07 23.63
N LEU H 178 26.99 -29.70 24.44
CA LEU H 178 27.35 -30.51 25.61
C LEU H 178 26.22 -30.54 26.63
N GLU H 179 25.57 -29.39 26.85
CA GLU H 179 24.49 -29.33 27.83
C GLU H 179 23.30 -30.19 27.40
N ALA H 180 23.01 -30.23 26.10
CA ALA H 180 21.90 -31.05 25.62
C ALA H 180 22.19 -32.53 25.74
N LYS H 181 23.47 -32.93 25.65
CA LYS H 181 23.83 -34.32 25.89
C LYS H 181 23.60 -34.71 27.34
N GLU H 182 24.06 -33.86 28.26
CA GLU H 182 23.80 -34.10 29.69
C GLU H 182 22.31 -34.14 29.98
N TYR H 183 21.52 -33.33 29.27
CA TYR H 183 20.08 -33.32 29.50
C TYR H 183 19.40 -34.57 28.95
N GLY H 184 20.01 -35.21 27.95
CA GLY H 184 19.42 -36.37 27.32
C GLY H 184 18.74 -36.11 26.00
N LEU H 185 18.82 -34.88 25.47
CA LEU H 185 18.23 -34.60 24.17
C LEU H 185 18.99 -35.30 23.06
N ILE H 186 20.32 -35.38 23.17
CA ILE H 186 21.18 -36.05 22.22
C ILE H 186 22.04 -37.06 22.97
N ASP H 187 22.81 -37.83 22.22
CA ASP H 187 23.62 -38.90 22.79
C ASP H 187 25.12 -38.63 22.73
N GLU H 188 25.61 -38.02 21.65
CA GLU H 188 27.03 -37.72 21.51
C GLU H 188 27.19 -36.35 20.87
N VAL H 189 28.39 -35.79 21.02
CA VAL H 189 28.78 -34.53 20.41
C VAL H 189 30.18 -34.73 19.83
N PHE H 190 30.28 -34.82 18.52
CA PHE H 190 31.55 -35.05 17.84
C PHE H 190 32.09 -33.75 17.28
N THR H 191 33.43 -33.64 17.26
CA THR H 191 34.11 -32.53 16.60
C THR H 191 34.52 -32.91 15.17
N LYS H 192 35.27 -33.99 15.03
CA LYS H 192 35.60 -34.54 13.73
C LYS H 192 34.75 -35.79 13.50
N ARG H 193 35.04 -36.51 12.42
CA ARG H 193 34.29 -37.73 12.10
C ARG H 193 35.17 -38.97 12.25
N ALA I 2 12.87 -27.50 -1.35
CA ALA I 2 11.89 -27.59 -2.44
C ALA I 2 11.90 -28.98 -3.06
N LEU I 3 11.34 -29.09 -4.26
CA LEU I 3 11.21 -30.38 -4.94
C LEU I 3 12.55 -31.08 -5.03
N VAL I 4 12.60 -32.32 -4.56
CA VAL I 4 13.83 -33.11 -4.54
C VAL I 4 13.82 -34.09 -5.72
N PRO I 5 14.50 -33.78 -6.82
CA PRO I 5 14.53 -34.62 -8.02
C PRO I 5 15.66 -35.65 -8.01
N TYR I 18 11.37 -35.74 -12.46
CA TYR I 18 11.06 -36.45 -11.23
C TYR I 18 11.11 -35.53 -10.02
N ASP I 19 10.25 -35.79 -9.05
CA ASP I 19 10.38 -35.24 -7.71
C ASP I 19 10.08 -36.37 -6.74
N ILE I 20 10.28 -36.08 -5.44
CA ILE I 20 10.08 -37.12 -4.43
C ILE I 20 8.63 -37.60 -4.42
N PHE I 21 7.70 -36.75 -4.87
CA PHE I 21 6.30 -37.15 -4.89
C PHE I 21 5.97 -38.01 -6.10
N SER I 22 6.56 -37.69 -7.27
CA SER I 22 6.36 -38.54 -8.44
C SER I 22 6.97 -39.91 -8.21
N ARG I 23 8.12 -39.96 -7.53
CA ARG I 23 8.74 -41.24 -7.21
C ARG I 23 7.85 -42.09 -6.32
N LEU I 24 7.17 -41.46 -5.36
CA LEU I 24 6.24 -42.18 -4.51
C LEU I 24 4.92 -42.48 -5.20
N LEU I 25 4.54 -41.70 -6.21
CA LEU I 25 3.40 -42.05 -7.04
C LEU I 25 3.61 -43.38 -7.75
N LYS I 26 4.87 -43.77 -7.98
CA LYS I 26 5.16 -45.10 -8.49
C LYS I 26 4.67 -46.19 -7.54
N ASP I 27 4.81 -45.96 -6.24
CA ASP I 27 4.31 -46.89 -5.23
C ASP I 27 2.84 -46.70 -4.92
N ARG I 28 2.10 -46.02 -5.82
CA ARG I 28 0.67 -45.76 -5.63
C ARG I 28 0.41 -44.99 -4.35
N ILE I 29 1.28 -44.03 -4.05
CA ILE I 29 1.17 -43.18 -2.86
C ILE I 29 0.85 -41.76 -3.33
N ILE I 30 -0.26 -41.22 -2.83
CA ILE I 30 -0.66 -39.85 -3.10
C ILE I 30 -0.64 -39.08 -1.79
N PHE I 31 -0.12 -37.85 -1.86
CA PHE I 31 -0.07 -36.96 -0.70
C PHE I 31 -1.08 -35.83 -0.90
N LEU I 32 -1.87 -35.57 0.14
CA LEU I 32 -2.66 -34.34 0.24
C LEU I 32 -2.17 -33.67 1.53
N GLY I 33 -1.15 -32.85 1.40
CA GLY I 33 -0.59 -32.14 2.53
C GLY I 33 -0.68 -30.64 2.35
N ASP I 34 -1.84 -30.17 1.88
CA ASP I 34 -2.06 -28.75 1.64
C ASP I 34 -3.53 -28.47 1.82
N GLN I 35 -3.89 -27.18 1.76
CA GLN I 35 -5.28 -26.76 1.76
C GLN I 35 -6.04 -27.44 0.62
N VAL I 36 -7.31 -27.72 0.88
CA VAL I 36 -8.18 -28.36 -0.12
C VAL I 36 -8.80 -27.23 -0.94
N ASN I 37 -8.30 -27.06 -2.17
CA ASN I 37 -8.84 -26.06 -3.08
C ASN I 37 -9.05 -26.68 -4.46
N ASP I 38 -9.41 -25.85 -5.45
CA ASP I 38 -9.65 -26.38 -6.79
C ASP I 38 -8.37 -26.90 -7.43
N ALA I 39 -7.22 -26.35 -7.05
CA ALA I 39 -5.95 -26.80 -7.63
C ALA I 39 -5.52 -28.14 -7.05
N THR I 40 -5.51 -28.25 -5.72
CA THR I 40 -5.10 -29.51 -5.10
C THR I 40 -6.10 -30.62 -5.38
N ALA I 41 -7.40 -30.28 -5.44
CA ALA I 41 -8.40 -31.29 -5.75
C ALA I 41 -8.22 -31.84 -7.15
N GLY I 42 -7.98 -30.96 -8.12
CA GLY I 42 -7.77 -31.42 -9.48
C GLY I 42 -6.53 -32.29 -9.63
N LEU I 43 -5.54 -32.07 -8.78
CA LEU I 43 -4.33 -32.91 -8.80
C LEU I 43 -4.57 -34.25 -8.14
N ILE I 44 -5.25 -34.25 -6.99
CA ILE I 44 -5.59 -35.51 -6.33
C ILE I 44 -6.50 -36.35 -7.22
N VAL I 45 -7.49 -35.71 -7.84
CA VAL I 45 -8.40 -36.42 -8.74
C VAL I 45 -7.62 -37.02 -9.91
N ALA I 46 -6.74 -36.23 -10.53
CA ALA I 46 -5.98 -36.72 -11.67
C ALA I 46 -5.07 -37.88 -11.28
N GLN I 47 -4.43 -37.79 -10.11
CA GLN I 47 -3.59 -38.88 -9.63
C GLN I 47 -4.42 -40.14 -9.39
N LEU I 48 -5.63 -39.97 -8.86
CA LEU I 48 -6.49 -41.13 -8.60
C LEU I 48 -6.91 -41.79 -9.90
N LEU I 49 -7.27 -41.01 -10.92
CA LEU I 49 -7.62 -41.58 -12.21
C LEU I 49 -6.41 -42.21 -12.89
N PHE I 50 -5.21 -41.69 -12.62
CA PHE I 50 -4.00 -42.25 -13.21
C PHE I 50 -3.70 -43.63 -12.62
N LEU I 51 -3.69 -43.74 -11.30
CA LEU I 51 -3.37 -45.02 -10.66
C LEU I 51 -4.42 -46.08 -10.99
N GLU I 52 -5.68 -45.68 -11.20
CA GLU I 52 -6.70 -46.63 -11.60
C GLU I 52 -6.43 -47.17 -12.99
N ALA I 53 -5.95 -46.32 -13.90
CA ALA I 53 -5.63 -46.78 -15.25
C ALA I 53 -4.38 -47.66 -15.26
N GLU I 54 -3.46 -47.44 -14.32
CA GLU I 54 -2.27 -48.28 -14.25
C GLU I 54 -2.58 -49.67 -13.70
N ASP I 55 -3.44 -49.73 -12.69
CA ASP I 55 -3.82 -51.00 -12.06
C ASP I 55 -5.12 -50.81 -11.30
N PRO I 56 -6.23 -51.36 -11.77
CA PRO I 56 -7.52 -51.17 -11.09
C PRO I 56 -7.71 -52.03 -9.86
N ASP I 57 -6.75 -52.90 -9.52
CA ASP I 57 -6.87 -53.79 -8.37
C ASP I 57 -5.95 -53.43 -7.21
N LYS I 58 -4.74 -52.93 -7.50
CA LYS I 58 -3.79 -52.63 -6.44
C LYS I 58 -4.26 -51.43 -5.61
N ASP I 59 -4.03 -51.50 -4.30
CA ASP I 59 -4.49 -50.46 -3.40
C ASP I 59 -3.79 -49.13 -3.68
N ILE I 60 -4.43 -48.06 -3.23
CA ILE I 60 -3.89 -46.71 -3.31
C ILE I 60 -3.78 -46.15 -1.90
N HIS I 61 -2.65 -45.52 -1.60
CA HIS I 61 -2.36 -44.99 -0.27
C HIS I 61 -2.38 -43.47 -0.34
N LEU I 62 -3.39 -42.86 0.29
CA LEU I 62 -3.56 -41.41 0.29
C LEU I 62 -3.20 -40.89 1.68
N TYR I 63 -2.01 -40.30 1.79
CA TYR I 63 -1.61 -39.65 3.03
C TYR I 63 -2.25 -38.28 3.14
N ILE I 64 -2.73 -37.95 4.33
CA ILE I 64 -3.53 -36.74 4.54
C ILE I 64 -2.93 -35.95 5.69
N ASN I 65 -2.43 -34.74 5.38
CA ASN I 65 -1.99 -33.76 6.37
C ASN I 65 -2.58 -32.42 5.90
N SER I 66 -3.87 -32.23 6.17
CA SER I 66 -4.61 -31.14 5.56
C SER I 66 -5.48 -30.42 6.59
N PRO I 67 -5.58 -29.09 6.49
CA PRO I 67 -6.52 -28.35 7.35
C PRO I 67 -7.92 -28.23 6.79
N GLY I 68 -8.16 -28.68 5.57
CA GLY I 68 -9.44 -28.56 4.92
C GLY I 68 -9.42 -27.54 3.81
N GLY I 69 -10.59 -27.01 3.51
CA GLY I 69 -10.73 -25.99 2.49
C GLY I 69 -12.15 -26.00 1.92
N SER I 70 -12.23 -25.86 0.60
CA SER I 70 -13.52 -25.80 -0.08
C SER I 70 -14.23 -27.15 -0.02
N ILE I 71 -15.55 -27.10 0.14
CA ILE I 71 -16.33 -28.32 0.25
C ILE I 71 -16.56 -28.95 -1.12
N THR I 72 -16.85 -28.13 -2.14
CA THR I 72 -17.04 -28.68 -3.49
C THR I 72 -15.76 -29.30 -4.02
N SER I 73 -14.61 -28.69 -3.71
CA SER I 73 -13.33 -29.29 -4.09
C SER I 73 -13.11 -30.61 -3.38
N GLY I 74 -13.52 -30.69 -2.11
CA GLY I 74 -13.36 -31.94 -1.36
C GLY I 74 -14.31 -33.01 -1.84
N MET I 75 -15.56 -32.64 -2.14
CA MET I 75 -16.52 -33.61 -2.66
C MET I 75 -16.10 -34.14 -4.02
N ALA I 76 -15.24 -33.43 -4.75
CA ALA I 76 -14.68 -33.98 -5.98
C ALA I 76 -13.69 -35.09 -5.67
N ILE I 77 -12.90 -34.93 -4.60
CA ILE I 77 -12.01 -36.00 -4.18
C ILE I 77 -12.80 -37.16 -3.58
N TYR I 78 -13.83 -36.84 -2.77
CA TYR I 78 -14.63 -37.87 -2.15
C TYR I 78 -15.29 -38.76 -3.17
N ASP I 79 -16.02 -38.17 -4.12
CA ASP I 79 -16.74 -38.95 -5.12
C ASP I 79 -15.78 -39.74 -6.00
N THR I 80 -14.64 -39.15 -6.35
CA THR I 80 -13.64 -39.87 -7.13
C THR I 80 -13.11 -41.08 -6.37
N MET I 81 -12.98 -40.96 -5.05
CA MET I 81 -12.49 -42.08 -4.25
C MET I 81 -13.44 -43.27 -4.33
N GLN I 82 -14.75 -43.02 -4.30
CA GLN I 82 -15.71 -44.10 -4.42
C GLN I 82 -15.95 -44.50 -5.87
N TYR I 83 -15.76 -43.58 -6.81
CA TYR I 83 -16.08 -43.86 -8.20
C TYR I 83 -15.04 -44.75 -8.86
N ILE I 84 -13.80 -44.71 -8.39
CA ILE I 84 -12.76 -45.56 -8.95
C ILE I 84 -12.82 -46.94 -8.32
N LYS I 85 -12.28 -47.93 -9.03
CA LYS I 85 -12.31 -49.32 -8.62
C LYS I 85 -11.34 -49.64 -7.49
N PRO I 86 -10.09 -49.19 -7.52
CA PRO I 86 -9.15 -49.57 -6.45
C PRO I 86 -9.59 -49.06 -5.09
N ASP I 87 -9.17 -49.79 -4.06
CA ASP I 87 -9.34 -49.33 -2.68
C ASP I 87 -8.39 -48.16 -2.42
N VAL I 88 -8.93 -47.08 -1.88
CA VAL I 88 -8.13 -45.91 -1.51
C VAL I 88 -7.94 -45.93 -0.01
N SER I 89 -6.72 -46.22 0.43
CA SER I 89 -6.37 -46.20 1.85
C SER I 89 -5.96 -44.80 2.25
N THR I 90 -6.47 -44.32 3.38
CA THR I 90 -6.16 -42.99 3.89
C THR I 90 -5.38 -43.12 5.19
N ILE I 91 -4.25 -42.43 5.27
CA ILE I 91 -3.39 -42.42 6.45
C ILE I 91 -3.29 -40.98 6.93
N CYS I 92 -3.65 -40.75 8.18
CA CYS I 92 -3.54 -39.43 8.78
C CYS I 92 -2.17 -39.25 9.41
N ILE I 93 -1.44 -38.25 8.95
CA ILE I 93 -0.21 -37.80 9.60
C ILE I 93 -0.35 -36.33 9.91
N GLY I 94 0.04 -35.94 11.12
CA GLY I 94 -0.06 -34.56 11.52
C GLY I 94 -1.46 -34.12 11.87
N MET I 95 -2.25 -33.71 10.87
CA MET I 95 -3.55 -33.13 11.11
C MET I 95 -4.50 -33.46 9.97
N ALA I 96 -5.73 -33.83 10.33
CA ALA I 96 -6.84 -33.97 9.38
C ALA I 96 -8.03 -33.23 9.97
N ALA I 97 -8.29 -32.03 9.46
CA ALA I 97 -9.35 -31.18 9.99
C ALA I 97 -10.29 -30.75 8.87
N SER I 98 -11.56 -30.58 9.24
CA SER I 98 -12.61 -30.11 8.34
C SER I 98 -12.71 -31.08 7.16
N MET I 99 -12.60 -30.63 5.91
CA MET I 99 -12.69 -31.54 4.78
C MET I 99 -11.55 -32.54 4.76
N GLY I 100 -10.44 -32.25 5.42
CA GLY I 100 -9.37 -33.23 5.54
C GLY I 100 -9.80 -34.43 6.35
N ALA I 101 -10.46 -34.19 7.50
CA ALA I 101 -11.00 -35.29 8.28
C ALA I 101 -12.12 -36.01 7.55
N PHE I 102 -12.91 -35.28 6.76
CA PHE I 102 -13.98 -35.89 5.98
C PHE I 102 -13.41 -36.90 4.99
N LEU I 103 -12.35 -36.52 4.28
CA LEU I 103 -11.73 -37.43 3.33
C LEU I 103 -11.02 -38.58 4.04
N LEU I 104 -10.48 -38.32 5.23
CA LEU I 104 -9.84 -39.37 6.00
C LEU I 104 -10.82 -40.49 6.33
N ALA I 105 -11.99 -40.13 6.84
CA ALA I 105 -13.04 -41.11 7.10
C ALA I 105 -13.66 -41.67 5.83
N ALA I 106 -13.28 -41.15 4.66
CA ALA I 106 -13.84 -41.57 3.38
C ALA I 106 -13.06 -42.70 2.72
N GLY I 107 -11.91 -43.08 3.27
CA GLY I 107 -11.14 -44.17 2.70
C GLY I 107 -11.88 -45.49 2.83
N ALA I 108 -11.29 -46.51 2.19
CA ALA I 108 -11.87 -47.85 2.23
C ALA I 108 -11.97 -48.33 3.67
N LYS I 109 -13.17 -48.74 4.07
CA LYS I 109 -13.39 -49.16 5.45
C LYS I 109 -12.52 -50.37 5.79
N GLY I 110 -11.83 -50.28 6.93
CA GLY I 110 -10.81 -51.23 7.29
C GLY I 110 -9.40 -50.76 7.00
N LYS I 111 -9.24 -49.77 6.12
CA LYS I 111 -7.93 -49.27 5.72
C LYS I 111 -7.80 -47.77 5.97
N ARG I 112 -8.55 -47.23 6.93
CA ARG I 112 -8.42 -45.85 7.34
C ARG I 112 -7.48 -45.80 8.55
N LEU I 113 -6.26 -45.30 8.33
CA LEU I 113 -5.21 -45.35 9.33
C LEU I 113 -4.89 -43.96 9.86
N ALA I 114 -4.19 -43.94 10.99
CA ALA I 114 -3.68 -42.70 11.57
C ALA I 114 -2.54 -43.06 12.51
N LEU I 115 -1.56 -42.18 12.60
CA LEU I 115 -0.42 -42.36 13.47
C LEU I 115 -0.71 -41.79 14.85
N PRO I 116 -0.04 -42.29 15.90
CA PRO I 116 -0.54 -42.06 17.27
C PRO I 116 -0.70 -40.60 17.67
N ASN I 117 0.15 -39.70 17.17
CA ASN I 117 0.09 -38.30 17.57
C ASN I 117 -0.55 -37.42 16.51
N SER I 118 -1.25 -38.01 15.53
CA SER I 118 -2.04 -37.21 14.61
C SER I 118 -3.21 -36.57 15.34
N GLU I 119 -3.71 -35.49 14.76
CA GLU I 119 -4.84 -34.76 15.30
C GLU I 119 -5.96 -34.73 14.27
N ILE I 120 -7.16 -35.10 14.69
CA ILE I 120 -8.34 -35.10 13.84
C ILE I 120 -9.35 -34.11 14.43
N MET I 121 -9.91 -33.26 13.58
CA MET I 121 -10.91 -32.29 13.99
C MET I 121 -12.03 -32.25 12.98
N ILE I 122 -13.27 -32.22 13.47
CA ILE I 122 -14.45 -32.14 12.62
C ILE I 122 -15.31 -30.98 13.09
N HIS I 123 -15.98 -30.33 12.15
CA HIS I 123 -16.93 -29.27 12.48
C HIS I 123 -17.93 -29.15 11.32
N GLN I 124 -18.87 -28.23 11.48
CA GLN I 124 -19.90 -28.01 10.48
C GLN I 124 -19.36 -27.10 9.37
N PRO I 125 -20.03 -27.09 8.21
CA PRO I 125 -19.54 -26.28 7.09
C PRO I 125 -19.44 -24.79 7.45
N LEU I 126 -18.54 -24.11 6.75
CA LEU I 126 -18.43 -22.67 6.82
C LEU I 126 -18.66 -22.08 5.44
N GLY I 127 -19.22 -20.87 5.41
CA GLY I 127 -19.52 -20.24 4.14
C GLY I 127 -19.90 -18.78 4.30
N GLY I 128 -20.75 -18.29 3.41
CA GLY I 128 -21.17 -16.90 3.46
C GLY I 128 -22.12 -16.58 2.33
N ALA I 129 -22.74 -15.41 2.46
CA ALA I 129 -23.68 -14.92 1.47
C ALA I 129 -23.87 -13.43 1.69
N GLN I 130 -23.94 -12.67 0.60
CA GLN I 130 -24.19 -11.23 0.67
C GLN I 130 -25.19 -10.86 -0.41
N GLY I 131 -25.65 -9.61 -0.35
CA GLY I 131 -26.59 -9.10 -1.35
C GLY I 131 -28.02 -9.04 -0.86
N GLN I 132 -28.97 -9.27 -1.77
CA GLN I 132 -30.38 -9.18 -1.44
C GLN I 132 -30.80 -10.31 -0.50
N ALA I 133 -31.91 -10.07 0.21
CA ALA I 133 -32.42 -11.07 1.14
C ALA I 133 -32.83 -12.35 0.43
N THR I 134 -33.43 -12.21 -0.76
CA THR I 134 -33.81 -13.40 -1.53
C THR I 134 -32.59 -14.24 -1.88
N ASP I 135 -31.48 -13.60 -2.25
CA ASP I 135 -30.27 -14.34 -2.59
C ASP I 135 -29.63 -14.95 -1.35
N ILE I 136 -29.71 -14.27 -0.21
CA ILE I 136 -29.17 -14.83 1.03
C ILE I 136 -29.94 -16.07 1.43
N GLU I 137 -31.26 -16.07 1.23
CA GLU I 137 -32.06 -17.25 1.52
C GLU I 137 -31.68 -18.42 0.62
N ILE I 138 -31.37 -18.13 -0.65
CA ILE I 138 -30.95 -19.19 -1.57
C ILE I 138 -29.65 -19.82 -1.10
N HIS I 139 -28.68 -19.00 -0.71
CA HIS I 139 -27.40 -19.54 -0.28
C HIS I 139 -27.46 -20.11 1.13
N ALA I 140 -28.39 -19.63 1.96
CA ALA I 140 -28.58 -20.23 3.28
C ALA I 140 -29.17 -21.63 3.15
N LYS I 141 -30.20 -21.78 2.31
CA LYS I 141 -30.79 -23.10 2.09
C LYS I 141 -29.76 -24.07 1.53
N ARG I 142 -28.85 -23.59 0.68
CA ARG I 142 -27.87 -24.47 0.06
C ARG I 142 -26.82 -24.94 1.06
N ILE I 143 -26.31 -24.03 1.89
CA ILE I 143 -25.29 -24.44 2.86
C ILE I 143 -25.91 -25.32 3.94
N LEU I 144 -27.20 -25.14 4.22
CA LEU I 144 -27.89 -26.06 5.13
C LEU I 144 -28.10 -27.42 4.47
N LYS I 145 -28.45 -27.42 3.19
CA LYS I 145 -28.53 -28.67 2.43
C LYS I 145 -27.16 -29.35 2.36
N ILE I 146 -26.09 -28.57 2.29
CA ILE I 146 -24.74 -29.14 2.32
C ILE I 146 -24.43 -29.74 3.67
N LYS I 147 -24.79 -29.03 4.75
CA LYS I 147 -24.54 -29.53 6.10
C LYS I 147 -25.24 -30.87 6.34
N GLU I 148 -26.49 -30.99 5.89
CA GLU I 148 -27.21 -32.25 6.06
C GLU I 148 -26.57 -33.37 5.25
N THR I 149 -26.09 -33.06 4.05
CA THR I 149 -25.49 -34.09 3.20
C THR I 149 -24.21 -34.63 3.81
N LEU I 150 -23.34 -33.73 4.29
CA LEU I 150 -22.07 -34.17 4.88
C LEU I 150 -22.31 -34.96 6.16
N ASN I 151 -23.30 -34.57 6.95
CA ASN I 151 -23.58 -35.28 8.20
C ASN I 151 -24.10 -36.69 7.93
N GLU I 152 -25.01 -36.83 6.96
CA GLU I 152 -25.49 -38.17 6.61
C GLU I 152 -24.37 -39.05 6.11
N ILE I 153 -23.42 -38.48 5.37
CA ILE I 153 -22.27 -39.24 4.90
C ILE I 153 -21.36 -39.62 6.06
N LEU I 154 -21.08 -38.66 6.94
CA LEU I 154 -20.25 -38.94 8.10
C LEU I 154 -20.90 -39.95 9.03
N SER I 155 -22.23 -39.93 9.14
CA SER I 155 -22.92 -40.91 9.97
C SER I 155 -22.80 -42.31 9.40
N GLU I 156 -22.83 -42.43 8.06
CA GLU I 156 -22.68 -43.75 7.44
C GLU I 156 -21.26 -44.26 7.58
N ARG I 157 -20.27 -43.41 7.29
CA ARG I 157 -18.88 -43.86 7.26
C ARG I 157 -18.33 -44.15 8.65
N THR I 158 -18.94 -43.60 9.70
CA THR I 158 -18.50 -43.86 11.06
C THR I 158 -19.37 -44.88 11.79
N GLY I 159 -20.62 -45.05 11.37
CA GLY I 159 -21.57 -45.85 12.10
C GLY I 159 -22.32 -45.10 13.18
N GLN I 160 -21.90 -43.88 13.52
CA GLN I 160 -22.60 -43.10 14.51
C GLN I 160 -23.97 -42.68 13.99
N PRO I 161 -24.95 -42.53 14.86
CA PRO I 161 -26.26 -42.02 14.44
C PRO I 161 -26.15 -40.58 13.93
N LEU I 162 -27.06 -40.22 13.04
CA LEU I 162 -27.04 -38.87 12.47
C LEU I 162 -27.24 -37.82 13.54
N GLU I 163 -28.10 -38.09 14.53
CA GLU I 163 -28.37 -37.13 15.58
C GLU I 163 -27.09 -36.80 16.37
N LYS I 164 -26.27 -37.80 16.63
CA LYS I 164 -25.03 -37.57 17.36
C LYS I 164 -24.00 -36.84 16.49
N ILE I 165 -24.01 -37.09 15.18
CA ILE I 165 -23.08 -36.42 14.29
C ILE I 165 -23.31 -34.92 14.29
N LYS I 166 -24.57 -34.51 14.15
CA LYS I 166 -24.88 -33.08 14.16
C LYS I 166 -24.53 -32.43 15.49
N MET I 167 -24.72 -33.16 16.59
CA MET I 167 -24.42 -32.60 17.90
C MET I 167 -22.92 -32.45 18.12
N ASP I 168 -22.11 -33.33 17.53
CA ASP I 168 -20.67 -33.31 17.77
C ASP I 168 -19.92 -32.40 16.81
N THR I 169 -20.52 -32.01 15.68
CA THR I 169 -19.86 -31.15 14.71
C THR I 169 -20.32 -29.70 14.77
N GLU I 170 -21.19 -29.35 15.73
CA GLU I 170 -21.70 -27.99 15.79
C GLU I 170 -20.59 -26.98 16.09
N ARG I 171 -19.52 -27.41 16.75
CA ARG I 171 -18.35 -26.59 16.99
C ARG I 171 -17.11 -27.41 16.71
N ASP I 172 -15.95 -26.76 16.77
CA ASP I 172 -14.68 -27.44 16.54
C ASP I 172 -14.52 -28.58 17.54
N ASN I 173 -14.35 -29.79 17.02
CA ASN I 173 -14.27 -31.01 17.83
C ASN I 173 -12.94 -31.68 17.54
N PHE I 174 -11.93 -31.38 18.37
CA PHE I 174 -10.62 -31.98 18.20
C PHE I 174 -10.56 -33.34 18.87
N MET I 175 -9.96 -34.30 18.16
CA MET I 175 -9.84 -35.66 18.65
C MET I 175 -8.40 -36.13 18.54
N SER I 176 -7.99 -36.96 19.50
CA SER I 176 -6.75 -37.69 19.36
C SER I 176 -6.93 -38.79 18.31
N ALA I 177 -5.80 -39.40 17.91
CA ALA I 177 -5.87 -40.49 16.94
C ALA I 177 -6.71 -41.64 17.47
N LEU I 178 -6.53 -42.00 18.74
CA LEU I 178 -7.33 -43.07 19.33
C LEU I 178 -8.80 -42.66 19.42
N GLU I 179 -9.07 -41.41 19.76
CA GLU I 179 -10.45 -40.94 19.81
C GLU I 179 -11.11 -40.99 18.44
N ALA I 180 -10.34 -40.70 17.39
CA ALA I 180 -10.87 -40.81 16.04
C ALA I 180 -11.18 -42.27 15.69
N LYS I 181 -10.37 -43.20 16.19
CA LYS I 181 -10.68 -44.61 16.04
C LYS I 181 -11.93 -44.98 16.82
N GLU I 182 -12.02 -44.51 18.07
CA GLU I 182 -13.18 -44.82 18.91
C GLU I 182 -14.45 -44.16 18.38
N TYR I 183 -14.32 -43.02 17.70
CA TYR I 183 -15.50 -42.35 17.16
C TYR I 183 -15.98 -42.98 15.86
N GLY I 184 -15.13 -43.76 15.19
CA GLY I 184 -15.46 -44.34 13.90
C GLY I 184 -14.87 -43.64 12.71
N LEU I 185 -14.09 -42.58 12.93
CA LEU I 185 -13.51 -41.85 11.80
C LEU I 185 -12.40 -42.65 11.12
N ILE I 186 -11.64 -43.43 11.89
CA ILE I 186 -10.59 -44.27 11.36
C ILE I 186 -10.77 -45.69 11.92
N ASP I 187 -9.94 -46.61 11.45
CA ASP I 187 -10.02 -48.00 11.85
C ASP I 187 -8.86 -48.45 12.73
N GLU I 188 -7.65 -47.97 12.48
CA GLU I 188 -6.48 -48.41 13.23
C GLU I 188 -5.60 -47.22 13.60
N VAL I 189 -4.86 -47.38 14.69
CA VAL I 189 -3.84 -46.43 15.13
C VAL I 189 -2.56 -47.24 15.31
N PHE I 190 -1.63 -47.11 14.37
CA PHE I 190 -0.40 -47.90 14.36
C PHE I 190 0.78 -47.03 14.79
N THR I 191 1.58 -47.54 15.72
CA THR I 191 2.82 -46.87 16.09
C THR I 191 3.99 -47.33 15.23
N LYS I 192 4.12 -48.64 15.03
CA LYS I 192 5.14 -49.22 14.18
C LYS I 192 4.49 -49.80 12.92
N ARG I 193 5.19 -50.74 12.27
CA ARG I 193 4.72 -51.38 11.04
C ARG I 193 4.47 -50.35 9.95
N ALA J 2 1.70 -28.68 -6.40
CA ALA J 2 2.89 -29.15 -7.08
C ALA J 2 2.52 -30.05 -8.26
N LEU J 3 3.00 -29.69 -9.45
CA LEU J 3 2.69 -30.47 -10.65
C LEU J 3 3.33 -31.85 -10.55
N VAL J 4 2.51 -32.89 -10.66
CA VAL J 4 2.95 -34.27 -10.48
C VAL J 4 3.49 -34.77 -11.82
N PRO J 5 4.76 -35.16 -11.89
CA PRO J 5 5.28 -35.76 -13.13
C PRO J 5 5.07 -37.27 -13.18
N VAL J 6 5.10 -37.80 -14.39
CA VAL J 6 5.02 -39.23 -14.65
C VAL J 6 6.08 -39.56 -15.69
N VAL J 7 6.94 -40.53 -15.38
CA VAL J 7 8.06 -40.90 -16.23
C VAL J 7 7.80 -42.29 -16.81
N VAL J 8 7.76 -42.36 -18.14
CA VAL J 8 7.59 -43.62 -18.86
C VAL J 8 8.90 -43.93 -19.58
N GLU J 9 9.28 -45.21 -19.58
CA GLU J 9 10.53 -45.65 -20.19
C GLU J 9 10.32 -45.90 -21.68
N GLN J 10 11.23 -45.36 -22.50
CA GLN J 10 11.15 -45.46 -23.95
C GLN J 10 9.81 -44.99 -24.50
N ARG J 16 11.35 -40.15 -21.43
CA ARG J 16 10.38 -39.08 -21.61
C ARG J 16 9.52 -38.90 -20.37
N SER J 17 9.09 -37.67 -20.11
CA SER J 17 8.35 -37.35 -18.90
C SER J 17 7.10 -36.53 -19.24
N TYR J 18 5.99 -36.89 -18.61
CA TYR J 18 4.74 -36.15 -18.70
C TYR J 18 4.40 -35.60 -17.32
N ASP J 19 3.53 -34.60 -17.29
CA ASP J 19 2.89 -34.23 -16.03
C ASP J 19 1.58 -35.00 -15.90
N ILE J 20 1.02 -34.99 -14.69
CA ILE J 20 -0.14 -35.83 -14.41
C ILE J 20 -1.29 -35.50 -15.34
N PHE J 21 -1.38 -34.24 -15.79
CA PHE J 21 -2.46 -33.86 -16.69
C PHE J 21 -2.17 -34.21 -18.15
N SER J 22 -0.90 -34.12 -18.56
CA SER J 22 -0.56 -34.52 -19.92
C SER J 22 -0.63 -36.03 -20.11
N ARG J 23 -0.30 -36.79 -19.07
CA ARG J 23 -0.42 -38.24 -19.16
C ARG J 23 -1.87 -38.66 -19.34
N LEU J 24 -2.79 -38.02 -18.62
CA LEU J 24 -4.21 -38.31 -18.78
C LEU J 24 -4.72 -37.85 -20.14
N LEU J 25 -4.09 -36.82 -20.72
CA LEU J 25 -4.47 -36.39 -22.06
C LEU J 25 -4.21 -37.48 -23.09
N LYS J 26 -3.23 -38.35 -22.84
CA LYS J 26 -2.99 -39.48 -23.73
C LYS J 26 -4.16 -40.44 -23.77
N ASP J 27 -5.03 -40.43 -22.76
CA ASP J 27 -6.24 -41.22 -22.73
C ASP J 27 -7.47 -40.42 -23.12
N ARG J 28 -7.28 -39.27 -23.76
CA ARG J 28 -8.36 -38.40 -24.22
C ARG J 28 -9.19 -37.85 -23.06
N ILE J 29 -8.51 -37.45 -22.00
CA ILE J 29 -9.15 -36.86 -20.82
C ILE J 29 -8.67 -35.43 -20.69
N ILE J 30 -9.60 -34.47 -20.70
CA ILE J 30 -9.31 -33.06 -20.51
C ILE J 30 -9.94 -32.60 -19.22
N PHE J 31 -9.23 -31.73 -18.49
CA PHE J 31 -9.67 -31.25 -17.19
C PHE J 31 -9.98 -29.76 -17.27
N LEU J 32 -11.24 -29.40 -17.01
CA LEU J 32 -11.64 -28.02 -16.79
C LEU J 32 -11.93 -27.89 -15.29
N GLY J 33 -10.86 -27.73 -14.52
CA GLY J 33 -10.99 -27.69 -13.07
C GLY J 33 -10.61 -26.35 -12.49
N ASP J 34 -11.03 -25.28 -13.14
CA ASP J 34 -10.65 -23.93 -12.74
C ASP J 34 -11.68 -22.96 -13.32
N GLN J 35 -11.52 -21.69 -12.99
CA GLN J 35 -12.37 -20.64 -13.57
C GLN J 35 -12.23 -20.61 -15.09
N VAL J 36 -13.33 -20.32 -15.77
CA VAL J 36 -13.33 -20.22 -17.22
C VAL J 36 -12.89 -18.81 -17.59
N ASN J 37 -11.70 -18.70 -18.19
CA ASN J 37 -11.20 -17.44 -18.71
C ASN J 37 -10.47 -17.73 -20.01
N ASP J 38 -9.89 -16.69 -20.60
CA ASP J 38 -9.24 -16.84 -21.90
C ASP J 38 -8.02 -17.76 -21.83
N ALA J 39 -7.34 -17.80 -20.68
CA ALA J 39 -6.20 -18.70 -20.54
C ALA J 39 -6.67 -20.15 -20.47
N THR J 40 -7.63 -20.43 -19.59
CA THR J 40 -8.10 -21.81 -19.44
C THR J 40 -8.88 -22.28 -20.66
N ALA J 41 -9.65 -21.38 -21.28
CA ALA J 41 -10.40 -21.76 -22.48
C ALA J 41 -9.48 -22.02 -23.66
N GLY J 42 -8.41 -21.23 -23.78
CA GLY J 42 -7.44 -21.48 -24.83
C GLY J 42 -6.76 -22.83 -24.69
N LEU J 43 -6.57 -23.30 -23.46
CA LEU J 43 -6.00 -24.61 -23.24
C LEU J 43 -7.01 -25.72 -23.55
N ILE J 44 -8.28 -25.50 -23.21
CA ILE J 44 -9.31 -26.49 -23.49
C ILE J 44 -9.49 -26.64 -25.00
N VAL J 45 -9.59 -25.51 -25.71
CA VAL J 45 -9.74 -25.56 -27.17
C VAL J 45 -8.53 -26.24 -27.81
N ALA J 46 -7.33 -25.92 -27.32
CA ALA J 46 -6.13 -26.54 -27.87
C ALA J 46 -6.12 -28.04 -27.63
N GLN J 47 -6.49 -28.48 -26.43
CA GLN J 47 -6.58 -29.90 -26.15
C GLN J 47 -7.70 -30.55 -26.96
N LEU J 48 -8.82 -29.83 -27.13
CA LEU J 48 -9.92 -30.38 -27.92
C LEU J 48 -9.54 -30.55 -29.38
N LEU J 49 -8.84 -29.56 -29.95
CA LEU J 49 -8.39 -29.67 -31.32
C LEU J 49 -7.31 -30.73 -31.50
N PHE J 50 -6.45 -30.89 -30.49
CA PHE J 50 -5.39 -31.89 -30.58
C PHE J 50 -5.97 -33.30 -30.56
N LEU J 51 -6.92 -33.56 -29.66
CA LEU J 51 -7.51 -34.90 -29.57
C LEU J 51 -8.29 -35.23 -30.83
N GLU J 52 -8.88 -34.23 -31.49
CA GLU J 52 -9.56 -34.48 -32.75
C GLU J 52 -8.56 -34.84 -33.85
N ALA J 53 -7.39 -34.21 -33.83
CA ALA J 53 -6.35 -34.55 -34.80
C ALA J 53 -5.80 -35.95 -34.55
N GLU J 54 -5.65 -36.33 -33.28
CA GLU J 54 -5.18 -37.67 -32.95
C GLU J 54 -6.14 -38.73 -33.44
N ASP J 55 -7.41 -38.62 -33.06
CA ASP J 55 -8.44 -39.54 -33.52
C ASP J 55 -9.78 -38.82 -33.54
N PRO J 56 -10.31 -38.50 -34.73
CA PRO J 56 -11.58 -37.77 -34.80
C PRO J 56 -12.82 -38.62 -34.53
N ASP J 57 -12.67 -39.90 -34.17
CA ASP J 57 -13.81 -40.77 -33.93
C ASP J 57 -13.93 -41.22 -32.48
N LYS J 58 -12.86 -41.20 -31.71
CA LYS J 58 -12.92 -41.62 -30.31
C LYS J 58 -13.48 -40.51 -29.43
N ASP J 59 -14.26 -40.90 -28.43
CA ASP J 59 -14.88 -39.93 -27.54
C ASP J 59 -13.82 -39.17 -26.74
N ILE J 60 -14.17 -37.96 -26.34
CA ILE J 60 -13.35 -37.13 -25.47
C ILE J 60 -14.07 -36.97 -24.13
N HIS J 61 -13.32 -37.13 -23.05
CA HIS J 61 -13.87 -37.03 -21.69
C HIS J 61 -13.38 -35.72 -21.05
N LEU J 62 -14.32 -34.80 -20.85
CA LEU J 62 -14.02 -33.48 -20.29
C LEU J 62 -14.58 -33.43 -18.87
N TYR J 63 -13.70 -33.56 -17.89
CA TYR J 63 -14.10 -33.44 -16.49
C TYR J 63 -14.25 -31.97 -16.13
N ILE J 64 -15.34 -31.63 -15.44
CA ILE J 64 -15.69 -30.25 -15.14
C ILE J 64 -15.76 -30.09 -13.63
N ASN J 65 -14.93 -29.18 -13.09
CA ASN J 65 -15.02 -28.72 -11.70
C ASN J 65 -14.77 -27.21 -11.75
N SER J 66 -15.81 -26.44 -12.08
CA SER J 66 -15.65 -25.04 -12.41
C SER J 66 -16.74 -24.19 -11.79
N PRO J 67 -16.40 -22.99 -11.32
CA PRO J 67 -17.40 -22.01 -10.91
C PRO J 67 -17.93 -21.14 -12.04
N GLY J 68 -17.42 -21.32 -13.25
CA GLY J 68 -17.80 -20.48 -14.36
C GLY J 68 -16.76 -19.41 -14.66
N GLY J 69 -17.23 -18.35 -15.33
CA GLY J 69 -16.35 -17.24 -15.64
C GLY J 69 -16.82 -16.40 -16.80
N SER J 70 -15.94 -16.15 -17.77
CA SER J 70 -16.26 -15.30 -18.90
C SER J 70 -17.23 -16.00 -19.86
N ILE J 71 -18.23 -15.25 -20.33
CA ILE J 71 -19.21 -15.82 -21.24
C ILE J 71 -18.59 -16.12 -22.59
N THR J 72 -17.81 -15.17 -23.13
CA THR J 72 -17.18 -15.40 -24.43
C THR J 72 -16.16 -16.53 -24.36
N SER J 73 -15.42 -16.62 -23.26
CA SER J 73 -14.48 -17.73 -23.11
C SER J 73 -15.21 -19.07 -23.08
N GLY J 74 -16.37 -19.11 -22.43
CA GLY J 74 -17.16 -20.33 -22.44
C GLY J 74 -17.68 -20.69 -23.81
N MET J 75 -18.15 -19.68 -24.57
CA MET J 75 -18.64 -19.94 -25.92
C MET J 75 -17.54 -20.44 -26.83
N ALA J 76 -16.29 -20.07 -26.56
CA ALA J 76 -15.17 -20.63 -27.32
C ALA J 76 -15.07 -22.13 -27.07
N ILE J 77 -15.34 -22.56 -25.84
CA ILE J 77 -15.33 -24.00 -25.54
C ILE J 77 -16.59 -24.65 -26.11
N TYR J 78 -17.75 -24.03 -25.89
CA TYR J 78 -19.01 -24.60 -26.37
C TYR J 78 -18.95 -24.84 -27.87
N ASP J 79 -18.59 -23.82 -28.64
CA ASP J 79 -18.59 -23.95 -30.10
C ASP J 79 -17.58 -24.99 -30.56
N THR J 80 -16.43 -25.07 -29.89
CA THR J 80 -15.42 -26.06 -30.28
C THR J 80 -15.89 -27.48 -29.98
N MET J 81 -16.64 -27.66 -28.88
CA MET J 81 -17.17 -28.98 -28.56
C MET J 81 -18.10 -29.49 -29.65
N GLN J 82 -18.88 -28.58 -30.24
CA GLN J 82 -19.78 -28.94 -31.33
C GLN J 82 -19.09 -28.95 -32.69
N TYR J 83 -18.06 -28.11 -32.85
CA TYR J 83 -17.36 -28.02 -34.14
C TYR J 83 -16.61 -29.31 -34.45
N ILE J 84 -15.97 -29.90 -33.45
CA ILE J 84 -15.13 -31.07 -33.69
C ILE J 84 -16.00 -32.31 -33.88
N LYS J 85 -15.42 -33.30 -34.56
CA LYS J 85 -16.10 -34.56 -34.86
C LYS J 85 -16.29 -35.45 -33.64
N PRO J 86 -15.27 -35.64 -32.77
CA PRO J 86 -15.46 -36.54 -31.63
C PRO J 86 -16.58 -36.07 -30.70
N ASP J 87 -17.32 -37.05 -30.18
CA ASP J 87 -18.28 -36.77 -29.12
C ASP J 87 -17.53 -36.39 -27.85
N VAL J 88 -17.95 -35.30 -27.23
CA VAL J 88 -17.29 -34.79 -26.03
C VAL J 88 -18.15 -35.15 -24.83
N SER J 89 -17.70 -36.13 -24.06
CA SER J 89 -18.39 -36.52 -22.83
C SER J 89 -17.97 -35.58 -21.71
N THR J 90 -18.95 -35.10 -20.94
CA THR J 90 -18.71 -34.19 -19.84
C THR J 90 -19.04 -34.88 -18.52
N ILE J 91 -18.11 -34.79 -17.57
CA ILE J 91 -18.24 -35.40 -16.25
C ILE J 91 -18.08 -34.30 -15.21
N CYS J 92 -19.16 -33.94 -14.54
CA CYS J 92 -19.08 -32.95 -13.48
C CYS J 92 -18.63 -33.63 -12.19
N ILE J 93 -17.51 -33.15 -11.63
CA ILE J 93 -17.03 -33.58 -10.33
C ILE J 93 -16.89 -32.34 -9.45
N GLY J 94 -17.42 -32.42 -8.23
CA GLY J 94 -17.34 -31.29 -7.33
C GLY J 94 -18.42 -30.26 -7.55
N MET J 95 -18.21 -29.36 -8.51
CA MET J 95 -19.19 -28.31 -8.79
C MET J 95 -19.06 -27.85 -10.23
N ALA J 96 -20.20 -27.70 -10.90
CA ALA J 96 -20.28 -27.08 -12.21
C ALA J 96 -21.32 -25.97 -12.11
N ALA J 97 -20.87 -24.73 -12.02
CA ALA J 97 -21.75 -23.59 -11.82
C ALA J 97 -21.58 -22.60 -12.97
N SER J 98 -22.70 -21.98 -13.36
CA SER J 98 -22.74 -20.91 -14.36
C SER J 98 -22.21 -21.46 -15.67
N MET J 99 -21.16 -20.89 -16.27
CA MET J 99 -20.65 -21.43 -17.52
C MET J 99 -20.16 -22.85 -17.35
N GLY J 100 -19.70 -23.22 -16.14
CA GLY J 100 -19.34 -24.60 -15.89
C GLY J 100 -20.51 -25.55 -16.06
N ALA J 101 -21.71 -25.11 -15.64
CA ALA J 101 -22.90 -25.92 -15.84
C ALA J 101 -23.34 -25.87 -17.30
N PHE J 102 -23.22 -24.71 -17.94
CA PHE J 102 -23.60 -24.59 -19.35
C PHE J 102 -22.77 -25.54 -20.22
N LEU J 103 -21.46 -25.59 -19.97
CA LEU J 103 -20.62 -26.52 -20.72
C LEU J 103 -20.92 -27.96 -20.35
N LEU J 104 -21.31 -28.21 -19.09
CA LEU J 104 -21.71 -29.55 -18.69
C LEU J 104 -22.92 -30.02 -19.48
N ALA J 105 -23.94 -29.17 -19.58
CA ALA J 105 -25.11 -29.50 -20.40
C ALA J 105 -24.81 -29.51 -21.88
N ALA J 106 -23.63 -29.05 -22.30
CA ALA J 106 -23.29 -28.94 -23.70
C ALA J 106 -22.65 -30.20 -24.27
N GLY J 107 -22.30 -31.17 -23.44
CA GLY J 107 -21.68 -32.39 -23.92
C GLY J 107 -22.61 -33.18 -24.82
N ALA J 108 -22.04 -34.23 -25.42
CA ALA J 108 -22.82 -35.11 -26.28
C ALA J 108 -23.97 -35.73 -25.51
N LYS J 109 -25.17 -35.67 -26.08
CA LYS J 109 -26.35 -36.20 -25.41
C LYS J 109 -26.18 -37.68 -25.13
N GLY J 110 -26.59 -38.10 -23.93
CA GLY J 110 -26.38 -39.45 -23.46
C GLY J 110 -25.04 -39.68 -22.80
N LYS J 111 -24.11 -38.74 -22.91
CA LYS J 111 -22.77 -38.88 -22.34
C LYS J 111 -22.42 -37.71 -21.43
N ARG J 112 -23.43 -37.13 -20.79
CA ARG J 112 -23.22 -36.05 -19.82
C ARG J 112 -23.37 -36.66 -18.43
N LEU J 113 -22.26 -36.72 -17.69
CA LEU J 113 -22.20 -37.43 -16.42
C LEU J 113 -22.06 -36.47 -15.24
N ALA J 114 -22.35 -36.99 -14.06
CA ALA J 114 -22.11 -36.28 -12.81
C ALA J 114 -22.06 -37.31 -11.69
N LEU J 115 -21.19 -37.07 -10.72
CA LEU J 115 -21.05 -37.94 -9.56
C LEU J 115 -22.06 -37.54 -8.49
N PRO J 116 -22.42 -38.47 -7.59
CA PRO J 116 -23.63 -38.25 -6.76
C PRO J 116 -23.62 -37.02 -5.91
N ASN J 117 -22.44 -36.55 -5.48
CA ASN J 117 -22.34 -35.41 -4.59
C ASN J 117 -21.91 -34.13 -5.30
N SER J 118 -21.87 -34.15 -6.64
CA SER J 118 -21.55 -32.94 -7.38
C SER J 118 -22.66 -31.91 -7.24
N GLU J 119 -22.27 -30.64 -7.32
CA GLU J 119 -23.19 -29.52 -7.24
C GLU J 119 -23.31 -28.86 -8.60
N ILE J 120 -24.53 -28.53 -9.00
CA ILE J 120 -24.80 -27.88 -10.28
C ILE J 120 -25.61 -26.62 -10.00
N MET J 121 -25.20 -25.51 -10.60
CA MET J 121 -25.91 -24.24 -10.43
C MET J 121 -26.01 -23.53 -11.77
N ILE J 122 -27.22 -23.04 -12.08
CA ILE J 122 -27.46 -22.27 -13.29
C ILE J 122 -28.04 -20.93 -12.89
N HIS J 123 -27.76 -19.90 -13.69
CA HIS J 123 -28.33 -18.58 -13.48
C HIS J 123 -28.19 -17.78 -14.77
N GLN J 124 -28.59 -16.52 -14.71
CA GLN J 124 -28.57 -15.62 -15.86
C GLN J 124 -27.21 -14.95 -15.98
N PRO J 125 -26.89 -14.37 -17.14
CA PRO J 125 -25.55 -13.80 -17.34
C PRO J 125 -25.25 -12.66 -16.38
N LEU J 126 -23.99 -12.53 -16.03
CA LEU J 126 -23.47 -11.41 -15.24
C LEU J 126 -22.64 -10.51 -16.14
N GLY J 127 -22.67 -9.21 -15.85
CA GLY J 127 -21.93 -8.28 -16.66
C GLY J 127 -21.81 -6.93 -15.99
N GLY J 128 -21.43 -5.95 -16.79
CA GLY J 128 -21.26 -4.60 -16.30
C GLY J 128 -20.96 -3.60 -17.39
N ALA J 129 -21.34 -2.34 -17.17
CA ALA J 129 -21.09 -1.28 -18.13
C ALA J 129 -21.05 0.05 -17.39
N GLN J 130 -20.06 0.87 -17.71
CA GLN J 130 -19.93 2.21 -17.16
C GLN J 130 -19.64 3.19 -18.29
N GLY J 131 -19.92 4.47 -18.02
CA GLY J 131 -19.66 5.53 -18.98
C GLY J 131 -20.94 6.21 -19.42
N GLN J 132 -20.93 6.69 -20.67
CA GLN J 132 -22.05 7.43 -21.21
C GLN J 132 -23.29 6.55 -21.33
N ALA J 133 -24.46 7.19 -21.24
CA ALA J 133 -25.73 6.47 -21.32
C ALA J 133 -25.86 5.71 -22.64
N THR J 134 -25.39 6.32 -23.74
CA THR J 134 -25.44 5.64 -25.03
C THR J 134 -24.63 4.35 -25.01
N ASP J 135 -23.45 4.39 -24.39
CA ASP J 135 -22.62 3.18 -24.30
C ASP J 135 -23.25 2.16 -23.35
N ILE J 136 -23.88 2.63 -22.27
CA ILE J 136 -24.55 1.71 -21.35
C ILE J 136 -25.70 0.99 -22.06
N GLU J 137 -26.42 1.71 -22.93
CA GLU J 137 -27.50 1.08 -23.68
C GLU J 137 -26.96 0.05 -24.67
N ILE J 138 -25.83 0.36 -25.30
CA ILE J 138 -25.22 -0.57 -26.26
C ILE J 138 -24.84 -1.87 -25.55
N HIS J 139 -24.23 -1.78 -24.37
CA HIS J 139 -23.80 -2.97 -23.65
C HIS J 139 -24.95 -3.67 -22.95
N ALA J 140 -25.95 -2.93 -22.47
CA ALA J 140 -27.11 -3.56 -21.86
C ALA J 140 -27.85 -4.44 -22.87
N LYS J 141 -28.02 -3.94 -24.10
CA LYS J 141 -28.69 -4.72 -25.12
C LYS J 141 -27.89 -5.98 -25.45
N ARG J 142 -26.56 -5.89 -25.44
CA ARG J 142 -25.74 -7.03 -25.83
C ARG J 142 -25.85 -8.16 -24.81
N ILE J 143 -25.79 -7.85 -23.52
CA ILE J 143 -25.91 -8.89 -22.51
C ILE J 143 -27.33 -9.46 -22.48
N LEU J 144 -28.32 -8.70 -22.98
CA LEU J 144 -29.67 -9.23 -23.05
C LEU J 144 -29.81 -10.23 -24.20
N LYS J 145 -29.16 -9.96 -25.34
CA LYS J 145 -29.13 -10.95 -26.41
C LYS J 145 -28.36 -12.20 -25.98
N ILE J 146 -27.26 -12.02 -25.24
CA ILE J 146 -26.54 -13.16 -24.69
C ILE J 146 -27.44 -13.95 -23.77
N LYS J 147 -28.19 -13.26 -22.90
CA LYS J 147 -29.12 -13.94 -22.01
C LYS J 147 -30.18 -14.70 -22.80
N GLU J 148 -30.67 -14.12 -23.90
CA GLU J 148 -31.66 -14.80 -24.72
C GLU J 148 -31.05 -15.98 -25.46
N THR J 149 -29.83 -15.81 -25.98
CA THR J 149 -29.19 -16.89 -26.73
C THR J 149 -28.87 -18.08 -25.83
N LEU J 150 -28.32 -17.81 -24.63
CA LEU J 150 -27.94 -18.90 -23.73
C LEU J 150 -29.18 -19.64 -23.22
N ASN J 151 -30.25 -18.91 -22.93
CA ASN J 151 -31.47 -19.57 -22.45
C ASN J 151 -32.08 -20.45 -23.52
N GLU J 152 -32.00 -20.03 -24.78
CA GLU J 152 -32.55 -20.84 -25.87
C GLU J 152 -31.73 -22.09 -26.12
N ILE J 153 -30.41 -22.01 -25.95
CA ILE J 153 -29.58 -23.21 -26.06
C ILE J 153 -29.83 -24.16 -24.89
N LEU J 154 -29.95 -23.60 -23.68
CA LEU J 154 -30.25 -24.42 -22.51
C LEU J 154 -31.59 -25.15 -22.68
N SER J 155 -32.57 -24.46 -23.26
CA SER J 155 -33.87 -25.09 -23.50
C SER J 155 -33.75 -26.22 -24.51
N GLU J 156 -32.89 -26.07 -25.51
CA GLU J 156 -32.73 -27.11 -26.53
C GLU J 156 -32.00 -28.31 -25.98
N ARG J 157 -31.01 -28.09 -25.12
CA ARG J 157 -30.18 -29.19 -24.61
C ARG J 157 -30.82 -29.92 -23.44
N THR J 158 -31.71 -29.26 -22.69
CA THR J 158 -32.38 -29.91 -21.57
C THR J 158 -33.77 -30.45 -21.94
N GLY J 159 -34.35 -29.98 -23.03
CA GLY J 159 -35.72 -30.30 -23.36
C GLY J 159 -36.76 -29.49 -22.63
N GLN J 160 -36.35 -28.61 -21.72
CA GLN J 160 -37.31 -27.81 -20.96
C GLN J 160 -37.89 -26.71 -21.84
N PRO J 161 -39.11 -26.27 -21.55
CA PRO J 161 -39.67 -25.12 -22.27
C PRO J 161 -38.84 -23.86 -21.99
N LEU J 162 -38.76 -23.00 -23.01
CA LEU J 162 -37.94 -21.80 -22.89
C LEU J 162 -38.41 -20.92 -21.73
N GLU J 163 -39.72 -20.81 -21.53
CA GLU J 163 -40.23 -19.96 -20.46
C GLU J 163 -39.87 -20.48 -19.08
N LYS J 164 -39.75 -21.80 -18.92
CA LYS J 164 -39.32 -22.35 -17.64
C LYS J 164 -37.84 -22.07 -17.40
N ILE J 165 -37.03 -22.12 -18.47
CA ILE J 165 -35.61 -21.81 -18.34
C ILE J 165 -35.41 -20.37 -17.87
N LYS J 166 -36.12 -19.43 -18.50
CA LYS J 166 -36.02 -18.02 -18.10
C LYS J 166 -36.43 -17.84 -16.64
N MET J 167 -37.51 -18.49 -16.23
CA MET J 167 -37.96 -18.37 -14.85
C MET J 167 -36.96 -18.96 -13.87
N ASP J 168 -36.40 -20.13 -14.20
CA ASP J 168 -35.55 -20.86 -13.28
C ASP J 168 -34.12 -20.31 -13.21
N THR J 169 -33.76 -19.34 -14.05
CA THR J 169 -32.41 -18.80 -14.06
C THR J 169 -32.35 -17.32 -13.71
N GLU J 170 -33.45 -16.73 -13.26
CA GLU J 170 -33.42 -15.33 -12.84
C GLU J 170 -32.52 -15.13 -11.63
N ARG J 171 -32.44 -16.13 -10.76
CA ARG J 171 -31.57 -16.11 -9.60
C ARG J 171 -30.79 -17.42 -9.54
N ASP J 172 -29.84 -17.49 -8.61
CA ASP J 172 -29.01 -18.68 -8.48
C ASP J 172 -29.88 -19.91 -8.22
N ASN J 173 -29.64 -20.97 -8.99
CA ASN J 173 -30.44 -22.19 -8.94
C ASN J 173 -29.49 -23.37 -8.68
N PHE J 174 -29.33 -23.73 -7.42
CA PHE J 174 -28.47 -24.85 -7.03
C PHE J 174 -29.24 -26.15 -7.12
N MET J 175 -28.66 -27.14 -7.80
CA MET J 175 -29.32 -28.42 -8.03
C MET J 175 -28.41 -29.57 -7.58
N SER J 176 -29.02 -30.61 -7.04
CA SER J 176 -28.30 -31.83 -6.75
C SER J 176 -27.90 -32.52 -8.06
N ALA J 177 -27.05 -33.54 -7.93
CA ALA J 177 -26.74 -34.36 -9.10
C ALA J 177 -27.98 -35.05 -9.65
N LEU J 178 -28.84 -35.53 -8.76
CA LEU J 178 -30.08 -36.18 -9.20
C LEU J 178 -31.08 -35.16 -9.71
N GLU J 179 -31.14 -33.99 -9.07
CA GLU J 179 -32.02 -32.92 -9.57
C GLU J 179 -31.60 -32.46 -10.96
N ALA J 180 -30.30 -32.50 -11.26
CA ALA J 180 -29.84 -32.08 -12.58
C ALA J 180 -30.15 -33.13 -13.64
N LYS J 181 -30.24 -34.40 -13.25
CA LYS J 181 -30.61 -35.44 -14.21
C LYS J 181 -32.05 -35.31 -14.65
N GLU J 182 -32.96 -35.04 -13.69
CA GLU J 182 -34.36 -34.87 -14.03
C GLU J 182 -34.65 -33.54 -14.72
N TYR J 183 -33.80 -32.54 -14.52
CA TYR J 183 -33.99 -31.26 -15.18
C TYR J 183 -33.55 -31.27 -16.63
N GLY J 184 -32.70 -32.22 -17.02
CA GLY J 184 -32.20 -32.30 -18.38
C GLY J 184 -30.80 -31.76 -18.57
N LEU J 185 -30.12 -31.35 -17.50
CA LEU J 185 -28.76 -30.82 -17.62
C LEU J 185 -27.74 -31.94 -17.81
N ILE J 186 -28.01 -33.12 -17.25
CA ILE J 186 -27.14 -34.28 -17.41
C ILE J 186 -28.02 -35.49 -17.73
N ASP J 187 -27.37 -36.57 -18.14
CA ASP J 187 -28.06 -37.80 -18.51
C ASP J 187 -27.98 -38.87 -17.43
N GLU J 188 -26.82 -39.04 -16.79
CA GLU J 188 -26.61 -40.11 -15.82
C GLU J 188 -25.97 -39.55 -14.55
N VAL J 189 -26.23 -40.24 -13.44
CA VAL J 189 -25.59 -39.98 -12.16
C VAL J 189 -25.02 -41.30 -11.69
N PHE J 190 -23.72 -41.50 -11.87
CA PHE J 190 -23.04 -42.73 -11.49
C PHE J 190 -22.24 -42.50 -10.22
N THR J 191 -22.36 -43.43 -9.27
CA THR J 191 -21.46 -43.48 -8.12
C THR J 191 -20.32 -44.46 -8.31
N LYS J 192 -20.57 -45.57 -8.98
CA LYS J 192 -19.54 -46.50 -9.42
C LYS J 192 -19.39 -46.39 -10.93
N ARG J 193 -18.22 -46.80 -11.42
CA ARG J 193 -17.92 -46.70 -12.84
C ARG J 193 -18.82 -47.62 -13.67
N VAL K 4 -0.36 -25.75 -18.76
CA VAL K 4 -0.14 -26.00 -20.18
C VAL K 4 0.42 -27.41 -20.39
N PRO K 5 -0.39 -28.27 -21.00
CA PRO K 5 0.03 -29.68 -21.17
C PRO K 5 1.12 -29.82 -22.21
N VAL K 6 1.78 -30.98 -22.16
CA VAL K 6 2.90 -31.30 -23.05
C VAL K 6 2.57 -32.55 -23.85
N VAL K 7 3.03 -32.59 -25.09
CA VAL K 7 2.79 -33.72 -25.97
C VAL K 7 4.10 -34.18 -26.61
N SER K 17 7.05 -29.15 -30.12
CA SER K 17 6.08 -30.23 -30.23
C SER K 17 5.82 -30.90 -28.87
N TYR K 18 6.42 -30.35 -27.83
CA TYR K 18 6.27 -30.85 -26.47
C TYR K 18 5.53 -29.86 -25.59
N ASP K 19 4.55 -29.17 -26.18
CA ASP K 19 3.50 -28.49 -25.45
C ASP K 19 2.34 -28.28 -26.43
N ILE K 20 1.14 -28.16 -25.88
CA ILE K 20 -0.07 -28.27 -26.69
C ILE K 20 -0.09 -27.23 -27.82
N PHE K 21 0.47 -26.05 -27.58
CA PHE K 21 0.49 -25.03 -28.62
C PHE K 21 1.61 -25.29 -29.64
N SER K 22 2.75 -25.80 -29.17
CA SER K 22 3.83 -26.15 -30.08
C SER K 22 3.48 -27.36 -30.94
N ARG K 23 2.71 -28.29 -30.38
CA ARG K 23 2.25 -29.43 -31.17
C ARG K 23 1.30 -28.97 -32.28
N LEU K 24 0.34 -28.11 -31.93
CA LEU K 24 -0.57 -27.58 -32.95
C LEU K 24 0.14 -26.64 -33.91
N LEU K 25 1.30 -26.10 -33.53
CA LEU K 25 2.08 -25.30 -34.47
C LEU K 25 2.60 -26.13 -35.63
N LYS K 26 2.85 -27.42 -35.39
CA LYS K 26 3.28 -28.31 -36.48
C LYS K 26 2.18 -28.58 -37.48
N ASP K 27 0.91 -28.37 -37.10
CA ASP K 27 -0.21 -28.44 -38.02
C ASP K 27 -0.54 -27.08 -38.63
N ARG K 28 0.38 -26.12 -38.52
CA ARG K 28 0.18 -24.76 -39.03
C ARG K 28 -1.01 -24.08 -38.39
N ILE K 29 -1.17 -24.28 -37.08
CA ILE K 29 -2.22 -23.66 -36.29
C ILE K 29 -1.59 -22.69 -35.30
N ILE K 30 -2.06 -21.46 -35.30
CA ILE K 30 -1.60 -20.43 -34.37
C ILE K 30 -2.80 -19.93 -33.57
N PHE K 31 -2.54 -19.51 -32.34
CA PHE K 31 -3.58 -19.05 -31.43
C PHE K 31 -3.30 -17.61 -31.00
N LEU K 32 -4.25 -16.72 -31.28
CA LEU K 32 -4.30 -15.39 -30.69
C LEU K 32 -5.42 -15.42 -29.64
N GLY K 33 -5.13 -16.01 -28.49
CA GLY K 33 -6.11 -16.16 -27.44
C GLY K 33 -5.83 -15.27 -26.25
N ASP K 34 -5.27 -14.10 -26.51
CA ASP K 34 -4.90 -13.17 -25.45
C ASP K 34 -5.02 -11.75 -25.98
N GLN K 35 -4.85 -10.79 -25.08
CA GLN K 35 -4.77 -9.39 -25.49
C GLN K 35 -3.64 -9.20 -26.49
N VAL K 36 -3.81 -8.23 -27.38
CA VAL K 36 -2.82 -7.93 -28.40
C VAL K 36 -1.85 -6.89 -27.83
N ASN K 37 -0.63 -7.32 -27.52
CA ASN K 37 0.44 -6.43 -27.08
C ASN K 37 1.73 -6.85 -27.77
N ASP K 38 2.83 -6.16 -27.43
CA ASP K 38 4.11 -6.48 -28.05
C ASP K 38 4.54 -7.90 -27.75
N ALA K 39 4.25 -8.39 -26.55
CA ALA K 39 4.60 -9.77 -26.20
C ALA K 39 3.83 -10.76 -27.06
N THR K 40 2.52 -10.58 -27.17
CA THR K 40 1.72 -11.52 -27.95
C THR K 40 1.88 -11.31 -29.45
N ALA K 41 2.08 -10.07 -29.90
CA ALA K 41 2.28 -9.83 -31.34
C ALA K 41 3.62 -10.37 -31.80
N GLY K 42 4.67 -10.23 -30.99
CA GLY K 42 5.96 -10.78 -31.37
C GLY K 42 5.95 -12.29 -31.50
N LEU K 43 5.16 -12.97 -30.66
CA LEU K 43 5.03 -14.41 -30.76
C LEU K 43 4.24 -14.80 -32.01
N ILE K 44 3.18 -14.05 -32.32
CA ILE K 44 2.41 -14.33 -33.54
C ILE K 44 3.26 -14.08 -34.78
N VAL K 45 4.00 -12.97 -34.80
CA VAL K 45 4.86 -12.67 -35.95
C VAL K 45 5.91 -13.75 -36.13
N ALA K 46 6.53 -14.20 -35.03
CA ALA K 46 7.53 -15.25 -35.12
C ALA K 46 6.92 -16.55 -35.65
N GLN K 47 5.71 -16.88 -35.20
CA GLN K 47 5.07 -18.10 -35.68
C GLN K 47 4.72 -18.00 -37.16
N LEU K 48 4.28 -16.81 -37.60
CA LEU K 48 3.95 -16.62 -39.01
C LEU K 48 5.17 -16.78 -39.90
N LEU K 49 6.28 -16.13 -39.52
CA LEU K 49 7.51 -16.23 -40.32
C LEU K 49 8.05 -17.65 -40.33
N PHE K 50 7.98 -18.35 -39.19
CA PHE K 50 8.48 -19.71 -39.13
C PHE K 50 7.66 -20.64 -40.01
N LEU K 51 6.33 -20.48 -40.00
CA LEU K 51 5.47 -21.33 -40.81
C LEU K 51 5.69 -21.08 -42.30
N GLU K 52 6.04 -19.85 -42.68
CA GLU K 52 6.32 -19.57 -44.09
C GLU K 52 7.63 -20.22 -44.53
N ALA K 53 8.65 -20.19 -43.67
CA ALA K 53 9.91 -20.83 -43.99
C ALA K 53 9.76 -22.35 -44.08
N GLU K 54 8.82 -22.93 -43.34
CA GLU K 54 8.61 -24.37 -43.38
C GLU K 54 7.89 -24.79 -44.65
N ASP K 55 6.95 -23.98 -45.13
CA ASP K 55 6.19 -24.26 -46.34
C ASP K 55 5.50 -22.99 -46.82
N PRO K 56 6.03 -22.31 -47.84
CA PRO K 56 5.45 -21.03 -48.26
C PRO K 56 4.12 -21.15 -48.99
N ASP K 57 3.62 -22.37 -49.23
CA ASP K 57 2.40 -22.55 -50.00
C ASP K 57 1.22 -23.07 -49.18
N LYS K 58 1.47 -23.70 -48.04
CA LYS K 58 0.39 -24.26 -47.23
C LYS K 58 -0.24 -23.19 -46.37
N ASP K 59 -1.57 -23.23 -46.29
CA ASP K 59 -2.32 -22.23 -45.53
C ASP K 59 -1.92 -22.27 -44.05
N ILE K 60 -2.09 -21.12 -43.40
CA ILE K 60 -1.91 -20.98 -41.97
C ILE K 60 -3.28 -20.72 -41.34
N HIS K 61 -3.54 -21.38 -40.22
CA HIS K 61 -4.82 -21.26 -39.51
C HIS K 61 -4.59 -20.50 -38.21
N LEU K 62 -5.06 -19.26 -38.16
CA LEU K 62 -4.88 -18.38 -37.00
C LEU K 62 -6.20 -18.27 -36.25
N TYR K 63 -6.29 -18.93 -35.11
CA TYR K 63 -7.46 -18.80 -34.24
C TYR K 63 -7.38 -17.52 -33.45
N ILE K 64 -8.51 -16.82 -33.33
CA ILE K 64 -8.55 -15.52 -32.67
C ILE K 64 -9.62 -15.55 -31.59
N ASN K 65 -9.19 -15.41 -30.33
CA ASN K 65 -10.07 -15.16 -29.19
C ASN K 65 -9.42 -14.04 -28.39
N SER K 66 -9.65 -12.81 -28.83
CA SER K 66 -8.94 -11.66 -28.30
C SER K 66 -9.87 -10.48 -28.08
N PRO K 67 -9.68 -9.72 -27.00
CA PRO K 67 -10.41 -8.46 -26.84
C PRO K 67 -9.77 -7.28 -27.54
N GLY K 68 -8.68 -7.50 -28.26
CA GLY K 68 -7.97 -6.41 -28.90
C GLY K 68 -6.74 -6.00 -28.12
N GLY K 69 -6.30 -4.76 -28.28
CA GLY K 69 -5.14 -4.27 -27.57
C GLY K 69 -4.52 -3.05 -28.22
N SER K 70 -3.18 -3.04 -28.29
CA SER K 70 -2.46 -1.92 -28.88
C SER K 70 -2.56 -1.95 -30.39
N ILE K 71 -2.69 -0.77 -30.99
CA ILE K 71 -2.89 -0.68 -32.44
C ILE K 71 -1.60 -1.05 -33.18
N THR K 72 -0.46 -0.52 -32.74
CA THR K 72 0.80 -0.78 -33.43
C THR K 72 1.15 -2.26 -33.41
N SER K 73 1.01 -2.90 -32.24
CA SER K 73 1.29 -4.33 -32.18
C SER K 73 0.32 -5.13 -33.05
N GLY K 74 -0.92 -4.68 -33.17
CA GLY K 74 -1.85 -5.33 -34.07
C GLY K 74 -1.50 -5.14 -35.53
N MET K 75 -0.94 -3.96 -35.87
CA MET K 75 -0.54 -3.73 -37.26
C MET K 75 0.68 -4.54 -37.65
N ALA K 76 1.55 -4.85 -36.67
CA ALA K 76 2.66 -5.77 -36.95
C ALA K 76 2.12 -7.13 -37.39
N ILE K 77 1.06 -7.61 -36.73
CA ILE K 77 0.43 -8.85 -37.15
C ILE K 77 -0.25 -8.67 -38.49
N TYR K 78 -0.97 -7.56 -38.68
CA TYR K 78 -1.69 -7.34 -39.94
C TYR K 78 -0.74 -7.34 -41.12
N ASP K 79 0.34 -6.56 -41.04
CA ASP K 79 1.25 -6.44 -42.17
C ASP K 79 1.99 -7.74 -42.42
N THR K 80 2.35 -8.47 -41.36
CA THR K 80 3.02 -9.75 -41.53
C THR K 80 2.11 -10.75 -42.23
N MET K 81 0.80 -10.69 -41.95
CA MET K 81 -0.14 -11.57 -42.63
C MET K 81 -0.21 -11.30 -44.12
N GLN K 82 -0.08 -10.03 -44.52
CA GLN K 82 -0.06 -9.69 -45.94
C GLN K 82 1.32 -9.84 -46.54
N TYR K 83 2.37 -9.81 -45.72
CA TYR K 83 3.74 -9.89 -46.23
C TYR K 83 4.14 -11.31 -46.58
N ILE K 84 3.70 -12.29 -45.80
CA ILE K 84 4.08 -13.67 -46.03
C ILE K 84 3.27 -14.26 -47.17
N LYS K 85 3.86 -15.22 -47.87
CA LYS K 85 3.23 -15.89 -49.00
C LYS K 85 2.03 -16.75 -48.61
N PRO K 86 2.11 -17.56 -47.54
CA PRO K 86 0.96 -18.43 -47.21
C PRO K 86 -0.30 -17.63 -46.93
N ASP K 87 -1.43 -18.16 -47.38
CA ASP K 87 -2.72 -17.61 -47.00
C ASP K 87 -2.94 -17.82 -45.51
N VAL K 88 -3.34 -16.77 -44.81
CA VAL K 88 -3.58 -16.81 -43.38
C VAL K 88 -5.09 -16.88 -43.17
N SER K 89 -5.60 -18.08 -42.93
CA SER K 89 -7.00 -18.27 -42.59
C SER K 89 -7.22 -17.89 -41.13
N THR K 90 -8.28 -17.11 -40.87
CA THR K 90 -8.61 -16.67 -39.53
C THR K 90 -9.91 -17.33 -39.08
N ILE K 91 -9.91 -17.86 -37.86
CA ILE K 91 -11.07 -18.48 -37.26
C ILE K 91 -11.33 -17.80 -35.92
N CYS K 92 -12.52 -17.25 -35.76
CA CYS K 92 -12.89 -16.58 -34.53
C CYS K 92 -13.62 -17.55 -33.61
N ILE K 93 -13.11 -17.71 -32.40
CA ILE K 93 -13.76 -18.46 -31.34
C ILE K 93 -13.97 -17.53 -30.15
N GLY K 94 -15.12 -17.66 -29.49
CA GLY K 94 -15.42 -16.82 -28.36
C GLY K 94 -15.70 -15.37 -28.74
N MET K 95 -14.65 -14.57 -28.86
CA MET K 95 -14.83 -13.16 -29.19
C MET K 95 -13.64 -12.65 -29.98
N ALA K 96 -13.92 -11.71 -30.89
CA ALA K 96 -12.90 -10.95 -31.61
C ALA K 96 -13.36 -9.49 -31.60
N ALA K 97 -12.75 -8.68 -30.75
CA ALA K 97 -13.14 -7.29 -30.58
C ALA K 97 -11.95 -6.37 -30.83
N SER K 98 -12.25 -5.17 -31.35
CA SER K 98 -11.27 -4.11 -31.57
C SER K 98 -10.22 -4.63 -32.55
N MET K 99 -8.93 -4.65 -32.19
CA MET K 99 -7.93 -5.19 -33.10
C MET K 99 -8.13 -6.68 -33.35
N GLY K 100 -8.81 -7.38 -32.44
CA GLY K 100 -9.13 -8.78 -32.69
C GLY K 100 -10.03 -8.97 -33.88
N ALA K 101 -11.03 -8.09 -34.02
CA ALA K 101 -11.89 -8.14 -35.20
C ALA K 101 -11.18 -7.60 -36.45
N PHE K 102 -10.33 -6.59 -36.29
CA PHE K 102 -9.58 -6.07 -37.42
C PHE K 102 -8.65 -7.13 -37.99
N LEU K 103 -8.02 -7.92 -37.13
CA LEU K 103 -7.18 -9.01 -37.61
C LEU K 103 -8.00 -10.19 -38.12
N LEU K 104 -9.21 -10.38 -37.59
CA LEU K 104 -10.09 -11.41 -38.12
C LEU K 104 -10.52 -11.10 -39.55
N ALA K 105 -10.86 -9.84 -39.82
CA ALA K 105 -11.19 -9.41 -41.17
C ALA K 105 -9.97 -9.36 -42.08
N ALA K 106 -8.76 -9.46 -41.53
CA ALA K 106 -7.54 -9.39 -42.31
C ALA K 106 -7.16 -10.73 -42.94
N GLY K 107 -7.84 -11.81 -42.58
CA GLY K 107 -7.52 -13.11 -43.17
C GLY K 107 -7.78 -13.13 -44.66
N ALA K 108 -7.21 -14.14 -45.32
CA ALA K 108 -7.33 -14.27 -46.76
C ALA K 108 -8.80 -14.36 -47.18
N LYS K 109 -9.12 -13.71 -48.28
CA LYS K 109 -10.50 -13.65 -48.76
C LYS K 109 -11.04 -15.06 -49.00
N GLY K 110 -12.23 -15.32 -48.47
CA GLY K 110 -12.84 -16.64 -48.56
C GLY K 110 -12.43 -17.60 -47.47
N LYS K 111 -11.50 -17.21 -46.58
CA LYS K 111 -11.01 -18.10 -45.54
C LYS K 111 -11.11 -17.48 -44.15
N ARG K 112 -11.95 -16.46 -43.99
CA ARG K 112 -12.22 -15.87 -42.67
C ARG K 112 -13.48 -16.51 -42.11
N LEU K 113 -13.32 -17.32 -41.06
CA LEU K 113 -14.41 -18.09 -40.49
C LEU K 113 -14.71 -17.64 -39.07
N ALA K 114 -15.89 -18.04 -38.59
CA ALA K 114 -16.29 -17.78 -37.21
C ALA K 114 -17.36 -18.78 -36.82
N LEU K 115 -17.23 -19.36 -35.63
CA LEU K 115 -18.17 -20.33 -35.13
C LEU K 115 -19.46 -19.62 -34.70
N PRO K 116 -20.60 -20.35 -34.63
CA PRO K 116 -21.90 -19.66 -34.60
C PRO K 116 -22.11 -18.72 -33.43
N ASN K 117 -21.63 -19.08 -32.24
CA ASN K 117 -21.84 -18.25 -31.05
C ASN K 117 -20.68 -17.30 -30.79
N SER K 118 -19.83 -17.06 -31.78
CA SER K 118 -18.73 -16.12 -31.63
C SER K 118 -19.26 -14.70 -31.57
N GLU K 119 -18.48 -13.82 -30.96
CA GLU K 119 -18.84 -12.42 -30.78
C GLU K 119 -17.82 -11.54 -31.48
N ILE K 120 -18.31 -10.63 -32.33
CA ILE K 120 -17.46 -9.72 -33.09
C ILE K 120 -17.86 -8.30 -32.74
N MET K 121 -16.87 -7.46 -32.46
CA MET K 121 -17.10 -6.06 -32.12
C MET K 121 -16.03 -5.20 -32.77
N ILE K 122 -16.46 -4.12 -33.43
CA ILE K 122 -15.57 -3.18 -34.08
C ILE K 122 -15.88 -1.78 -33.56
N HIS K 123 -14.83 -0.97 -33.38
CA HIS K 123 -15.01 0.41 -32.94
C HIS K 123 -13.80 1.22 -33.40
N GLN K 124 -13.86 2.52 -33.13
CA GLN K 124 -12.78 3.42 -33.50
C GLN K 124 -11.60 3.26 -32.54
N PRO K 125 -10.42 3.74 -32.91
CA PRO K 125 -9.25 3.59 -32.03
C PRO K 125 -9.40 4.37 -30.73
N LEU K 126 -8.79 3.84 -29.68
CA LEU K 126 -8.67 4.51 -28.40
C LEU K 126 -7.22 4.89 -28.15
N GLY K 127 -7.01 6.02 -27.49
CA GLY K 127 -5.67 6.47 -27.20
C GLY K 127 -5.66 7.53 -26.12
N GLY K 128 -4.50 8.16 -25.96
CA GLY K 128 -4.33 9.19 -24.96
C GLY K 128 -3.26 10.17 -25.36
N ALA K 129 -3.25 11.30 -24.66
CA ALA K 129 -2.26 12.35 -24.89
C ALA K 129 -2.21 13.22 -23.65
N GLN K 130 -0.99 13.50 -23.17
CA GLN K 130 -0.81 14.35 -22.00
C GLN K 130 0.40 15.25 -22.21
N GLY K 131 0.30 16.48 -21.71
CA GLY K 131 1.38 17.44 -21.77
C GLY K 131 0.96 18.74 -22.42
N GLN K 132 1.89 19.34 -23.14
CA GLN K 132 1.66 20.65 -23.75
C GLN K 132 0.63 20.56 -24.88
N ALA K 133 -0.01 21.69 -25.15
CA ALA K 133 -1.05 21.74 -26.18
C ALA K 133 -0.50 21.36 -27.54
N THR K 134 0.75 21.75 -27.83
CA THR K 134 1.35 21.38 -29.11
C THR K 134 1.55 19.88 -29.21
N ASP K 135 2.05 19.26 -28.14
CA ASP K 135 2.24 17.81 -28.15
C ASP K 135 0.91 17.07 -28.22
N ILE K 136 -0.14 17.63 -27.60
CA ILE K 136 -1.47 17.03 -27.72
C ILE K 136 -1.94 17.10 -29.16
N GLU K 137 -1.71 18.23 -29.82
CA GLU K 137 -2.11 18.38 -31.22
C GLU K 137 -1.37 17.38 -32.11
N ILE K 138 -0.09 17.11 -31.81
CA ILE K 138 0.66 16.16 -32.61
C ILE K 138 0.07 14.76 -32.46
N HIS K 139 -0.24 14.36 -31.22
CA HIS K 139 -0.75 13.01 -30.99
C HIS K 139 -2.19 12.86 -31.44
N ALA K 140 -2.99 13.94 -31.35
CA ALA K 140 -4.37 13.89 -31.84
C ALA K 140 -4.40 13.67 -33.35
N LYS K 141 -3.52 14.34 -34.09
CA LYS K 141 -3.43 14.12 -35.52
C LYS K 141 -3.00 12.69 -35.83
N ARG K 142 -2.17 12.10 -34.95
CA ARG K 142 -1.71 10.72 -35.18
C ARG K 142 -2.86 9.74 -35.05
N ILE K 143 -3.66 9.85 -33.98
CA ILE K 143 -4.74 8.89 -33.77
C ILE K 143 -5.83 9.08 -34.83
N LEU K 144 -6.06 10.30 -35.30
CA LEU K 144 -7.03 10.51 -36.36
C LEU K 144 -6.53 9.92 -37.68
N LYS K 145 -5.24 10.06 -37.96
CA LYS K 145 -4.67 9.42 -39.16
C LYS K 145 -4.78 7.91 -39.07
N ILE K 146 -4.54 7.35 -37.88
CA ILE K 146 -4.72 5.92 -37.68
C ILE K 146 -6.17 5.52 -37.89
N LYS K 147 -7.09 6.32 -37.32
CA LYS K 147 -8.51 6.05 -37.50
C LYS K 147 -8.90 6.02 -38.97
N GLU K 148 -8.38 6.96 -39.76
CA GLU K 148 -8.69 6.98 -41.18
C GLU K 148 -8.06 5.79 -41.90
N THR K 149 -6.80 5.47 -41.58
CA THR K 149 -6.14 4.35 -42.23
C THR K 149 -6.80 3.02 -41.86
N LEU K 150 -7.21 2.88 -40.60
CA LEU K 150 -7.88 1.65 -40.18
C LEU K 150 -9.24 1.50 -40.87
N ASN K 151 -9.98 2.59 -41.01
CA ASN K 151 -11.27 2.53 -41.69
C ASN K 151 -11.10 2.24 -43.17
N GLU K 152 -10.04 2.79 -43.80
CA GLU K 152 -9.78 2.51 -45.20
C GLU K 152 -9.53 1.02 -45.42
N ILE K 153 -8.76 0.39 -44.53
CA ILE K 153 -8.51 -1.04 -44.64
C ILE K 153 -9.80 -1.83 -44.45
N LEU K 154 -10.56 -1.48 -43.41
CA LEU K 154 -11.82 -2.18 -43.16
C LEU K 154 -12.78 -2.05 -44.34
N SER K 155 -12.82 -0.88 -44.96
CA SER K 155 -13.66 -0.70 -46.15
C SER K 155 -13.19 -1.58 -47.29
N GLU K 156 -11.87 -1.72 -47.44
CA GLU K 156 -11.33 -2.54 -48.53
C GLU K 156 -11.56 -4.02 -48.27
N ARG K 157 -11.40 -4.47 -47.02
CA ARG K 157 -11.48 -5.88 -46.71
C ARG K 157 -12.92 -6.37 -46.54
N THR K 158 -13.86 -5.48 -46.27
CA THR K 158 -15.27 -5.85 -46.17
C THR K 158 -16.06 -5.54 -47.43
N GLY K 159 -15.63 -4.56 -48.21
CA GLY K 159 -16.38 -4.10 -49.36
C GLY K 159 -17.34 -2.96 -49.06
N GLN K 160 -17.52 -2.60 -47.80
CA GLN K 160 -18.40 -1.51 -47.45
C GLN K 160 -17.77 -0.17 -47.82
N PRO K 161 -18.58 0.83 -48.14
CA PRO K 161 -18.03 2.16 -48.42
C PRO K 161 -17.31 2.73 -47.20
N LEU K 162 -16.31 3.58 -47.46
CA LEU K 162 -15.55 4.18 -46.37
C LEU K 162 -16.45 4.98 -45.44
N GLU K 163 -17.41 5.72 -46.01
CA GLU K 163 -18.30 6.54 -45.19
C GLU K 163 -19.16 5.69 -44.26
N LYS K 164 -19.49 4.46 -44.68
CA LYS K 164 -20.27 3.58 -43.81
C LYS K 164 -19.45 3.03 -42.67
N ILE K 165 -18.20 2.66 -42.95
CA ILE K 165 -17.31 2.16 -41.90
C ILE K 165 -17.13 3.20 -40.80
N LYS K 166 -16.97 4.47 -41.19
CA LYS K 166 -16.81 5.53 -40.21
C LYS K 166 -18.06 5.66 -39.33
N MET K 167 -19.23 5.47 -39.92
CA MET K 167 -20.47 5.63 -39.17
C MET K 167 -20.69 4.45 -38.20
N ASP K 168 -20.34 3.24 -38.63
CA ASP K 168 -20.61 2.06 -37.83
C ASP K 168 -19.57 1.80 -36.75
N THR K 169 -18.47 2.55 -36.72
CA THR K 169 -17.43 2.35 -35.72
C THR K 169 -17.29 3.53 -34.76
N GLU K 170 -18.22 4.48 -34.80
CA GLU K 170 -18.16 5.60 -33.87
C GLU K 170 -18.30 5.13 -32.43
N ARG K 171 -19.05 4.06 -32.21
CA ARG K 171 -19.20 3.47 -30.88
C ARG K 171 -19.09 1.95 -31.01
N ASP K 172 -19.12 1.28 -29.86
CA ASP K 172 -19.01 -0.18 -29.84
C ASP K 172 -20.13 -0.81 -30.66
N ASN K 173 -19.75 -1.55 -31.70
CA ASN K 173 -20.68 -2.16 -32.63
C ASN K 173 -20.56 -3.68 -32.50
N PHE K 174 -21.45 -4.28 -31.72
CA PHE K 174 -21.42 -5.71 -31.46
C PHE K 174 -22.23 -6.46 -32.53
N MET K 175 -21.63 -7.52 -33.07
CA MET K 175 -22.27 -8.33 -34.11
C MET K 175 -22.16 -9.80 -33.76
N SER K 176 -23.21 -10.54 -34.12
CA SER K 176 -23.14 -12.00 -34.08
C SER K 176 -22.27 -12.51 -35.23
N ALA K 177 -22.07 -13.82 -35.26
CA ALA K 177 -21.24 -14.42 -36.31
C ALA K 177 -21.84 -14.18 -37.68
N LEU K 178 -23.15 -14.40 -37.84
CA LEU K 178 -23.78 -14.19 -39.14
C LEU K 178 -23.84 -12.70 -39.47
N GLU K 179 -24.12 -11.85 -38.47
CA GLU K 179 -24.08 -10.41 -38.71
C GLU K 179 -22.71 -9.96 -39.19
N ALA K 180 -21.65 -10.59 -38.65
CA ALA K 180 -20.30 -10.31 -39.12
C ALA K 180 -20.11 -10.78 -40.56
N LYS K 181 -20.76 -11.87 -40.95
CA LYS K 181 -20.67 -12.34 -42.32
C LYS K 181 -21.38 -11.39 -43.28
N GLU K 182 -22.59 -10.96 -42.92
CA GLU K 182 -23.35 -10.05 -43.76
C GLU K 182 -22.70 -8.67 -43.86
N TYR K 183 -21.87 -8.31 -42.89
CA TYR K 183 -21.17 -7.03 -42.98
C TYR K 183 -19.97 -7.11 -43.90
N GLY K 184 -19.35 -8.28 -44.01
CA GLY K 184 -18.14 -8.46 -44.79
C GLY K 184 -16.89 -8.71 -43.97
N LEU K 185 -17.02 -8.81 -42.64
CA LEU K 185 -15.85 -9.04 -41.81
C LEU K 185 -15.33 -10.46 -41.94
N ILE K 186 -16.23 -11.43 -42.07
CA ILE K 186 -15.87 -12.83 -42.27
C ILE K 186 -16.57 -13.31 -43.54
N ASP K 187 -16.21 -14.53 -43.95
CA ASP K 187 -16.80 -15.15 -45.13
C ASP K 187 -17.77 -16.27 -44.80
N GLU K 188 -17.51 -17.04 -43.75
CA GLU K 188 -18.31 -18.22 -43.45
C GLU K 188 -18.59 -18.31 -41.96
N VAL K 189 -19.69 -18.98 -41.62
CA VAL K 189 -20.07 -19.29 -40.25
C VAL K 189 -20.34 -20.79 -40.20
N PHE K 190 -19.41 -21.54 -39.61
CA PHE K 190 -19.49 -22.99 -39.57
C PHE K 190 -19.93 -23.46 -38.19
N THR K 191 -20.90 -24.36 -38.15
CA THR K 191 -21.27 -25.04 -36.91
C THR K 191 -20.47 -26.32 -36.73
N LYS K 192 -20.52 -27.21 -37.72
CA LYS K 192 -19.78 -28.45 -37.72
C LYS K 192 -18.63 -28.36 -38.72
N ARG K 193 -17.52 -29.00 -38.39
CA ARG K 193 -16.39 -29.03 -39.30
C ARG K 193 -16.75 -29.78 -40.57
N PRO K 194 -16.52 -29.20 -41.76
CA PRO K 194 -16.82 -29.83 -43.06
C PRO K 194 -16.08 -31.15 -43.26
N LEU L 3 3.96 -20.34 -22.95
CA LEU L 3 3.70 -19.10 -23.68
C LEU L 3 4.55 -19.01 -24.95
N VAL L 4 5.84 -19.32 -24.81
CA VAL L 4 6.78 -19.29 -25.94
C VAL L 4 6.83 -20.69 -26.54
N PRO L 5 6.42 -20.88 -27.79
CA PRO L 5 6.36 -22.23 -28.36
C PRO L 5 7.75 -22.77 -28.65
N VAL L 6 7.81 -24.10 -28.74
CA VAL L 6 9.05 -24.83 -29.02
C VAL L 6 8.91 -25.55 -30.35
N VAL L 7 10.05 -25.86 -30.96
CA VAL L 7 10.09 -26.50 -32.27
C VAL L 7 11.18 -27.56 -32.25
N VAL L 8 10.90 -28.70 -32.87
CA VAL L 8 11.88 -29.77 -32.97
C VAL L 8 12.75 -29.56 -34.20
N SER L 17 15.30 -29.34 -29.61
CA SER L 17 14.61 -28.50 -28.64
C SER L 17 15.03 -27.03 -28.81
N TYR L 18 14.12 -26.23 -29.35
CA TYR L 18 14.32 -24.80 -29.50
C TYR L 18 13.14 -24.05 -28.85
N ASP L 19 13.14 -22.74 -29.03
CA ASP L 19 11.95 -21.93 -28.88
C ASP L 19 11.75 -21.14 -30.16
N ILE L 20 10.55 -20.58 -30.35
CA ILE L 20 10.20 -19.98 -31.64
C ILE L 20 11.20 -18.91 -32.04
N PHE L 21 11.79 -18.20 -31.06
CA PHE L 21 12.76 -17.17 -31.38
C PHE L 21 14.15 -17.76 -31.61
N SER L 22 14.46 -18.89 -30.99
CA SER L 22 15.75 -19.54 -31.22
C SER L 22 15.79 -20.28 -32.55
N ARG L 23 14.65 -20.85 -32.97
CA ARG L 23 14.59 -21.48 -34.28
C ARG L 23 14.79 -20.46 -35.40
N LEU L 24 14.15 -19.29 -35.28
CA LEU L 24 14.36 -18.24 -36.25
C LEU L 24 15.76 -17.65 -36.17
N LEU L 25 16.42 -17.79 -35.02
CA LEU L 25 17.82 -17.37 -34.92
C LEU L 25 18.72 -18.20 -35.83
N LYS L 26 18.34 -19.45 -36.10
CA LYS L 26 19.10 -20.28 -37.02
C LYS L 26 19.04 -19.74 -38.44
N ASP L 27 17.97 -19.02 -38.80
CA ASP L 27 17.86 -18.37 -40.08
C ASP L 27 18.37 -16.94 -40.04
N ARG L 28 19.15 -16.58 -39.02
CA ARG L 28 19.76 -15.26 -38.88
C ARG L 28 18.71 -14.17 -38.74
N ILE L 29 17.66 -14.45 -37.97
CA ILE L 29 16.58 -13.52 -37.71
C ILE L 29 16.59 -13.17 -36.22
N ILE L 30 16.68 -11.87 -35.93
CA ILE L 30 16.70 -11.37 -34.56
C ILE L 30 15.51 -10.44 -34.38
N PHE L 31 14.86 -10.53 -33.23
CA PHE L 31 13.69 -9.73 -32.92
C PHE L 31 14.01 -8.70 -31.84
N LEU L 32 13.72 -7.43 -32.13
CA LEU L 32 13.70 -6.36 -31.14
C LEU L 32 12.24 -5.96 -31.00
N GLY L 33 11.50 -6.75 -30.22
CA GLY L 33 10.06 -6.52 -30.07
C GLY L 33 9.69 -6.03 -28.69
N ASP L 34 10.56 -5.24 -28.08
CA ASP L 34 10.33 -4.74 -26.73
C ASP L 34 11.07 -3.42 -26.58
N GLN L 35 10.85 -2.77 -25.44
CA GLN L 35 11.57 -1.56 -25.11
C GLN L 35 13.08 -1.80 -25.13
N VAL L 36 13.83 -0.78 -25.54
CA VAL L 36 15.28 -0.85 -25.53
C VAL L 36 15.77 -0.57 -24.12
N ASN L 37 16.36 -1.59 -23.48
CA ASN L 37 16.98 -1.45 -22.17
C ASN L 37 18.23 -2.33 -22.14
N ASP L 38 18.89 -2.36 -20.98
CA ASP L 38 20.13 -3.13 -20.88
C ASP L 38 19.88 -4.61 -21.04
N ALA L 39 18.74 -5.12 -20.57
CA ALA L 39 18.44 -6.54 -20.71
C ALA L 39 18.24 -6.92 -22.17
N THR L 40 17.40 -6.16 -22.88
CA THR L 40 17.13 -6.49 -24.28
C THR L 40 18.32 -6.20 -25.18
N ALA L 41 18.98 -5.06 -24.96
CA ALA L 41 20.14 -4.73 -25.78
C ALA L 41 21.26 -5.76 -25.60
N GLY L 42 21.44 -6.24 -24.37
CA GLY L 42 22.43 -7.29 -24.15
C GLY L 42 22.11 -8.56 -24.92
N LEU L 43 20.83 -8.90 -25.01
CA LEU L 43 20.43 -10.07 -25.80
C LEU L 43 20.64 -9.82 -27.29
N ILE L 44 20.34 -8.59 -27.75
CA ILE L 44 20.55 -8.26 -29.16
C ILE L 44 22.03 -8.34 -29.51
N VAL L 45 22.88 -7.77 -28.66
CA VAL L 45 24.32 -7.80 -28.90
C VAL L 45 24.83 -9.23 -28.92
N ALA L 46 24.35 -10.06 -28.00
CA ALA L 46 24.78 -11.45 -27.95
C ALA L 46 24.34 -12.22 -29.18
N GLN L 47 23.12 -11.95 -29.67
CA GLN L 47 22.66 -12.61 -30.88
C GLN L 47 23.45 -12.15 -32.10
N LEU L 48 23.81 -10.86 -32.15
CA LEU L 48 24.58 -10.35 -33.27
C LEU L 48 25.98 -10.98 -33.32
N LEU L 49 26.67 -10.99 -32.19
CA LEU L 49 28.00 -11.57 -32.15
C LEU L 49 27.96 -13.07 -32.47
N PHE L 50 26.92 -13.76 -31.99
CA PHE L 50 26.78 -15.18 -32.29
C PHE L 50 26.61 -15.40 -33.78
N LEU L 51 25.77 -14.60 -34.44
CA LEU L 51 25.53 -14.78 -35.86
C LEU L 51 26.77 -14.44 -36.68
N GLU L 52 27.56 -13.45 -36.25
CA GLU L 52 28.82 -13.18 -36.93
C GLU L 52 29.80 -14.33 -36.77
N ALA L 53 29.84 -14.94 -35.57
CA ALA L 53 30.70 -16.08 -35.35
C ALA L 53 30.26 -17.28 -36.19
N GLU L 54 28.97 -17.38 -36.50
CA GLU L 54 28.48 -18.47 -37.32
C GLU L 54 28.85 -18.27 -38.79
N ASP L 55 28.62 -17.07 -39.31
CA ASP L 55 28.88 -16.76 -40.72
C ASP L 55 29.07 -15.26 -40.84
N PRO L 56 30.32 -14.80 -40.95
CA PRO L 56 30.59 -13.35 -40.97
C PRO L 56 30.25 -12.66 -42.28
N ASP L 57 29.71 -13.38 -43.27
CA ASP L 57 29.36 -12.78 -44.55
C ASP L 57 27.88 -12.84 -44.88
N LYS L 58 27.10 -13.70 -44.24
CA LYS L 58 25.68 -13.79 -44.51
C LYS L 58 24.93 -12.64 -43.85
N ASP L 59 23.82 -12.25 -44.46
CA ASP L 59 23.04 -11.12 -43.96
C ASP L 59 22.31 -11.50 -42.66
N ILE L 60 22.09 -10.50 -41.82
CA ILE L 60 21.35 -10.64 -40.58
C ILE L 60 20.09 -9.79 -40.68
N HIS L 61 18.95 -10.36 -40.30
CA HIS L 61 17.65 -9.69 -40.39
C HIS L 61 17.17 -9.36 -38.99
N LEU L 62 17.08 -8.06 -38.70
CA LEU L 62 16.67 -7.56 -37.39
C LEU L 62 15.30 -6.91 -37.54
N TYR L 63 14.25 -7.63 -37.10
CA TYR L 63 12.91 -7.06 -37.06
C TYR L 63 12.78 -6.15 -35.85
N ILE L 64 12.13 -5.01 -36.03
CA ILE L 64 12.03 -3.98 -35.00
C ILE L 64 10.55 -3.68 -34.75
N ASN L 65 10.12 -3.84 -33.51
CA ASN L 65 8.81 -3.39 -33.03
C ASN L 65 9.04 -2.91 -31.60
N SER L 66 9.47 -1.65 -31.47
CA SER L 66 9.93 -1.16 -30.18
C SER L 66 9.56 0.31 -30.00
N PRO L 67 9.16 0.71 -28.79
CA PRO L 67 8.94 2.12 -28.51
C PRO L 67 10.19 2.89 -28.14
N GLY L 68 11.36 2.29 -28.30
CA GLY L 68 12.61 2.93 -27.90
C GLY L 68 12.99 2.59 -26.49
N GLY L 69 13.72 3.50 -25.83
CA GLY L 69 14.15 3.27 -24.47
C GLY L 69 15.41 4.01 -24.11
N SER L 70 16.36 3.31 -23.49
CA SER L 70 17.59 3.94 -23.04
C SER L 70 18.54 4.18 -24.21
N ILE L 71 19.16 5.36 -24.21
CA ILE L 71 20.06 5.73 -25.30
C ILE L 71 21.32 4.89 -25.25
N THR L 72 21.92 4.75 -24.06
CA THR L 72 23.15 3.96 -23.94
C THR L 72 22.90 2.51 -24.31
N SER L 73 21.76 1.94 -23.89
CA SER L 73 21.43 0.59 -24.32
C SER L 73 21.28 0.53 -25.83
N GLY L 74 20.69 1.56 -26.43
CA GLY L 74 20.49 1.56 -27.87
C GLY L 74 21.78 1.74 -28.64
N MET L 75 22.69 2.58 -28.14
CA MET L 75 23.98 2.77 -28.81
C MET L 75 24.82 1.51 -28.75
N ALA L 76 24.62 0.67 -27.74
CA ALA L 76 25.29 -0.63 -27.72
C ALA L 76 24.86 -1.48 -28.91
N ILE L 77 23.56 -1.50 -29.21
CA ILE L 77 23.07 -2.20 -30.39
C ILE L 77 23.60 -1.53 -31.65
N TYR L 78 23.56 -0.19 -31.69
CA TYR L 78 23.99 0.53 -32.88
C TYR L 78 25.45 0.23 -33.21
N ASP L 79 26.34 0.37 -32.24
CA ASP L 79 27.76 0.17 -32.49
C ASP L 79 28.07 -1.29 -32.84
N THR L 80 27.39 -2.23 -32.18
CA THR L 80 27.58 -3.64 -32.52
C THR L 80 27.14 -3.93 -33.95
N MET L 81 26.11 -3.24 -34.44
CA MET L 81 25.65 -3.46 -35.81
C MET L 81 26.71 -3.06 -36.82
N GLN L 82 27.37 -1.93 -36.61
CA GLN L 82 28.42 -1.50 -37.53
C GLN L 82 29.73 -2.23 -37.29
N TYR L 83 29.96 -2.70 -36.06
CA TYR L 83 31.24 -3.31 -35.70
C TYR L 83 31.40 -4.70 -36.32
N ILE L 84 30.30 -5.40 -36.58
CA ILE L 84 30.37 -6.76 -37.10
C ILE L 84 30.42 -6.74 -38.62
N LYS L 85 31.00 -7.80 -39.19
CA LYS L 85 31.11 -7.89 -40.64
C LYS L 85 29.77 -8.01 -41.35
N PRO L 86 28.83 -8.85 -40.91
CA PRO L 86 27.60 -9.05 -41.70
C PRO L 86 26.79 -7.77 -41.85
N ASP L 87 26.18 -7.62 -43.01
CA ASP L 87 25.16 -6.59 -43.19
C ASP L 87 23.97 -6.89 -42.30
N VAL L 88 23.53 -5.90 -41.55
CA VAL L 88 22.40 -6.05 -40.65
C VAL L 88 21.20 -5.35 -41.29
N SER L 89 20.32 -6.15 -41.91
CA SER L 89 19.09 -5.63 -42.47
C SER L 89 18.08 -5.38 -41.35
N THR L 90 17.42 -4.23 -41.40
CA THR L 90 16.40 -3.87 -40.42
C THR L 90 15.03 -3.84 -41.09
N ILE L 91 14.05 -4.48 -40.46
CA ILE L 91 12.68 -4.50 -40.93
C ILE L 91 11.79 -3.95 -39.83
N CYS L 92 11.01 -2.92 -40.16
CA CYS L 92 10.09 -2.32 -39.19
C CYS L 92 8.72 -2.94 -39.35
N ILE L 93 8.24 -3.58 -38.28
CA ILE L 93 6.87 -4.08 -38.20
C ILE L 93 6.19 -3.37 -37.02
N GLY L 94 4.94 -2.98 -37.22
CA GLY L 94 4.20 -2.31 -36.17
C GLY L 94 4.64 -0.88 -35.91
N MET L 95 5.69 -0.71 -35.13
CA MET L 95 6.16 0.62 -34.77
C MET L 95 7.65 0.59 -34.48
N ALA L 96 8.33 1.68 -34.84
CA ALA L 96 9.72 1.91 -34.45
C ALA L 96 9.82 3.38 -34.06
N ALA L 97 9.84 3.65 -32.75
CA ALA L 97 9.90 5.00 -32.24
C ALA L 97 11.16 5.20 -31.39
N SER L 98 11.64 6.44 -31.38
CA SER L 98 12.77 6.86 -30.54
C SER L 98 14.00 6.04 -30.92
N MET L 99 14.65 5.36 -29.98
CA MET L 99 15.80 4.52 -30.34
C MET L 99 15.41 3.40 -31.29
N GLY L 100 14.14 3.01 -31.30
CA GLY L 100 13.68 2.02 -32.28
C GLY L 100 13.81 2.53 -33.70
N ALA L 101 13.36 3.75 -33.95
CA ALA L 101 13.52 4.36 -35.27
C ALA L 101 14.99 4.62 -35.59
N PHE L 102 15.78 4.95 -34.57
CA PHE L 102 17.22 5.20 -34.77
C PHE L 102 17.92 3.92 -35.22
N LEU L 103 17.64 2.80 -34.55
CA LEU L 103 18.26 1.54 -34.94
C LEU L 103 17.70 1.02 -36.26
N LEU L 104 16.47 1.42 -36.61
CA LEU L 104 15.92 1.06 -37.91
C LEU L 104 16.69 1.74 -39.03
N ALA L 105 16.93 3.05 -38.89
CA ALA L 105 17.75 3.78 -39.85
C ALA L 105 19.22 3.38 -39.79
N ALA L 106 19.62 2.59 -38.79
CA ALA L 106 21.00 2.18 -38.61
C ALA L 106 21.36 0.92 -39.39
N GLY L 107 20.39 0.28 -40.04
CA GLY L 107 20.67 -0.93 -40.79
C GLY L 107 21.48 -0.65 -42.04
N ALA L 108 21.88 -1.74 -42.69
CA ALA L 108 22.69 -1.64 -43.90
C ALA L 108 21.97 -0.83 -44.98
N LYS L 109 22.69 0.11 -45.58
CA LYS L 109 22.13 0.96 -46.61
C LYS L 109 21.57 0.10 -47.75
N GLY L 110 20.34 0.40 -48.16
CA GLY L 110 19.65 -0.39 -49.15
C GLY L 110 18.89 -1.57 -48.61
N LYS L 111 19.06 -1.90 -47.33
CA LYS L 111 18.41 -3.06 -46.72
C LYS L 111 17.62 -2.68 -45.48
N ARG L 112 17.11 -1.45 -45.42
CA ARG L 112 16.28 -0.99 -44.32
C ARG L 112 14.83 -0.96 -44.81
N LEU L 113 14.00 -1.83 -44.25
CA LEU L 113 12.65 -2.06 -44.74
C LEU L 113 11.61 -1.60 -43.71
N ALA L 114 10.39 -1.44 -44.20
CA ALA L 114 9.23 -1.23 -43.34
C ALA L 114 7.99 -1.70 -44.09
N LEU L 115 7.07 -2.31 -43.36
CA LEU L 115 5.83 -2.78 -43.94
C LEU L 115 4.84 -1.62 -44.07
N PRO L 116 3.85 -1.73 -44.96
CA PRO L 116 3.10 -0.52 -45.38
C PRO L 116 2.46 0.24 -44.23
N ASN L 117 1.99 -0.44 -43.19
CA ASN L 117 1.34 0.23 -42.07
C ASN L 117 2.24 0.33 -40.85
N SER L 118 3.56 0.32 -41.06
CA SER L 118 4.50 0.61 -39.98
C SER L 118 4.34 2.06 -39.53
N GLU L 119 4.68 2.31 -38.27
CA GLU L 119 4.65 3.65 -37.71
C GLU L 119 6.05 4.02 -37.26
N ILE L 120 6.59 5.09 -37.83
CA ILE L 120 7.91 5.59 -37.49
C ILE L 120 7.75 6.90 -36.73
N MET L 121 8.59 7.10 -35.72
CA MET L 121 8.55 8.33 -34.95
C MET L 121 9.94 8.64 -34.41
N ILE L 122 10.39 9.87 -34.64
CA ILE L 122 11.67 10.34 -34.15
C ILE L 122 11.44 11.58 -33.30
N HIS L 123 12.31 11.79 -32.32
CA HIS L 123 12.27 12.98 -31.49
C HIS L 123 13.63 13.16 -30.84
N GLN L 124 13.74 14.18 -29.99
CA GLN L 124 14.99 14.48 -29.33
C GLN L 124 15.15 13.64 -28.06
N PRO L 125 16.37 13.50 -27.54
CA PRO L 125 16.56 12.65 -26.36
C PRO L 125 15.79 13.13 -25.15
N LEU L 126 15.47 12.18 -24.27
CA LEU L 126 14.82 12.45 -23.00
C LEU L 126 15.74 12.06 -21.87
N GLY L 127 15.60 12.74 -20.74
CA GLY L 127 16.44 12.45 -19.59
C GLY L 127 16.15 13.31 -18.39
N GLY L 128 17.14 13.50 -17.53
CA GLY L 128 16.93 14.32 -16.34
C GLY L 128 18.22 14.46 -15.57
N ALA L 129 18.13 15.27 -14.51
CA ALA L 129 19.24 15.52 -13.60
C ALA L 129 18.67 16.12 -12.33
N GLN L 130 19.19 15.70 -11.18
CA GLN L 130 18.71 16.18 -9.89
C GLN L 130 19.90 16.36 -8.96
N GLY L 131 19.84 17.43 -8.17
CA GLY L 131 20.90 17.72 -7.22
C GLY L 131 21.44 19.13 -7.33
N GLN L 132 22.75 19.28 -7.12
CA GLN L 132 23.37 20.60 -7.13
C GLN L 132 23.41 21.17 -8.54
N ALA L 133 23.41 22.51 -8.61
CA ALA L 133 23.44 23.19 -9.90
C ALA L 133 24.67 22.80 -10.72
N THR L 134 25.80 22.52 -10.06
CA THR L 134 26.98 22.08 -10.79
C THR L 134 26.75 20.72 -11.44
N ASP L 135 26.16 19.78 -10.70
CA ASP L 135 25.89 18.46 -11.25
C ASP L 135 24.83 18.52 -12.35
N ILE L 136 23.84 19.41 -12.19
CA ILE L 136 22.83 19.58 -13.24
C ILE L 136 23.47 20.10 -14.52
N GLU L 137 24.42 21.03 -14.39
CA GLU L 137 25.13 21.53 -15.56
C GLU L 137 25.95 20.44 -16.24
N ILE L 138 26.48 19.51 -15.44
CA ILE L 138 27.25 18.40 -16.01
C ILE L 138 26.35 17.51 -16.85
N HIS L 139 25.19 17.12 -16.30
CA HIS L 139 24.28 16.25 -17.01
C HIS L 139 23.54 16.97 -18.13
N ALA L 140 23.37 18.28 -18.02
CA ALA L 140 22.76 19.03 -19.11
C ALA L 140 23.65 19.04 -20.35
N LYS L 141 24.92 19.41 -20.18
CA LYS L 141 25.87 19.36 -21.29
C LYS L 141 25.99 17.96 -21.86
N ARG L 142 25.87 16.94 -21.01
CA ARG L 142 25.99 15.56 -21.49
C ARG L 142 24.82 15.19 -22.40
N ILE L 143 23.59 15.55 -22.01
CA ILE L 143 22.45 15.17 -22.84
C ILE L 143 22.39 16.00 -24.12
N LEU L 144 22.96 17.21 -24.09
CA LEU L 144 23.02 18.00 -25.32
C LEU L 144 24.07 17.45 -26.27
N LYS L 145 25.21 17.01 -25.73
CA LYS L 145 26.22 16.37 -26.57
C LYS L 145 25.72 15.06 -27.16
N ILE L 146 24.85 14.35 -26.43
CA ILE L 146 24.24 13.15 -26.96
C ILE L 146 23.22 13.50 -28.04
N LYS L 147 22.45 14.56 -27.82
CA LYS L 147 21.48 15.00 -28.82
C LYS L 147 22.16 15.39 -30.13
N GLU L 148 23.27 16.13 -30.04
CA GLU L 148 24.01 16.50 -31.24
C GLU L 148 24.62 15.27 -31.92
N THR L 149 25.06 14.29 -31.14
CA THR L 149 25.67 13.11 -31.73
C THR L 149 24.64 12.27 -32.49
N LEU L 150 23.48 12.02 -31.87
CA LEU L 150 22.44 11.24 -32.53
C LEU L 150 21.93 11.96 -33.78
N ASN L 151 21.85 13.29 -33.72
CA ASN L 151 21.39 14.06 -34.88
C ASN L 151 22.37 13.96 -36.03
N GLU L 152 23.67 13.97 -35.73
CA GLU L 152 24.67 13.86 -36.80
C GLU L 152 24.62 12.48 -37.44
N ILE L 153 24.38 11.43 -36.65
CA ILE L 153 24.26 10.09 -37.21
C ILE L 153 23.00 9.97 -38.06
N LEU L 154 21.88 10.50 -37.55
CA LEU L 154 20.65 10.50 -38.33
C LEU L 154 20.83 11.25 -39.65
N SER L 155 21.52 12.39 -39.61
CA SER L 155 21.79 13.13 -40.85
C SER L 155 22.62 12.30 -41.80
N GLU L 156 23.61 11.57 -41.30
CA GLU L 156 24.49 10.79 -42.17
C GLU L 156 23.73 9.64 -42.82
N ARG L 157 22.79 9.03 -42.12
CA ARG L 157 22.10 7.85 -42.61
C ARG L 157 20.81 8.18 -43.37
N THR L 158 20.32 9.41 -43.28
CA THR L 158 19.14 9.83 -44.04
C THR L 158 19.46 10.72 -45.22
N GLY L 159 20.65 11.31 -45.28
CA GLY L 159 20.97 12.28 -46.30
C GLY L 159 20.41 13.66 -46.06
N GLN L 160 19.69 13.88 -44.97
CA GLN L 160 19.17 15.19 -44.65
C GLN L 160 20.22 16.03 -43.94
N PRO L 161 20.21 17.35 -44.17
CA PRO L 161 21.14 18.22 -43.44
C PRO L 161 20.88 18.17 -41.94
N LEU L 162 21.94 18.35 -41.16
CA LEU L 162 21.83 18.27 -39.71
C LEU L 162 20.79 19.26 -39.17
N GLU L 163 20.79 20.48 -39.69
CA GLU L 163 19.86 21.49 -39.19
C GLU L 163 18.41 21.08 -39.43
N LYS L 164 18.16 20.30 -40.49
CA LYS L 164 16.80 19.82 -40.72
C LYS L 164 16.42 18.73 -39.74
N ILE L 165 17.36 17.83 -39.42
CA ILE L 165 17.10 16.78 -38.45
C ILE L 165 16.77 17.39 -37.09
N LYS L 166 17.50 18.43 -36.69
CA LYS L 166 17.24 19.08 -35.41
C LYS L 166 15.83 19.65 -35.36
N MET L 167 15.43 20.37 -36.41
CA MET L 167 14.09 20.95 -36.44
C MET L 167 13.02 19.87 -36.42
N ASP L 168 13.24 18.78 -37.14
CA ASP L 168 12.23 17.73 -37.26
C ASP L 168 12.12 16.84 -36.02
N THR L 169 13.09 16.90 -35.11
CA THR L 169 13.09 16.06 -33.92
C THR L 169 12.90 16.86 -32.63
N GLU L 170 12.62 18.16 -32.72
CA GLU L 170 12.39 18.94 -31.51
C GLU L 170 11.14 18.48 -30.78
N ARG L 171 10.17 17.92 -31.51
CA ARG L 171 8.98 17.33 -30.92
C ARG L 171 8.71 16.00 -31.63
N ASP L 172 7.73 15.26 -31.10
CA ASP L 172 7.38 13.98 -31.70
C ASP L 172 6.99 14.15 -33.16
N ASN L 173 7.67 13.41 -34.03
CA ASN L 173 7.45 13.48 -35.47
C ASN L 173 7.05 12.09 -35.96
N PHE L 174 5.75 11.89 -36.18
CA PHE L 174 5.23 10.62 -36.65
C PHE L 174 5.24 10.60 -38.17
N MET L 175 5.62 9.44 -38.73
CA MET L 175 5.71 9.28 -40.18
C MET L 175 5.10 7.95 -40.58
N SER L 176 4.46 7.94 -41.75
CA SER L 176 4.09 6.68 -42.37
C SER L 176 5.34 5.99 -42.92
N ALA L 177 5.16 4.73 -43.33
CA ALA L 177 6.26 4.00 -43.95
C ALA L 177 6.74 4.69 -45.21
N LEU L 178 5.80 5.17 -46.04
CA LEU L 178 6.16 5.89 -47.26
C LEU L 178 6.92 7.18 -46.94
N GLU L 179 6.41 7.95 -45.97
CA GLU L 179 7.08 9.18 -45.57
C GLU L 179 8.46 8.92 -45.00
N ALA L 180 8.63 7.79 -44.30
CA ALA L 180 9.94 7.44 -43.77
C ALA L 180 10.91 7.08 -44.90
N LYS L 181 10.41 6.48 -45.97
CA LYS L 181 11.26 6.21 -47.13
C LYS L 181 11.72 7.49 -47.79
N GLU L 182 10.78 8.42 -48.03
CA GLU L 182 11.14 9.70 -48.63
C GLU L 182 12.09 10.49 -47.74
N TYR L 183 11.94 10.36 -46.42
CA TYR L 183 12.80 11.10 -45.50
C TYR L 183 14.23 10.55 -45.51
N GLY L 184 14.39 9.27 -45.82
CA GLY L 184 15.69 8.62 -45.80
C GLY L 184 15.92 7.68 -44.64
N LEU L 185 14.92 7.51 -43.76
CA LEU L 185 15.09 6.61 -42.62
C LEU L 185 15.11 5.15 -43.07
N ILE L 186 14.35 4.80 -44.11
CA ILE L 186 14.32 3.46 -44.65
C ILE L 186 14.52 3.55 -46.16
N ASP L 187 14.68 2.39 -46.79
CA ASP L 187 14.91 2.31 -48.22
C ASP L 187 13.72 1.78 -49.00
N GLU L 188 12.98 0.81 -48.47
CA GLU L 188 11.87 0.19 -49.18
C GLU L 188 10.65 0.11 -48.28
N VAL L 189 9.48 0.09 -48.92
CA VAL L 189 8.21 -0.19 -48.26
C VAL L 189 7.55 -1.29 -49.09
N PHE L 190 7.60 -2.53 -48.58
CA PHE L 190 7.07 -3.68 -49.29
C PHE L 190 5.75 -4.11 -48.65
N THR L 191 4.76 -4.39 -49.49
CA THR L 191 3.54 -5.05 -49.02
C THR L 191 3.71 -6.57 -49.07
N LYS L 192 3.95 -7.12 -50.25
CA LYS L 192 4.24 -8.54 -50.42
C LYS L 192 5.74 -8.76 -50.37
N ARG L 193 6.13 -9.98 -49.97
CA ARG L 193 7.54 -10.35 -49.98
C ARG L 193 7.96 -10.77 -51.38
N VAL M 4 15.17 -15.53 -23.31
CA VAL M 4 16.57 -15.88 -23.54
C VAL M 4 16.64 -17.04 -24.55
N PRO M 5 17.43 -16.85 -25.60
CA PRO M 5 17.47 -17.83 -26.69
C PRO M 5 18.36 -19.02 -26.38
N VAL M 6 18.01 -20.15 -26.99
CA VAL M 6 18.75 -21.40 -26.88
C VAL M 6 19.46 -21.67 -28.19
N VAL M 7 20.61 -22.33 -28.10
CA VAL M 7 21.39 -22.68 -29.28
C VAL M 7 21.85 -24.14 -29.20
N SER M 17 25.98 -25.59 -23.57
CA SER M 17 26.02 -24.37 -24.36
C SER M 17 24.63 -24.03 -24.90
N TYR M 18 23.60 -24.64 -24.31
CA TYR M 18 22.22 -24.41 -24.73
C TYR M 18 21.67 -23.11 -24.10
N ASP M 19 22.30 -22.00 -24.50
CA ASP M 19 21.96 -20.67 -24.03
C ASP M 19 22.83 -19.65 -24.77
N ILE M 20 22.24 -18.50 -25.15
CA ILE M 20 22.97 -17.56 -26.00
C ILE M 20 24.19 -17.00 -25.29
N PHE M 21 24.12 -16.81 -23.98
CA PHE M 21 25.28 -16.33 -23.23
C PHE M 21 26.26 -17.46 -22.96
N SER M 22 25.76 -18.69 -22.77
CA SER M 22 26.63 -19.84 -22.59
C SER M 22 27.26 -20.29 -23.89
N ARG M 23 26.57 -20.08 -25.02
CA ARG M 23 27.18 -20.37 -26.31
C ARG M 23 28.39 -19.48 -26.55
N LEU M 24 28.25 -18.18 -26.29
CA LEU M 24 29.37 -17.27 -26.45
C LEU M 24 30.42 -17.45 -25.36
N LEU M 25 30.06 -18.05 -24.22
CA LEU M 25 31.05 -18.37 -23.21
C LEU M 25 32.03 -19.42 -23.70
N LYS M 26 31.57 -20.33 -24.58
CA LYS M 26 32.49 -21.28 -25.21
C LYS M 26 33.52 -20.56 -26.07
N ASP M 27 33.20 -19.37 -26.56
CA ASP M 27 34.15 -18.52 -27.25
C ASP M 27 34.92 -17.61 -26.31
N ARG M 28 34.86 -17.88 -25.00
CA ARG M 28 35.53 -17.07 -23.98
C ARG M 28 35.05 -15.62 -24.02
N ILE M 29 33.74 -15.45 -24.14
CA ILE M 29 33.11 -14.13 -24.14
C ILE M 29 32.19 -14.05 -22.92
N ILE M 30 32.43 -13.06 -22.07
CA ILE M 30 31.61 -12.81 -20.89
C ILE M 30 30.96 -11.45 -21.02
N PHE M 31 29.77 -11.31 -20.46
CA PHE M 31 29.02 -10.06 -20.51
C PHE M 31 28.78 -9.55 -19.10
N LEU M 32 29.22 -8.33 -18.83
CA LEU M 32 28.78 -7.55 -17.67
C LEU M 32 27.85 -6.49 -18.24
N GLY M 33 26.57 -6.84 -18.38
CA GLY M 33 25.59 -5.94 -18.95
C GLY M 33 24.49 -5.60 -17.96
N ASP M 34 24.88 -5.34 -16.72
CA ASP M 34 23.93 -5.07 -15.65
C ASP M 34 24.65 -4.36 -14.52
N GLN M 35 23.90 -3.97 -13.51
CA GLN M 35 24.47 -3.37 -12.32
C GLN M 35 25.48 -4.33 -11.68
N VAL M 36 26.55 -3.75 -11.12
CA VAL M 36 27.56 -4.53 -10.43
C VAL M 36 27.10 -4.77 -8.99
N ASN M 37 26.70 -6.01 -8.70
CA ASN M 37 26.30 -6.42 -7.36
C ASN M 37 26.83 -7.82 -7.11
N ASP M 38 26.51 -8.37 -5.93
CA ASP M 38 27.04 -9.68 -5.56
C ASP M 38 26.51 -10.78 -6.47
N ALA M 39 25.28 -10.64 -6.98
CA ALA M 39 24.76 -11.64 -7.90
C ALA M 39 25.51 -11.61 -9.23
N THR M 40 25.71 -10.42 -9.79
CA THR M 40 26.39 -10.31 -11.08
C THR M 40 27.89 -10.54 -10.94
N ALA M 41 28.49 -10.09 -9.83
CA ALA M 41 29.92 -10.29 -9.63
C ALA M 41 30.25 -11.76 -9.45
N GLY M 42 29.43 -12.50 -8.69
CA GLY M 42 29.68 -13.91 -8.51
C GLY M 42 29.59 -14.69 -9.81
N LEU M 43 28.67 -14.29 -10.68
CA LEU M 43 28.56 -14.90 -12.01
C LEU M 43 29.78 -14.57 -12.85
N ILE M 44 30.24 -13.32 -12.80
CA ILE M 44 31.42 -12.93 -13.57
C ILE M 44 32.66 -13.62 -13.04
N VAL M 45 32.79 -13.71 -11.72
CA VAL M 45 33.96 -14.37 -11.12
C VAL M 45 33.98 -15.86 -11.49
N ALA M 46 32.82 -16.52 -11.35
CA ALA M 46 32.76 -17.94 -11.69
C ALA M 46 33.03 -18.20 -13.15
N GLN M 47 32.61 -17.27 -14.02
CA GLN M 47 32.92 -17.42 -15.45
C GLN M 47 34.42 -17.28 -15.70
N LEU M 48 35.08 -16.38 -14.97
CA LEU M 48 36.52 -16.21 -15.13
C LEU M 48 37.27 -17.44 -14.65
N LEU M 49 36.83 -18.05 -13.54
CA LEU M 49 37.49 -19.24 -13.03
C LEU M 49 37.25 -20.43 -13.95
N PHE M 50 36.05 -20.53 -14.53
CA PHE M 50 35.77 -21.60 -15.47
C PHE M 50 36.65 -21.48 -16.71
N LEU M 51 36.72 -20.28 -17.29
CA LEU M 51 37.48 -20.09 -18.52
C LEU M 51 38.98 -20.26 -18.28
N GLU M 52 39.45 -19.98 -17.06
CA GLU M 52 40.86 -20.22 -16.76
C GLU M 52 41.17 -21.71 -16.70
N ALA M 53 40.30 -22.48 -16.06
CA ALA M 53 40.49 -23.93 -16.00
C ALA M 53 40.35 -24.59 -17.37
N GLU M 54 39.66 -23.94 -18.30
CA GLU M 54 39.55 -24.48 -19.66
C GLU M 54 40.84 -24.24 -20.44
N ASP M 55 41.37 -23.03 -20.40
CA ASP M 55 42.57 -22.67 -21.13
C ASP M 55 43.22 -21.47 -20.48
N PRO M 56 44.25 -21.67 -19.66
CA PRO M 56 44.83 -20.54 -18.91
C PRO M 56 45.67 -19.60 -19.76
N ASP M 57 45.67 -19.81 -21.07
CA ASP M 57 46.49 -19.00 -21.98
C ASP M 57 45.70 -18.20 -23.00
N LYS M 58 44.52 -18.66 -23.41
CA LYS M 58 43.72 -17.90 -24.36
C LYS M 58 43.07 -16.71 -23.68
N ASP M 59 42.94 -15.61 -24.41
CA ASP M 59 42.41 -14.37 -23.85
C ASP M 59 40.95 -14.52 -23.45
N ILE M 60 40.53 -13.68 -22.53
CA ILE M 60 39.13 -13.53 -22.15
C ILE M 60 38.62 -12.22 -22.74
N HIS M 61 37.41 -12.25 -23.28
CA HIS M 61 36.77 -11.07 -23.83
C HIS M 61 35.57 -10.72 -22.94
N LEU M 62 35.68 -9.61 -22.22
CA LEU M 62 34.67 -9.18 -21.26
C LEU M 62 34.01 -7.92 -21.80
N TYR M 63 32.78 -8.07 -22.29
CA TYR M 63 32.00 -6.92 -22.75
C TYR M 63 31.35 -6.23 -21.56
N ILE M 64 31.48 -4.91 -21.51
CA ILE M 64 31.00 -4.11 -20.39
C ILE M 64 29.95 -3.13 -20.88
N ASN M 65 28.73 -3.26 -20.38
CA ASN M 65 27.66 -2.26 -20.51
C ASN M 65 27.01 -2.17 -19.14
N SER M 66 27.64 -1.38 -18.26
CA SER M 66 27.26 -1.35 -16.86
C SER M 66 27.32 0.08 -16.32
N PRO M 67 26.36 0.47 -15.48
CA PRO M 67 26.41 1.78 -14.83
C PRO M 67 27.16 1.80 -13.51
N GLY M 68 27.89 0.74 -13.17
CA GLY M 68 28.54 0.62 -11.90
C GLY M 68 27.74 -0.19 -10.90
N GLY M 69 28.08 -0.01 -9.63
CA GLY M 69 27.39 -0.69 -8.56
C GLY M 69 28.15 -0.71 -7.25
N SER M 70 28.17 -1.86 -6.59
CA SER M 70 28.86 -1.99 -5.30
C SER M 70 30.37 -2.04 -5.50
N ILE M 71 31.09 -1.31 -4.65
CA ILE M 71 32.54 -1.24 -4.77
C ILE M 71 33.17 -2.59 -4.46
N THR M 72 32.73 -3.24 -3.37
CA THR M 72 33.30 -4.53 -3.01
C THR M 72 32.98 -5.60 -4.05
N SER M 73 31.81 -5.53 -4.68
CA SER M 73 31.49 -6.47 -5.74
C SER M 73 32.36 -6.25 -6.96
N GLY M 74 32.64 -4.98 -7.29
CA GLY M 74 33.54 -4.70 -8.39
C GLY M 74 34.96 -5.15 -8.11
N MET M 75 35.42 -5.02 -6.86
CA MET M 75 36.77 -5.44 -6.51
C MET M 75 36.92 -6.95 -6.61
N ALA M 76 35.85 -7.70 -6.33
CA ALA M 76 35.88 -9.14 -6.57
C ALA M 76 36.19 -9.44 -8.03
N ILE M 77 35.56 -8.71 -8.96
CA ILE M 77 35.85 -8.89 -10.37
C ILE M 77 37.24 -8.35 -10.71
N TYR M 78 37.61 -7.20 -10.14
CA TYR M 78 38.90 -6.61 -10.43
C TYR M 78 40.03 -7.54 -10.02
N ASP M 79 40.05 -7.95 -8.76
CA ASP M 79 41.12 -8.80 -8.26
C ASP M 79 41.19 -10.11 -9.03
N THR M 80 40.02 -10.71 -9.32
CA THR M 80 39.99 -11.96 -10.08
C THR M 80 40.57 -11.78 -11.48
N MET M 81 40.28 -10.64 -12.11
CA MET M 81 40.82 -10.37 -13.45
C MET M 81 42.35 -10.42 -13.45
N GLN M 82 42.98 -9.86 -12.41
CA GLN M 82 44.42 -9.93 -12.30
C GLN M 82 44.90 -11.24 -11.66
N TYR M 83 44.02 -11.93 -10.94
CA TYR M 83 44.40 -13.15 -10.24
C TYR M 83 44.58 -14.34 -11.17
N ILE M 84 43.89 -14.33 -12.32
CA ILE M 84 43.92 -15.47 -13.22
C ILE M 84 45.05 -15.29 -14.24
N LYS M 85 45.49 -16.42 -14.81
CA LYS M 85 46.56 -16.37 -15.81
C LYS M 85 46.12 -15.67 -17.10
N PRO M 86 44.96 -15.96 -17.69
CA PRO M 86 44.67 -15.39 -19.02
C PRO M 86 44.53 -13.88 -18.99
N ASP M 87 45.01 -13.25 -20.06
CA ASP M 87 44.66 -11.85 -20.31
C ASP M 87 43.16 -11.72 -20.49
N VAL M 88 42.58 -10.71 -19.86
CA VAL M 88 41.15 -10.43 -19.98
C VAL M 88 41.01 -9.10 -20.70
N SER M 89 40.67 -9.17 -21.98
CA SER M 89 40.36 -7.96 -22.74
C SER M 89 38.99 -7.45 -22.33
N THR M 90 38.87 -6.13 -22.23
CA THR M 90 37.60 -5.48 -21.89
C THR M 90 37.13 -4.65 -23.08
N ILE M 91 35.86 -4.81 -23.44
CA ILE M 91 35.25 -4.10 -24.55
C ILE M 91 34.05 -3.34 -24.02
N CYS M 92 34.06 -2.02 -24.17
CA CYS M 92 32.96 -1.20 -23.71
C CYS M 92 31.95 -1.01 -24.83
N ILE M 93 30.71 -1.41 -24.58
CA ILE M 93 29.59 -1.17 -25.49
C ILE M 93 28.53 -0.39 -24.73
N GLY M 94 27.94 0.61 -25.39
CA GLY M 94 26.93 1.41 -24.75
C GLY M 94 27.49 2.36 -23.70
N MET M 95 27.62 1.89 -22.46
CA MET M 95 28.13 2.72 -21.38
C MET M 95 28.94 1.90 -20.40
N ALA M 96 30.00 2.50 -19.88
CA ALA M 96 30.80 1.95 -18.78
C ALA M 96 31.02 3.07 -17.79
N ALA M 97 30.26 3.06 -16.69
CA ALA M 97 30.28 4.13 -15.72
C ALA M 97 30.64 3.62 -14.34
N SER M 98 31.36 4.45 -13.58
CA SER M 98 31.72 4.20 -12.18
C SER M 98 32.51 2.90 -12.12
N MET M 99 32.05 1.88 -11.38
CA MET M 99 32.79 0.62 -11.34
C MET M 99 32.87 -0.03 -12.72
N GLY M 100 31.89 0.22 -13.58
CA GLY M 100 31.99 -0.26 -14.95
C GLY M 100 33.18 0.33 -15.68
N ALA M 101 33.43 1.63 -15.48
CA ALA M 101 34.61 2.25 -16.06
C ALA M 101 35.88 1.80 -15.35
N PHE M 102 35.81 1.53 -14.05
CA PHE M 102 36.97 1.03 -13.32
C PHE M 102 37.41 -0.32 -13.87
N LEU M 103 36.47 -1.25 -14.01
CA LEU M 103 36.78 -2.56 -14.57
C LEU M 103 37.11 -2.48 -16.06
N LEU M 104 36.67 -1.43 -16.74
CA LEU M 104 37.03 -1.26 -18.15
C LEU M 104 38.52 -0.93 -18.28
N ALA M 105 39.02 -0.03 -17.43
CA ALA M 105 40.44 0.29 -17.41
C ALA M 105 41.27 -0.78 -16.74
N ALA M 106 40.63 -1.81 -16.16
CA ALA M 106 41.33 -2.86 -15.44
C ALA M 106 41.75 -4.02 -16.33
N GLY M 107 41.25 -4.08 -17.57
CA GLY M 107 41.62 -5.15 -18.47
C GLY M 107 43.08 -5.08 -18.87
N ALA M 108 43.53 -6.14 -19.53
CA ALA M 108 44.92 -6.25 -19.95
C ALA M 108 45.29 -5.07 -20.85
N LYS M 109 46.43 -4.45 -20.56
CA LYS M 109 46.83 -3.24 -21.26
C LYS M 109 47.10 -3.53 -22.73
N GLY M 110 46.73 -2.59 -23.60
CA GLY M 110 46.69 -2.83 -25.02
C GLY M 110 45.44 -3.51 -25.53
N LYS M 111 44.66 -4.13 -24.63
CA LYS M 111 43.47 -4.88 -25.02
C LYS M 111 42.20 -4.31 -24.40
N ARG M 112 42.21 -3.05 -23.97
CA ARG M 112 41.03 -2.38 -23.46
C ARG M 112 40.37 -1.63 -24.61
N LEU M 113 39.19 -2.07 -25.02
CA LEU M 113 38.53 -1.59 -26.22
C LEU M 113 37.26 -0.82 -25.88
N ALA M 114 36.85 0.01 -26.83
CA ALA M 114 35.54 0.67 -26.76
C ALA M 114 35.08 0.95 -28.18
N LEU M 115 33.78 0.96 -28.37
CA LEU M 115 33.17 1.23 -29.66
C LEU M 115 32.88 2.72 -29.80
N PRO M 116 32.74 3.22 -31.03
CA PRO M 116 32.85 4.69 -31.25
C PRO M 116 31.86 5.52 -30.44
N ASN M 117 30.65 5.01 -30.19
CA ASN M 117 29.64 5.76 -29.46
C ASN M 117 29.49 5.30 -28.02
N SER M 118 30.46 4.57 -27.51
CA SER M 118 30.46 4.20 -26.09
C SER M 118 30.56 5.45 -25.23
N GLU M 119 30.01 5.36 -24.02
CA GLU M 119 30.04 6.45 -23.06
C GLU M 119 30.71 5.98 -21.78
N ILE M 120 31.83 6.60 -21.45
CA ILE M 120 32.59 6.26 -20.25
C ILE M 120 32.44 7.40 -19.25
N MET M 121 32.26 7.05 -17.98
CA MET M 121 32.10 8.05 -16.92
C MET M 121 32.80 7.57 -15.66
N ILE M 122 33.60 8.46 -15.07
CA ILE M 122 34.32 8.17 -13.83
C ILE M 122 33.94 9.22 -12.80
N HIS M 123 33.91 8.81 -11.53
CA HIS M 123 33.64 9.73 -10.44
C HIS M 123 34.17 9.10 -9.14
N GLN M 124 34.01 9.82 -8.04
CA GLN M 124 34.46 9.34 -6.76
C GLN M 124 33.47 8.34 -6.16
N PRO M 125 33.89 7.53 -5.20
CA PRO M 125 33.00 6.52 -4.63
C PRO M 125 31.75 7.14 -4.00
N LEU M 126 30.70 6.33 -3.94
CA LEU M 126 29.46 6.69 -3.27
C LEU M 126 29.24 5.73 -2.10
N GLY M 127 28.53 6.21 -1.09
CA GLY M 127 28.27 5.39 0.06
C GLY M 127 27.36 6.05 1.05
N GLY M 128 27.37 5.54 2.27
CA GLY M 128 26.54 6.08 3.32
C GLY M 128 27.00 5.61 4.68
N ALA M 129 26.39 6.19 5.71
CA ALA M 129 26.66 5.84 7.09
C ALA M 129 25.54 6.37 7.98
N GLN M 130 25.06 5.55 8.91
CA GLN M 130 23.99 5.94 9.80
C GLN M 130 24.21 5.33 11.17
N GLY M 131 23.99 6.13 12.21
CA GLY M 131 24.15 5.66 13.57
C GLY M 131 24.86 6.63 14.48
N GLN M 132 25.62 6.11 15.43
CA GLN M 132 26.33 6.96 16.38
C GLN M 132 27.48 7.69 15.69
N ALA M 133 27.94 8.76 16.34
CA ALA M 133 29.02 9.57 15.78
C ALA M 133 30.29 8.76 15.60
N THR M 134 30.53 7.78 16.48
CA THR M 134 31.70 6.92 16.31
C THR M 134 31.55 6.01 15.09
N ASP M 135 30.37 5.40 14.92
CA ASP M 135 30.15 4.52 13.78
C ASP M 135 30.21 5.29 12.47
N ILE M 136 29.75 6.54 12.47
CA ILE M 136 29.85 7.36 11.26
C ILE M 136 31.30 7.66 10.93
N GLU M 137 32.12 7.92 11.96
CA GLU M 137 33.54 8.16 11.73
C GLU M 137 34.23 6.93 11.18
N ILE M 138 33.84 5.74 11.65
CA ILE M 138 34.45 4.50 11.18
C ILE M 138 34.16 4.30 9.70
N HIS M 139 32.90 4.46 9.29
CA HIS M 139 32.55 4.24 7.90
C HIS M 139 33.05 5.37 7.00
N ALA M 140 33.12 6.60 7.52
CA ALA M 140 33.68 7.70 6.74
C ALA M 140 35.15 7.44 6.42
N LYS M 141 35.90 6.88 7.38
CA LYS M 141 37.30 6.56 7.11
C LYS M 141 37.43 5.45 6.09
N ARG M 142 36.50 4.49 6.11
CA ARG M 142 36.56 3.38 5.16
C ARG M 142 36.37 3.87 3.73
N ILE M 143 35.34 4.70 3.50
CA ILE M 143 35.08 5.18 2.15
C ILE M 143 36.19 6.11 1.68
N LEU M 144 36.86 6.79 2.60
CA LEU M 144 37.98 7.66 2.21
C LEU M 144 39.22 6.85 1.88
N LYS M 145 39.45 5.73 2.58
CA LYS M 145 40.53 4.83 2.20
C LYS M 145 40.23 4.11 0.90
N ILE M 146 38.96 3.76 0.68
CA ILE M 146 38.56 3.16 -0.59
C ILE M 146 38.76 4.14 -1.74
N LYS M 147 38.34 5.39 -1.53
CA LYS M 147 38.50 6.41 -2.57
C LYS M 147 39.95 6.56 -2.99
N GLU M 148 40.87 6.58 -2.01
CA GLU M 148 42.28 6.71 -2.34
C GLU M 148 42.82 5.46 -3.02
N THR M 149 42.32 4.29 -2.63
CA THR M 149 42.78 3.05 -3.24
C THR M 149 42.43 3.00 -4.72
N LEU M 150 41.15 3.22 -5.05
CA LEU M 150 40.73 3.19 -6.45
C LEU M 150 41.41 4.28 -7.26
N ASN M 151 41.61 5.46 -6.64
CA ASN M 151 42.30 6.54 -7.34
C ASN M 151 43.73 6.16 -7.68
N GLU M 152 44.42 5.48 -6.75
CA GLU M 152 45.79 5.04 -7.02
C GLU M 152 45.82 4.02 -8.15
N ILE M 153 44.83 3.12 -8.20
CA ILE M 153 44.80 2.11 -9.25
C ILE M 153 44.51 2.74 -10.60
N LEU M 154 43.54 3.66 -10.65
CA LEU M 154 43.23 4.34 -11.91
C LEU M 154 44.44 5.10 -12.44
N SER M 155 45.17 5.77 -11.55
CA SER M 155 46.36 6.51 -11.97
C SER M 155 47.40 5.58 -12.56
N GLU M 156 47.54 4.37 -12.00
CA GLU M 156 48.51 3.42 -12.53
C GLU M 156 48.07 2.86 -13.87
N ARG M 157 46.77 2.58 -14.02
CA ARG M 157 46.26 1.98 -15.25
C ARG M 157 45.97 2.98 -16.35
N THR M 158 46.06 4.28 -16.06
CA THR M 158 45.90 5.32 -17.08
C THR M 158 47.19 6.10 -17.32
N GLY M 159 48.22 5.90 -16.50
CA GLY M 159 49.42 6.71 -16.60
C GLY M 159 49.26 8.15 -16.18
N GLN M 160 48.08 8.53 -15.71
CA GLN M 160 47.82 9.90 -15.30
C GLN M 160 48.37 10.16 -13.89
N PRO M 161 48.77 11.39 -13.59
CA PRO M 161 49.20 11.71 -12.23
C PRO M 161 48.06 11.52 -11.25
N LEU M 162 48.42 11.14 -10.02
CA LEU M 162 47.40 10.85 -9.01
C LEU M 162 46.56 12.07 -8.69
N GLU M 163 47.19 13.25 -8.62
CA GLU M 163 46.44 14.46 -8.31
C GLU M 163 45.51 14.86 -9.44
N LYS M 164 45.81 14.46 -10.67
CA LYS M 164 44.90 14.71 -11.79
C LYS M 164 43.71 13.75 -11.75
N ILE M 165 43.93 12.51 -11.28
CA ILE M 165 42.83 11.56 -11.13
C ILE M 165 41.83 12.06 -10.09
N LYS M 166 42.34 12.50 -8.94
CA LYS M 166 41.45 12.97 -7.87
C LYS M 166 40.64 14.18 -8.31
N MET M 167 41.25 15.10 -9.06
CA MET M 167 40.54 16.28 -9.51
C MET M 167 39.50 15.95 -10.56
N ASP M 168 39.82 15.03 -11.47
CA ASP M 168 38.92 14.70 -12.57
C ASP M 168 37.75 13.82 -12.14
N THR M 169 37.82 13.20 -10.96
CA THR M 169 36.76 12.32 -10.47
C THR M 169 36.01 12.90 -9.29
N GLU M 170 36.25 14.18 -8.95
CA GLU M 170 35.55 14.77 -7.82
C GLU M 170 34.06 14.88 -8.09
N ARG M 171 33.67 15.10 -9.34
CA ARG M 171 32.27 15.06 -9.77
C ARG M 171 32.17 14.14 -10.98
N ASP M 172 30.96 14.05 -11.53
CA ASP M 172 30.72 13.17 -12.67
C ASP M 172 31.51 13.67 -13.88
N ASN M 173 32.29 12.77 -14.48
CA ASN M 173 33.16 13.09 -15.61
C ASN M 173 32.78 12.19 -16.77
N PHE M 174 31.99 12.71 -17.70
CA PHE M 174 31.55 11.97 -18.87
C PHE M 174 32.54 12.17 -20.01
N MET M 175 32.94 11.07 -20.64
CA MET M 175 33.89 11.12 -21.75
C MET M 175 33.35 10.34 -22.93
N SER M 176 33.74 10.76 -24.13
CA SER M 176 33.52 9.95 -25.32
C SER M 176 34.55 8.83 -25.37
N ALA M 177 34.34 7.91 -26.31
CA ALA M 177 35.30 6.81 -26.48
C ALA M 177 36.67 7.34 -26.88
N LEU M 178 36.70 8.39 -27.71
CA LEU M 178 37.97 8.97 -28.12
C LEU M 178 38.61 9.74 -26.98
N GLU M 179 37.80 10.43 -26.16
CA GLU M 179 38.35 11.11 -24.99
C GLU M 179 38.84 10.12 -23.95
N ALA M 180 38.19 8.97 -23.84
CA ALA M 180 38.64 7.95 -22.90
C ALA M 180 39.96 7.31 -23.35
N LYS M 181 40.21 7.27 -24.66
CA LYS M 181 41.47 6.71 -25.15
C LYS M 181 42.63 7.66 -24.87
N GLU M 182 42.43 8.95 -25.12
CA GLU M 182 43.46 9.93 -24.78
C GLU M 182 43.71 9.97 -23.27
N TYR M 183 42.68 9.74 -22.46
CA TYR M 183 42.84 9.76 -21.02
C TYR M 183 43.61 8.56 -20.49
N GLY M 184 43.67 7.47 -21.25
CA GLY M 184 44.31 6.26 -20.80
C GLY M 184 43.39 5.24 -20.17
N LEU M 185 42.08 5.50 -20.13
CA LEU M 185 41.14 4.51 -19.61
C LEU M 185 41.06 3.30 -20.52
N ILE M 186 41.24 3.50 -21.83
CA ILE M 186 41.22 2.42 -22.80
C ILE M 186 42.42 2.60 -23.74
N ASP M 187 42.59 1.64 -24.64
CA ASP M 187 43.71 1.65 -25.59
C ASP M 187 43.28 1.94 -27.02
N GLU M 188 42.20 1.32 -27.49
CA GLU M 188 41.78 1.47 -28.88
C GLU M 188 40.31 1.81 -28.95
N VAL M 189 39.93 2.46 -30.05
CA VAL M 189 38.53 2.76 -30.37
C VAL M 189 38.32 2.27 -31.81
N PHE M 190 37.66 1.12 -31.95
CA PHE M 190 37.40 0.53 -33.25
C PHE M 190 35.98 0.85 -33.71
N THR M 191 35.82 1.00 -35.02
CA THR M 191 34.50 1.05 -35.64
C THR M 191 34.11 -0.27 -36.27
N LYS M 192 35.04 -0.94 -36.93
CA LYS M 192 34.87 -2.30 -37.43
C LYS M 192 35.96 -3.18 -36.85
N ARG M 193 35.81 -4.49 -37.04
CA ARG M 193 36.80 -5.44 -36.54
C ARG M 193 38.12 -5.32 -37.30
N ALA N 2 20.37 -15.28 -14.26
CA ALA N 2 21.22 -15.29 -15.45
C ALA N 2 22.35 -16.34 -15.33
N LEU N 3 22.01 -17.49 -14.78
CA LEU N 3 23.01 -18.53 -14.55
C LEU N 3 23.36 -19.27 -15.84
N VAL N 4 24.65 -19.57 -16.03
CA VAL N 4 25.20 -19.94 -17.32
C VAL N 4 25.38 -21.46 -17.34
N PRO N 5 24.65 -22.21 -18.17
CA PRO N 5 24.87 -23.66 -18.24
C PRO N 5 26.23 -24.01 -18.83
N VAL N 6 26.90 -24.96 -18.19
CA VAL N 6 28.22 -25.45 -18.61
C VAL N 6 29.21 -24.31 -18.88
N SER N 17 26.77 -30.24 -13.84
CA SER N 17 27.74 -29.44 -14.57
C SER N 17 27.04 -28.50 -15.55
N TYR N 18 25.72 -28.62 -15.62
CA TYR N 18 24.96 -27.83 -16.58
C TYR N 18 24.61 -26.46 -16.01
N ASP N 19 25.48 -25.93 -15.15
CA ASP N 19 25.40 -24.55 -14.74
C ASP N 19 26.77 -24.15 -14.21
N ILE N 20 27.05 -22.85 -14.27
CA ILE N 20 28.42 -22.37 -14.04
C ILE N 20 28.90 -22.70 -12.63
N PHE N 21 27.98 -22.83 -11.68
CA PHE N 21 28.41 -23.14 -10.31
C PHE N 21 28.58 -24.64 -10.10
N SER N 22 27.68 -25.45 -10.65
CA SER N 22 27.82 -26.90 -10.51
C SER N 22 29.02 -27.42 -11.29
N ARG N 23 29.38 -26.75 -12.39
CA ARG N 23 30.58 -27.14 -13.12
C ARG N 23 31.83 -26.90 -12.27
N LEU N 24 31.90 -25.76 -11.58
CA LEU N 24 33.02 -25.50 -10.69
C LEU N 24 32.99 -26.40 -9.45
N LEU N 25 31.82 -26.93 -9.09
CA LEU N 25 31.76 -27.86 -7.97
C LEU N 25 32.50 -29.15 -8.26
N LYS N 26 32.63 -29.51 -9.54
CA LYS N 26 33.39 -30.70 -9.90
C LYS N 26 34.88 -30.53 -9.57
N ASP N 27 35.40 -29.32 -9.69
CA ASP N 27 36.77 -29.00 -9.29
C ASP N 27 36.87 -28.68 -7.80
N ARG N 28 35.87 -29.07 -7.01
CA ARG N 28 35.85 -28.86 -5.57
C ARG N 28 35.91 -27.38 -5.22
N ILE N 29 35.17 -26.56 -5.97
CA ILE N 29 35.07 -25.12 -5.74
C ILE N 29 33.65 -24.82 -5.29
N ILE N 30 33.53 -24.16 -4.13
CA ILE N 30 32.25 -23.72 -3.59
C ILE N 30 32.26 -22.20 -3.46
N PHE N 31 31.10 -21.59 -3.64
CA PHE N 31 30.96 -20.14 -3.62
C PHE N 31 30.01 -19.73 -2.50
N LEU N 32 30.45 -18.77 -1.68
CA LEU N 32 29.59 -18.10 -0.71
C LEU N 32 29.56 -16.63 -1.12
N GLY N 33 28.71 -16.33 -2.10
CA GLY N 33 28.62 -14.98 -2.63
C GLY N 33 27.30 -14.30 -2.31
N ASP N 34 26.67 -14.74 -1.22
CA ASP N 34 25.42 -14.16 -0.76
C ASP N 34 25.49 -14.02 0.75
N GLN N 35 24.45 -13.43 1.33
CA GLN N 35 24.36 -13.38 2.78
C GLN N 35 24.20 -14.78 3.34
N VAL N 36 24.49 -14.92 4.64
CA VAL N 36 24.43 -16.21 5.31
C VAL N 36 23.04 -16.35 5.94
N ASN N 37 22.23 -17.26 5.39
CA ASN N 37 20.93 -17.60 5.95
C ASN N 37 20.75 -19.11 5.84
N ASP N 38 19.60 -19.60 6.31
CA ASP N 38 19.35 -21.03 6.30
C ASP N 38 19.40 -21.61 4.89
N ALA N 39 18.95 -20.84 3.91
CA ALA N 39 18.93 -21.33 2.53
C ALA N 39 20.34 -21.49 1.98
N THR N 40 21.14 -20.42 2.04
CA THR N 40 22.51 -20.50 1.50
C THR N 40 23.39 -21.40 2.34
N ALA N 41 23.17 -21.46 3.66
CA ALA N 41 23.98 -22.34 4.50
C ALA N 41 23.70 -23.80 4.21
N GLY N 42 22.42 -24.15 3.97
CA GLY N 42 22.11 -25.52 3.62
C GLY N 42 22.76 -25.96 2.32
N LEU N 43 22.89 -25.03 1.37
CA LEU N 43 23.57 -25.35 0.12
C LEU N 43 25.06 -25.56 0.33
N ILE N 44 25.68 -24.73 1.16
CA ILE N 44 27.11 -24.89 1.44
C ILE N 44 27.37 -26.21 2.15
N VAL N 45 26.59 -26.50 3.20
CA VAL N 45 26.77 -27.72 3.96
C VAL N 45 26.54 -28.94 3.07
N ALA N 46 25.54 -28.88 2.19
CA ALA N 46 25.31 -29.97 1.26
C ALA N 46 26.46 -30.12 0.27
N GLN N 47 27.01 -28.99 -0.20
CA GLN N 47 28.17 -29.05 -1.08
C GLN N 47 29.39 -29.61 -0.36
N LEU N 48 29.56 -29.25 0.92
CA LEU N 48 30.71 -29.73 1.68
C LEU N 48 30.61 -31.23 1.92
N LEU N 49 29.44 -31.72 2.32
CA LEU N 49 29.27 -33.16 2.56
C LEU N 49 29.43 -33.96 1.27
N PHE N 50 28.95 -33.40 0.15
CA PHE N 50 29.08 -34.10 -1.13
C PHE N 50 30.54 -34.21 -1.56
N LEU N 51 31.31 -33.14 -1.40
CA LEU N 51 32.71 -33.16 -1.80
C LEU N 51 33.53 -34.09 -0.93
N GLU N 52 33.21 -34.17 0.37
CA GLU N 52 33.88 -35.14 1.23
C GLU N 52 33.55 -36.57 0.82
N ALA N 53 32.30 -36.81 0.41
CA ALA N 53 31.90 -38.15 0.01
C ALA N 53 32.58 -38.58 -1.29
N GLU N 54 32.78 -37.63 -2.22
CA GLU N 54 33.46 -37.96 -3.46
C GLU N 54 34.94 -38.24 -3.23
N ASP N 55 35.58 -37.47 -2.35
CA ASP N 55 36.98 -37.65 -2.01
C ASP N 55 37.26 -37.00 -0.67
N PRO N 56 37.46 -37.79 0.39
CA PRO N 56 37.70 -37.21 1.71
C PRO N 56 39.12 -36.71 1.95
N ASP N 57 39.99 -36.77 0.94
CA ASP N 57 41.38 -36.36 1.10
C ASP N 57 41.79 -35.17 0.24
N LYS N 58 41.00 -34.81 -0.76
CA LYS N 58 41.33 -33.66 -1.61
C LYS N 58 40.84 -32.38 -0.96
N ASP N 59 41.60 -31.30 -1.14
CA ASP N 59 41.25 -30.02 -0.55
C ASP N 59 39.96 -29.48 -1.15
N ILE N 60 39.33 -28.55 -0.44
CA ILE N 60 38.12 -27.87 -0.87
C ILE N 60 38.37 -26.38 -0.85
N HIS N 61 37.95 -25.69 -1.91
CA HIS N 61 38.17 -24.25 -2.07
C HIS N 61 36.83 -23.53 -1.90
N LEU N 62 36.71 -22.77 -0.81
CA LEU N 62 35.50 -22.02 -0.49
C LEU N 62 35.76 -20.54 -0.72
N TYR N 63 35.29 -20.02 -1.85
CA TYR N 63 35.37 -18.59 -2.12
C TYR N 63 34.31 -17.86 -1.32
N ILE N 64 34.68 -16.71 -0.76
CA ILE N 64 33.81 -15.98 0.16
C ILE N 64 33.70 -14.54 -0.31
N ASN N 65 32.47 -14.13 -0.68
CA ASN N 65 32.12 -12.74 -0.95
C ASN N 65 30.76 -12.53 -0.27
N SER N 66 30.80 -12.31 1.05
CA SER N 66 29.59 -12.34 1.85
C SER N 66 29.55 -11.17 2.83
N PRO N 67 28.36 -10.61 3.08
CA PRO N 67 28.20 -9.62 4.15
C PRO N 67 27.84 -10.22 5.50
N GLY N 68 27.78 -11.54 5.62
CA GLY N 68 27.39 -12.17 6.86
C GLY N 68 25.92 -12.52 6.90
N GLY N 69 25.35 -12.59 8.10
CA GLY N 69 23.95 -12.91 8.26
C GLY N 69 23.64 -13.61 9.56
N SER N 70 22.85 -14.68 9.48
CA SER N 70 22.47 -15.41 10.68
C SER N 70 23.68 -16.09 11.31
N ILE N 71 23.74 -16.04 12.63
CA ILE N 71 24.86 -16.64 13.35
C ILE N 71 24.74 -18.16 13.35
N THR N 72 23.53 -18.68 13.63
CA THR N 72 23.34 -20.11 13.71
C THR N 72 23.61 -20.79 12.37
N SER N 73 23.10 -20.21 11.28
CA SER N 73 23.38 -20.76 9.96
C SER N 73 24.86 -20.68 9.63
N GLY N 74 25.55 -19.65 10.11
CA GLY N 74 26.99 -19.59 9.94
C GLY N 74 27.70 -20.65 10.75
N MET N 75 27.20 -20.96 11.95
CA MET N 75 27.79 -22.03 12.75
C MET N 75 27.60 -23.40 12.10
N ALA N 76 26.50 -23.58 11.37
CA ALA N 76 26.32 -24.82 10.62
C ALA N 76 27.42 -24.99 9.58
N ILE N 77 27.80 -23.89 8.92
CA ILE N 77 28.90 -23.94 7.96
C ILE N 77 30.22 -24.18 8.70
N TYR N 78 30.43 -23.48 9.82
CA TYR N 78 31.68 -23.63 10.56
C TYR N 78 31.88 -25.07 11.04
N ASP N 79 30.89 -25.62 11.74
CA ASP N 79 31.04 -26.97 12.28
C ASP N 79 31.21 -28.00 11.18
N THR N 80 30.49 -27.82 10.06
CA THR N 80 30.65 -28.73 8.94
C THR N 80 32.07 -28.65 8.35
N MET N 81 32.66 -27.46 8.35
CA MET N 81 34.03 -27.33 7.84
C MET N 81 35.02 -28.09 8.69
N GLN N 82 34.85 -28.06 10.01
CA GLN N 82 35.74 -28.79 10.90
C GLN N 82 35.40 -30.27 10.98
N TYR N 83 34.11 -30.61 10.81
CA TYR N 83 33.68 -31.99 10.97
C TYR N 83 34.14 -32.86 9.81
N ILE N 84 34.13 -32.34 8.59
CA ILE N 84 34.51 -33.14 7.43
C ILE N 84 36.03 -33.30 7.39
N LYS N 85 36.47 -34.45 6.88
CA LYS N 85 37.91 -34.71 6.82
C LYS N 85 38.66 -33.76 5.90
N PRO N 86 38.19 -33.45 4.68
CA PRO N 86 39.02 -32.64 3.78
C PRO N 86 39.32 -31.25 4.35
N ASP N 87 40.53 -30.78 4.09
CA ASP N 87 40.89 -29.41 4.40
C ASP N 87 40.06 -28.46 3.54
N VAL N 88 39.42 -27.49 4.19
CA VAL N 88 38.57 -26.52 3.50
C VAL N 88 39.34 -25.21 3.43
N SER N 89 40.02 -24.98 2.31
CA SER N 89 40.67 -23.70 2.09
C SER N 89 39.62 -22.64 1.80
N THR N 90 39.81 -21.46 2.38
CA THR N 90 38.90 -20.34 2.20
C THR N 90 39.63 -19.19 1.52
N ILE N 91 39.00 -18.61 0.51
CA ILE N 91 39.58 -17.52 -0.27
C ILE N 91 38.59 -16.35 -0.25
N CYS N 92 39.09 -15.16 0.06
CA CYS N 92 38.25 -13.97 0.18
C CYS N 92 38.38 -13.12 -1.07
N ILE N 93 37.29 -13.01 -1.82
CA ILE N 93 37.17 -12.08 -2.95
C ILE N 93 36.16 -11.02 -2.57
N GLY N 94 36.51 -9.76 -2.79
CA GLY N 94 35.58 -8.67 -2.55
C GLY N 94 35.41 -8.28 -1.10
N MET N 95 34.48 -8.92 -0.40
CA MET N 95 34.14 -8.54 0.97
C MET N 95 33.78 -9.77 1.78
N ALA N 96 34.34 -9.87 2.99
CA ALA N 96 34.00 -10.91 3.95
C ALA N 96 33.77 -10.21 5.29
N ALA N 97 32.52 -9.88 5.58
CA ALA N 97 32.15 -9.15 6.79
C ALA N 97 31.32 -10.02 7.71
N SER N 98 31.52 -9.84 9.01
CA SER N 98 30.71 -10.46 10.06
C SER N 98 30.88 -11.98 9.95
N MET N 99 29.80 -12.76 9.84
CA MET N 99 29.92 -14.21 9.75
C MET N 99 30.73 -14.64 8.53
N GLY N 100 30.80 -13.80 7.50
CA GLY N 100 31.67 -14.10 6.38
C GLY N 100 33.14 -14.09 6.76
N ALA N 101 33.53 -13.12 7.59
CA ALA N 101 34.91 -13.08 8.07
C ALA N 101 35.17 -14.21 9.06
N PHE N 102 34.19 -14.54 9.90
CA PHE N 102 34.32 -15.67 10.81
C PHE N 102 34.56 -16.96 10.03
N LEU N 103 33.74 -17.21 9.00
CA LEU N 103 33.91 -18.40 8.18
C LEU N 103 35.18 -18.35 7.34
N LEU N 104 35.71 -17.15 7.07
CA LEU N 104 36.97 -17.05 6.34
C LEU N 104 38.16 -17.41 7.23
N ALA N 105 38.14 -16.96 8.48
CA ALA N 105 39.19 -17.33 9.42
C ALA N 105 39.09 -18.78 9.88
N ALA N 106 37.99 -19.45 9.57
CA ALA N 106 37.74 -20.81 10.04
C ALA N 106 38.27 -21.87 9.08
N GLY N 107 38.86 -21.49 7.97
CA GLY N 107 39.40 -22.44 7.03
C GLY N 107 40.63 -23.15 7.59
N ALA N 108 41.11 -24.12 6.81
CA ALA N 108 42.29 -24.87 7.20
C ALA N 108 43.48 -23.93 7.39
N LYS N 109 44.15 -24.07 8.54
CA LYS N 109 45.26 -23.19 8.87
C LYS N 109 46.36 -23.29 7.81
N GLY N 110 46.91 -22.14 7.43
CA GLY N 110 47.85 -22.06 6.34
C GLY N 110 47.24 -21.97 4.97
N LYS N 111 45.93 -22.26 4.83
CA LYS N 111 45.26 -22.28 3.54
C LYS N 111 44.11 -21.27 3.48
N ARG N 112 44.17 -20.23 4.31
CA ARG N 112 43.16 -19.18 4.33
C ARG N 112 43.70 -17.98 3.55
N LEU N 113 43.14 -17.73 2.38
CA LEU N 113 43.69 -16.76 1.44
C LEU N 113 42.77 -15.55 1.32
N ALA N 114 43.34 -14.48 0.76
CA ALA N 114 42.59 -13.28 0.44
C ALA N 114 43.32 -12.54 -0.66
N LEU N 115 42.56 -11.90 -1.53
CA LEU N 115 43.11 -11.18 -2.66
C LEU N 115 43.40 -9.74 -2.26
N PRO N 116 44.34 -9.06 -2.95
CA PRO N 116 44.90 -7.82 -2.41
C PRO N 116 43.87 -6.75 -2.03
N ASN N 117 42.78 -6.62 -2.77
CA ASN N 117 41.81 -5.55 -2.54
C ASN N 117 40.53 -6.04 -1.89
N SER N 118 40.55 -7.23 -1.29
CA SER N 118 39.37 -7.73 -0.60
C SER N 118 39.24 -7.07 0.77
N GLU N 119 38.00 -6.76 1.16
CA GLU N 119 37.72 -6.08 2.40
C GLU N 119 37.29 -7.09 3.46
N ILE N 120 37.89 -6.98 4.64
CA ILE N 120 37.53 -7.81 5.79
C ILE N 120 36.98 -6.91 6.89
N MET N 121 35.90 -7.34 7.53
CA MET N 121 35.31 -6.58 8.62
C MET N 121 34.78 -7.54 9.66
N ILE N 122 35.06 -7.25 10.93
CA ILE N 122 34.58 -8.05 12.05
C ILE N 122 33.91 -7.13 13.05
N HIS N 123 32.89 -7.65 13.73
CA HIS N 123 32.20 -6.92 14.78
C HIS N 123 31.50 -7.93 15.69
N GLN N 124 30.82 -7.42 16.71
CA GLN N 124 30.13 -8.27 17.66
C GLN N 124 28.77 -8.71 17.12
N PRO N 125 28.19 -9.76 17.68
CA PRO N 125 26.91 -10.27 17.15
C PRO N 125 25.80 -9.23 17.20
N LEU N 126 24.87 -9.34 16.27
CA LEU N 126 23.65 -8.55 16.24
C LEU N 126 22.47 -9.44 16.60
N GLY N 127 21.51 -8.88 17.33
CA GLY N 127 20.37 -9.67 17.74
C GLY N 127 19.23 -8.78 18.20
N GLY N 128 18.25 -9.42 18.84
CA GLY N 128 17.08 -8.70 19.32
C GLY N 128 16.19 -9.52 20.22
N ALA N 129 15.55 -8.85 21.18
CA ALA N 129 14.63 -9.50 22.11
C ALA N 129 13.51 -8.53 22.43
N GLN N 130 12.27 -9.02 22.39
CA GLN N 130 11.10 -8.21 22.74
C GLN N 130 10.15 -9.06 23.57
N GLY N 131 9.43 -8.40 24.48
CA GLY N 131 8.47 -9.06 25.34
C GLY N 131 8.75 -8.81 26.81
N GLN N 132 8.47 -9.83 27.62
CA GLN N 132 8.61 -9.71 29.06
C GLN N 132 10.07 -9.56 29.46
N ALA N 133 10.28 -8.92 30.62
CA ALA N 133 11.64 -8.73 31.13
C ALA N 133 12.35 -10.05 31.37
N THR N 134 11.61 -11.07 31.79
CA THR N 134 12.22 -12.39 32.00
C THR N 134 12.72 -12.97 30.67
N ASP N 135 11.93 -12.83 29.60
CA ASP N 135 12.36 -13.33 28.30
C ASP N 135 13.49 -12.48 27.74
N ILE N 136 13.46 -11.17 27.97
CA ILE N 136 14.56 -10.31 27.53
C ILE N 136 15.85 -10.69 28.22
N GLU N 137 15.77 -11.13 29.48
CA GLU N 137 16.96 -11.59 30.18
C GLU N 137 17.46 -12.92 29.65
N ILE N 138 16.54 -13.81 29.24
CA ILE N 138 16.93 -15.08 28.66
C ILE N 138 17.67 -14.87 27.35
N HIS N 139 17.11 -14.02 26.47
CA HIS N 139 17.72 -13.81 25.16
C HIS N 139 18.96 -12.94 25.25
N ALA N 140 19.07 -12.09 26.26
CA ALA N 140 20.29 -11.31 26.45
C ALA N 140 21.45 -12.21 26.85
N LYS N 141 21.22 -13.14 27.78
CA LYS N 141 22.27 -14.06 28.19
C LYS N 141 22.70 -14.95 27.03
N ARG N 142 21.77 -15.31 26.13
CA ARG N 142 22.12 -16.16 25.01
C ARG N 142 23.00 -15.43 24.00
N ILE N 143 22.67 -14.16 23.70
CA ILE N 143 23.47 -13.44 22.72
C ILE N 143 24.82 -13.06 23.30
N LEU N 144 24.92 -12.93 24.63
CA LEU N 144 26.22 -12.69 25.25
C LEU N 144 27.06 -13.96 25.27
N LYS N 145 26.42 -15.10 25.55
CA LYS N 145 27.14 -16.38 25.49
C LYS N 145 27.58 -16.70 24.06
N ILE N 146 26.77 -16.33 23.08
CA ILE N 146 27.16 -16.51 21.68
C ILE N 146 28.35 -15.60 21.36
N LYS N 147 28.35 -14.37 21.90
CA LYS N 147 29.44 -13.46 21.65
C LYS N 147 30.75 -13.98 22.22
N GLU N 148 30.69 -14.61 23.41
CA GLU N 148 31.90 -15.19 23.99
C GLU N 148 32.36 -16.39 23.19
N THR N 149 31.43 -17.19 22.68
CA THR N 149 31.79 -18.38 21.91
C THR N 149 32.51 -17.98 20.63
N LEU N 150 31.95 -17.01 19.88
CA LEU N 150 32.59 -16.55 18.66
C LEU N 150 33.97 -15.96 18.95
N ASN N 151 34.07 -15.13 19.98
CA ASN N 151 35.36 -14.52 20.32
C ASN N 151 36.38 -15.57 20.74
N GLU N 152 35.93 -16.61 21.43
CA GLU N 152 36.83 -17.69 21.83
C GLU N 152 37.37 -18.44 20.62
N ILE N 153 36.50 -18.74 19.65
CA ILE N 153 36.95 -19.39 18.43
C ILE N 153 37.89 -18.49 17.65
N LEU N 154 37.52 -17.21 17.50
CA LEU N 154 38.39 -16.26 16.81
C LEU N 154 39.75 -16.17 17.51
N SER N 155 39.75 -16.20 18.84
CA SER N 155 41.01 -16.15 19.58
C SER N 155 41.91 -17.32 19.20
N GLU N 156 41.33 -18.53 19.07
CA GLU N 156 42.13 -19.69 18.73
C GLU N 156 42.67 -19.62 17.32
N ARG N 157 41.87 -19.16 16.36
CA ARG N 157 42.26 -19.18 14.96
C ARG N 157 43.16 -18.02 14.58
N THR N 158 43.16 -16.94 15.35
CA THR N 158 44.00 -15.79 15.05
C THR N 158 45.27 -15.73 15.89
N GLY N 159 45.31 -16.40 17.04
CA GLY N 159 46.42 -16.30 17.95
C GLY N 159 46.33 -15.15 18.93
N GLN N 160 45.27 -14.32 18.86
CA GLN N 160 45.05 -13.18 19.74
C GLN N 160 44.30 -13.62 20.99
N PRO N 161 44.57 -12.98 22.13
CA PRO N 161 43.82 -13.32 23.35
C PRO N 161 42.36 -12.91 23.22
N LEU N 162 41.51 -13.61 23.98
CA LEU N 162 40.08 -13.35 23.90
C LEU N 162 39.73 -11.91 24.22
N GLU N 163 40.44 -11.31 25.19
CA GLU N 163 40.12 -9.95 25.60
C GLU N 163 40.43 -8.95 24.49
N LYS N 164 41.41 -9.24 23.63
CA LYS N 164 41.66 -8.36 22.50
C LYS N 164 40.59 -8.52 21.42
N ILE N 165 40.18 -9.76 21.14
CA ILE N 165 39.11 -9.98 20.17
C ILE N 165 37.84 -9.27 20.60
N LYS N 166 37.51 -9.32 21.90
CA LYS N 166 36.32 -8.64 22.39
C LYS N 166 36.43 -7.14 22.22
N MET N 167 37.61 -6.57 22.48
CA MET N 167 37.78 -5.13 22.34
C MET N 167 37.82 -4.70 20.88
N ASP N 168 38.33 -5.56 20.00
CA ASP N 168 38.47 -5.19 18.59
C ASP N 168 37.18 -5.38 17.79
N THR N 169 36.22 -6.14 18.32
CA THR N 169 34.95 -6.37 17.64
C THR N 169 33.80 -5.61 18.28
N GLU N 170 34.08 -4.63 19.16
CA GLU N 170 33.01 -3.86 19.77
C GLU N 170 32.27 -3.03 18.74
N ARG N 171 32.96 -2.55 17.71
CA ARG N 171 32.35 -1.82 16.61
C ARG N 171 32.88 -2.39 15.29
N ASP N 172 32.38 -1.85 14.18
CA ASP N 172 32.79 -2.34 12.87
C ASP N 172 34.28 -2.11 12.67
N ASN N 173 35.03 -3.19 12.53
CA ASN N 173 36.48 -3.16 12.38
C ASN N 173 36.81 -3.56 10.94
N PHE N 174 37.03 -2.55 10.09
CA PHE N 174 37.37 -2.78 8.69
C PHE N 174 38.88 -2.93 8.54
N MET N 175 39.30 -4.00 7.87
CA MET N 175 40.71 -4.29 7.68
C MET N 175 41.01 -4.48 6.20
N SER N 176 42.22 -4.12 5.80
CA SER N 176 42.73 -4.45 4.48
C SER N 176 43.12 -5.92 4.44
N ALA N 177 43.45 -6.40 3.24
CA ALA N 177 43.89 -7.79 3.11
C ALA N 177 45.16 -8.05 3.90
N LEU N 178 46.11 -7.10 3.85
CA LEU N 178 47.34 -7.26 4.63
C LEU N 178 47.07 -7.16 6.13
N GLU N 179 46.15 -6.27 6.53
CA GLU N 179 45.83 -6.13 7.95
C GLU N 179 45.17 -7.38 8.49
N ALA N 180 44.33 -8.05 7.70
CA ALA N 180 43.72 -9.29 8.14
C ALA N 180 44.76 -10.39 8.31
N LYS N 181 45.78 -10.41 7.44
CA LYS N 181 46.84 -11.40 7.56
C LYS N 181 47.69 -11.15 8.80
N GLU N 182 48.01 -9.89 9.07
CA GLU N 182 48.80 -9.56 10.26
C GLU N 182 47.99 -9.84 11.53
N TYR N 183 46.69 -9.54 11.51
CA TYR N 183 45.83 -9.83 12.65
C TYR N 183 45.69 -11.32 12.92
N GLY N 184 45.88 -12.16 11.89
CA GLY N 184 45.73 -13.58 12.01
C GLY N 184 44.44 -14.15 11.45
N LEU N 185 43.62 -13.32 10.81
CA LEU N 185 42.37 -13.81 10.23
C LEU N 185 42.63 -14.71 9.03
N ILE N 186 43.64 -14.37 8.22
CA ILE N 186 44.03 -15.16 7.07
C ILE N 186 45.52 -15.45 7.15
N ASP N 187 45.99 -16.30 6.24
CA ASP N 187 47.40 -16.69 6.21
C ASP N 187 48.18 -16.08 5.06
N GLU N 188 47.54 -15.80 3.93
CA GLU N 188 48.25 -15.33 2.75
C GLU N 188 47.44 -14.28 2.01
N VAL N 189 48.16 -13.37 1.35
CA VAL N 189 47.57 -12.38 0.46
C VAL N 189 48.25 -12.56 -0.90
N PHE N 190 47.57 -13.24 -1.82
CA PHE N 190 48.13 -13.55 -3.13
C PHE N 190 47.59 -12.57 -4.16
N THR N 191 48.48 -12.04 -4.99
CA THR N 191 48.09 -11.12 -6.05
C THR N 191 48.06 -11.82 -7.41
#